data_3NRL
# 
_entry.id   3NRL 
# 
_audit_conform.dict_name       mmcif_pdbx.dic 
_audit_conform.dict_version    5.399 
_audit_conform.dict_location   http://mmcif.pdb.org/dictionaries/ascii/mmcif_pdbx.dic 
# 
loop_
_database_2.database_id 
_database_2.database_code 
_database_2.pdbx_database_accession 
_database_2.pdbx_DOI 
PDB   3NRL         pdb_00003nrl 10.2210/pdb3nrl/pdb 
RCSB  RCSB060192   ?            ?                   
WWPDB D_1000060192 ?            ?                   
# 
loop_
_pdbx_audit_revision_history.ordinal 
_pdbx_audit_revision_history.data_content_type 
_pdbx_audit_revision_history.major_revision 
_pdbx_audit_revision_history.minor_revision 
_pdbx_audit_revision_history.revision_date 
1 'Structure model' 1 0 2010-08-25 
2 'Structure model' 1 1 2011-07-13 
3 'Structure model' 1 2 2019-07-17 
4 'Structure model' 1 3 2023-12-27 
5 'Structure model' 1 4 2024-11-20 
# 
_pdbx_audit_revision_details.ordinal             1 
_pdbx_audit_revision_details.revision_ordinal    1 
_pdbx_audit_revision_details.data_content_type   'Structure model' 
_pdbx_audit_revision_details.provider            repository 
_pdbx_audit_revision_details.type                'Initial release' 
_pdbx_audit_revision_details.description         ? 
_pdbx_audit_revision_details.details             ? 
# 
loop_
_pdbx_audit_revision_group.ordinal 
_pdbx_audit_revision_group.revision_ordinal 
_pdbx_audit_revision_group.data_content_type 
_pdbx_audit_revision_group.group 
1 2 'Structure model' 'Version format compliance' 
2 3 'Structure model' 'Data collection'           
3 3 'Structure model' 'Derived calculations'      
4 3 'Structure model' 'Refinement description'    
5 4 'Structure model' 'Data collection'           
6 4 'Structure model' 'Database references'       
7 4 'Structure model' 'Derived calculations'      
8 5 'Structure model' 'Structure summary'         
# 
loop_
_pdbx_audit_revision_category.ordinal 
_pdbx_audit_revision_category.revision_ordinal 
_pdbx_audit_revision_category.data_content_type 
_pdbx_audit_revision_category.category 
1 3 'Structure model' software                  
2 3 'Structure model' struct_conn               
3 4 'Structure model' chem_comp_atom            
4 4 'Structure model' chem_comp_bond            
5 4 'Structure model' database_2                
6 4 'Structure model' struct_site               
7 5 'Structure model' pdbx_entry_details        
8 5 'Structure model' pdbx_modification_feature 
# 
loop_
_pdbx_audit_revision_item.ordinal 
_pdbx_audit_revision_item.revision_ordinal 
_pdbx_audit_revision_item.data_content_type 
_pdbx_audit_revision_item.item 
1  3 'Structure model' '_software.contact_author'            
2  3 'Structure model' '_software.contact_author_email'      
3  3 'Structure model' '_software.language'                  
4  3 'Structure model' '_software.location'                  
5  3 'Structure model' '_software.name'                      
6  3 'Structure model' '_software.type'                      
7  3 'Structure model' '_software.version'                   
8  3 'Structure model' '_struct_conn.pdbx_leaving_atom_flag' 
9  4 'Structure model' '_database_2.pdbx_DOI'                
10 4 'Structure model' '_database_2.pdbx_database_accession' 
11 4 'Structure model' '_struct_site.pdbx_auth_asym_id'      
12 4 'Structure model' '_struct_site.pdbx_auth_comp_id'      
13 4 'Structure model' '_struct_site.pdbx_auth_seq_id'       
# 
_pdbx_database_status.entry_id                        3NRL 
_pdbx_database_status.status_code                     REL 
_pdbx_database_status.deposit_site                    RCSB 
_pdbx_database_status.process_site                    RCSB 
_pdbx_database_status.recvd_initial_deposition_date   2010-06-30 
_pdbx_database_status.status_code_sf                  REL 
_pdbx_database_status.status_code_mr                  ? 
_pdbx_database_status.SG_entry                        Y 
_pdbx_database_status.pdb_format_compatible           Y 
_pdbx_database_status.status_code_cs                  ? 
_pdbx_database_status.methods_development_category    ? 
_pdbx_database_status.status_code_nmr_data            ? 
# 
_pdbx_database_related.db_name        TargetDB 
_pdbx_database_related.db_id          UgR76 
_pdbx_database_related.details        . 
_pdbx_database_related.content_type   unspecified 
# 
loop_
_audit_author.name 
_audit_author.pdbx_ordinal 
'Seetharaman, J.'                                 1  
'Abashidze, M.'                                   2  
'Sahdev, S.'                                      3  
'Xiao, R.'                                        4  
'Ciccosanti, C.'                                  5  
'Lee, D.'                                         6  
'Everett, J.K.'                                   7  
'Nair, R.'                                        8  
'Acton, T.B.'                                     9  
'Rost, B.'                                        10 
'Montelione, G.T.'                                11 
'Tong, L.'                                        12 
'Hunt, J.F.'                                      13 
'Northeast Structural Genomics Consortium (NESG)' 14 
# 
_citation.id                        primary 
_citation.title                     'Northeast Structural Genomics Consortium Target UgR76' 
_citation.journal_abbrev            'To be Published' 
_citation.journal_volume            ? 
_citation.page_first                ? 
_citation.page_last                 ? 
_citation.year                      ? 
_citation.journal_id_ASTM           ? 
_citation.country                   ? 
_citation.journal_id_ISSN           ? 
_citation.journal_id_CSD            0353 
_citation.book_publisher            ? 
_citation.pdbx_database_id_PubMed   ? 
_citation.pdbx_database_id_DOI      ? 
# 
loop_
_citation_author.citation_id 
_citation_author.name 
_citation_author.ordinal 
_citation_author.identifier_ORCID 
primary 'Seetharaman, J.'  1  ? 
primary 'Abashidze, M.'    2  ? 
primary 'Sahdev, S.'       3  ? 
primary 'Xiao, R.'         4  ? 
primary 'Ciccosanti, C.'   5  ? 
primary 'Lee, D.'          6  ? 
primary 'Everett, J.K.'    7  ? 
primary 'Nair, R.'         8  ? 
primary 'Acton, T.B.'      9  ? 
primary 'Rost, B.'         10 ? 
primary 'Montelione, G.T.' 11 ? 
primary 'Tong, L.'         12 ? 
primary 'Hunt, J.F.'       13 ? 
# 
loop_
_entity.id 
_entity.type 
_entity.src_method 
_entity.pdbx_description 
_entity.formula_weight 
_entity.pdbx_number_of_molecules 
_entity.pdbx_ec 
_entity.pdbx_mutation 
_entity.pdbx_fragment 
_entity.details 
1 polymer     man 'uncharacterized protein RUMGNA_01417' 9817.574 2  ? ? ? ? 
2 non-polymer syn 'SULFATE ION'                          96.063   2  ? ? ? ? 
3 water       nat water                                  18.015   80 ? ? ? ? 
# 
_entity_poly.entity_id                      1 
_entity_poly.type                           'polypeptide(L)' 
_entity_poly.nstd_linkage                   no 
_entity_poly.nstd_monomer                   yes 
_entity_poly.pdbx_seq_one_letter_code       
;(MSE)SEHREGTLFYDTETGRYDIRFDLESFYGGLHCGECFDVKVKDVWVPVRIE(MSE)GDDWYLVGLNVSRLDGLRVR
(MSE)LEHHHHHH
;
_entity_poly.pdbx_seq_one_letter_code_can   
;MSEHREGTLFYDTETGRYDIRFDLESFYGGLHCGECFDVKVKDVWVPVRIEMGDDWYLVGLNVSRLDGLRVRMLEHHHHH
H
;
_entity_poly.pdbx_strand_id                 A,B 
_entity_poly.pdbx_target_identifier         UgR76 
# 
loop_
_pdbx_entity_nonpoly.entity_id 
_pdbx_entity_nonpoly.name 
_pdbx_entity_nonpoly.comp_id 
2 'SULFATE ION' SO4 
3 water         HOH 
# 
loop_
_entity_poly_seq.entity_id 
_entity_poly_seq.num 
_entity_poly_seq.mon_id 
_entity_poly_seq.hetero 
1 1  MSE n 
1 2  SER n 
1 3  GLU n 
1 4  HIS n 
1 5  ARG n 
1 6  GLU n 
1 7  GLY n 
1 8  THR n 
1 9  LEU n 
1 10 PHE n 
1 11 TYR n 
1 12 ASP n 
1 13 THR n 
1 14 GLU n 
1 15 THR n 
1 16 GLY n 
1 17 ARG n 
1 18 TYR n 
1 19 ASP n 
1 20 ILE n 
1 21 ARG n 
1 22 PHE n 
1 23 ASP n 
1 24 LEU n 
1 25 GLU n 
1 26 SER n 
1 27 PHE n 
1 28 TYR n 
1 29 GLY n 
1 30 GLY n 
1 31 LEU n 
1 32 HIS n 
1 33 CYS n 
1 34 GLY n 
1 35 GLU n 
1 36 CYS n 
1 37 PHE n 
1 38 ASP n 
1 39 VAL n 
1 40 LYS n 
1 41 VAL n 
1 42 LYS n 
1 43 ASP n 
1 44 VAL n 
1 45 TRP n 
1 46 VAL n 
1 47 PRO n 
1 48 VAL n 
1 49 ARG n 
1 50 ILE n 
1 51 GLU n 
1 52 MSE n 
1 53 GLY n 
1 54 ASP n 
1 55 ASP n 
1 56 TRP n 
1 57 TYR n 
1 58 LEU n 
1 59 VAL n 
1 60 GLY n 
1 61 LEU n 
1 62 ASN n 
1 63 VAL n 
1 64 SER n 
1 65 ARG n 
1 66 LEU n 
1 67 ASP n 
1 68 GLY n 
1 69 LEU n 
1 70 ARG n 
1 71 VAL n 
1 72 ARG n 
1 73 MSE n 
1 74 LEU n 
1 75 GLU n 
1 76 HIS n 
1 77 HIS n 
1 78 HIS n 
1 79 HIS n 
1 80 HIS n 
1 81 HIS n 
# 
_entity_src_gen.entity_id                          1 
_entity_src_gen.pdbx_src_id                        1 
_entity_src_gen.pdbx_alt_source_flag               sample 
_entity_src_gen.pdbx_seq_type                      ? 
_entity_src_gen.pdbx_beg_seq_num                   ? 
_entity_src_gen.pdbx_end_seq_num                   ? 
_entity_src_gen.gene_src_common_name               ? 
_entity_src_gen.gene_src_genus                     ? 
_entity_src_gen.pdbx_gene_src_gene                 RUMGNA_01417 
_entity_src_gen.gene_src_species                   ? 
_entity_src_gen.gene_src_strain                    'ATCC 29149' 
_entity_src_gen.gene_src_tissue                    ? 
_entity_src_gen.gene_src_tissue_fraction           ? 
_entity_src_gen.gene_src_details                   ? 
_entity_src_gen.pdbx_gene_src_fragment             ? 
_entity_src_gen.pdbx_gene_src_scientific_name      'Ruminococcus gnavus' 
_entity_src_gen.pdbx_gene_src_ncbi_taxonomy_id     411470 
_entity_src_gen.pdbx_gene_src_variant              ? 
_entity_src_gen.pdbx_gene_src_cell_line            ? 
_entity_src_gen.pdbx_gene_src_atcc                 ? 
_entity_src_gen.pdbx_gene_src_organ                ? 
_entity_src_gen.pdbx_gene_src_organelle            ? 
_entity_src_gen.pdbx_gene_src_cell                 ? 
_entity_src_gen.pdbx_gene_src_cellular_location    ? 
_entity_src_gen.host_org_common_name               ? 
_entity_src_gen.pdbx_host_org_scientific_name      'Escherichia coli' 
_entity_src_gen.pdbx_host_org_ncbi_taxonomy_id     469008 
_entity_src_gen.host_org_genus                     ? 
_entity_src_gen.pdbx_host_org_gene                 ? 
_entity_src_gen.pdbx_host_org_organ                ? 
_entity_src_gen.host_org_species                   ? 
_entity_src_gen.pdbx_host_org_tissue               ? 
_entity_src_gen.pdbx_host_org_tissue_fraction      ? 
_entity_src_gen.pdbx_host_org_strain               'BL21(DE3)+ Magic' 
_entity_src_gen.pdbx_host_org_variant              ? 
_entity_src_gen.pdbx_host_org_cell_line            ? 
_entity_src_gen.pdbx_host_org_atcc                 ? 
_entity_src_gen.pdbx_host_org_culture_collection   ? 
_entity_src_gen.pdbx_host_org_cell                 ? 
_entity_src_gen.pdbx_host_org_organelle            ? 
_entity_src_gen.pdbx_host_org_cellular_location    ? 
_entity_src_gen.pdbx_host_org_vector_type          plasmid 
_entity_src_gen.pdbx_host_org_vector               ? 
_entity_src_gen.host_org_details                   ? 
_entity_src_gen.expression_system_id               ? 
_entity_src_gen.plasmid_name                       'pET 21-23C' 
_entity_src_gen.plasmid_details                    ? 
_entity_src_gen.pdbx_description                   ? 
# 
loop_
_chem_comp.id 
_chem_comp.type 
_chem_comp.mon_nstd_flag 
_chem_comp.name 
_chem_comp.pdbx_synonyms 
_chem_comp.formula 
_chem_comp.formula_weight 
ARG 'L-peptide linking' y ARGININE         ? 'C6 H15 N4 O2 1' 175.209 
ASN 'L-peptide linking' y ASPARAGINE       ? 'C4 H8 N2 O3'    132.118 
ASP 'L-peptide linking' y 'ASPARTIC ACID'  ? 'C4 H7 N O4'     133.103 
CYS 'L-peptide linking' y CYSTEINE         ? 'C3 H7 N O2 S'   121.158 
GLU 'L-peptide linking' y 'GLUTAMIC ACID'  ? 'C5 H9 N O4'     147.129 
GLY 'peptide linking'   y GLYCINE          ? 'C2 H5 N O2'     75.067  
HIS 'L-peptide linking' y HISTIDINE        ? 'C6 H10 N3 O2 1' 156.162 
HOH non-polymer         . WATER            ? 'H2 O'           18.015  
ILE 'L-peptide linking' y ISOLEUCINE       ? 'C6 H13 N O2'    131.173 
LEU 'L-peptide linking' y LEUCINE          ? 'C6 H13 N O2'    131.173 
LYS 'L-peptide linking' y LYSINE           ? 'C6 H15 N2 O2 1' 147.195 
MSE 'L-peptide linking' n SELENOMETHIONINE ? 'C5 H11 N O2 Se' 196.106 
PHE 'L-peptide linking' y PHENYLALANINE    ? 'C9 H11 N O2'    165.189 
PRO 'L-peptide linking' y PROLINE          ? 'C5 H9 N O2'     115.130 
SER 'L-peptide linking' y SERINE           ? 'C3 H7 N O3'     105.093 
SO4 non-polymer         . 'SULFATE ION'    ? 'O4 S -2'        96.063  
THR 'L-peptide linking' y THREONINE        ? 'C4 H9 N O3'     119.119 
TRP 'L-peptide linking' y TRYPTOPHAN       ? 'C11 H12 N2 O2'  204.225 
TYR 'L-peptide linking' y TYROSINE         ? 'C9 H11 N O3'    181.189 
VAL 'L-peptide linking' y VALINE           ? 'C5 H11 N O2'    117.146 
# 
loop_
_pdbx_poly_seq_scheme.asym_id 
_pdbx_poly_seq_scheme.entity_id 
_pdbx_poly_seq_scheme.seq_id 
_pdbx_poly_seq_scheme.mon_id 
_pdbx_poly_seq_scheme.ndb_seq_num 
_pdbx_poly_seq_scheme.pdb_seq_num 
_pdbx_poly_seq_scheme.auth_seq_num 
_pdbx_poly_seq_scheme.pdb_mon_id 
_pdbx_poly_seq_scheme.auth_mon_id 
_pdbx_poly_seq_scheme.pdb_strand_id 
_pdbx_poly_seq_scheme.pdb_ins_code 
_pdbx_poly_seq_scheme.hetero 
A 1 1  MSE 1  1  ?  ?   ?   A . n 
A 1 2  SER 2  2  ?  ?   ?   A . n 
A 1 3  GLU 3  3  ?  ?   ?   A . n 
A 1 4  HIS 4  4  ?  ?   ?   A . n 
A 1 5  ARG 5  5  5  ARG ARG A . n 
A 1 6  GLU 6  6  6  GLU GLU A . n 
A 1 7  GLY 7  7  7  GLY GLY A . n 
A 1 8  THR 8  8  8  THR THR A . n 
A 1 9  LEU 9  9  9  LEU LEU A . n 
A 1 10 PHE 10 10 10 PHE PHE A . n 
A 1 11 TYR 11 11 11 TYR TYR A . n 
A 1 12 ASP 12 12 12 ASP ASP A . n 
A 1 13 THR 13 13 13 THR THR A . n 
A 1 14 GLU 14 14 14 GLU GLU A . n 
A 1 15 THR 15 15 15 THR THR A . n 
A 1 16 GLY 16 16 16 GLY GLY A . n 
A 1 17 ARG 17 17 17 ARG ARG A . n 
A 1 18 TYR 18 18 18 TYR TYR A . n 
A 1 19 ASP 19 19 19 ASP ASP A . n 
A 1 20 ILE 20 20 20 ILE ILE A . n 
A 1 21 ARG 21 21 21 ARG ARG A . n 
A 1 22 PHE 22 22 22 PHE PHE A . n 
A 1 23 ASP 23 23 23 ASP ASP A . n 
A 1 24 LEU 24 24 24 LEU LEU A . n 
A 1 25 GLU 25 25 25 GLU GLU A . n 
A 1 26 SER 26 26 26 SER SER A . n 
A 1 27 PHE 27 27 27 PHE PHE A . n 
A 1 28 TYR 28 28 28 TYR TYR A . n 
A 1 29 GLY 29 29 29 GLY GLY A . n 
A 1 30 GLY 30 30 30 GLY GLY A . n 
A 1 31 LEU 31 31 31 LEU LEU A . n 
A 1 32 HIS 32 32 32 HIS HIS A . n 
A 1 33 CYS 33 33 33 CYS CYS A . n 
A 1 34 GLY 34 34 34 GLY GLY A . n 
A 1 35 GLU 35 35 35 GLU GLU A . n 
A 1 36 CYS 36 36 36 CYS CYS A . n 
A 1 37 PHE 37 37 37 PHE PHE A . n 
A 1 38 ASP 38 38 38 ASP ASP A . n 
A 1 39 VAL 39 39 39 VAL VAL A . n 
A 1 40 LYS 40 40 40 LYS LYS A . n 
A 1 41 VAL 41 41 41 VAL VAL A . n 
A 1 42 LYS 42 42 42 LYS LYS A . n 
A 1 43 ASP 43 43 43 ASP ASP A . n 
A 1 44 VAL 44 44 44 VAL VAL A . n 
A 1 45 TRP 45 45 45 TRP TRP A . n 
A 1 46 VAL 46 46 46 VAL VAL A . n 
A 1 47 PRO 47 47 47 PRO PRO A . n 
A 1 48 VAL 48 48 48 VAL VAL A . n 
A 1 49 ARG 49 49 49 ARG ARG A . n 
A 1 50 ILE 50 50 50 ILE ILE A . n 
A 1 51 GLU 51 51 51 GLU GLU A . n 
A 1 52 MSE 52 52 52 MSE MSE A . n 
A 1 53 GLY 53 53 53 GLY GLY A . n 
A 1 54 ASP 54 54 54 ASP ASP A . n 
A 1 55 ASP 55 55 55 ASP ASP A . n 
A 1 56 TRP 56 56 56 TRP TRP A . n 
A 1 57 TYR 57 57 57 TYR TYR A . n 
A 1 58 LEU 58 58 58 LEU LEU A . n 
A 1 59 VAL 59 59 59 VAL VAL A . n 
A 1 60 GLY 60 60 60 GLY GLY A . n 
A 1 61 LEU 61 61 61 LEU LEU A . n 
A 1 62 ASN 62 62 62 ASN ASN A . n 
A 1 63 VAL 63 63 63 VAL VAL A . n 
A 1 64 SER 64 64 64 SER SER A . n 
A 1 65 ARG 65 65 65 ARG ARG A . n 
A 1 66 LEU 66 66 66 LEU LEU A . n 
A 1 67 ASP 67 67 67 ASP ASP A . n 
A 1 68 GLY 68 68 68 GLY GLY A . n 
A 1 69 LEU 69 69 69 LEU LEU A . n 
A 1 70 ARG 70 70 70 ARG ARG A . n 
A 1 71 VAL 71 71 71 VAL VAL A . n 
A 1 72 ARG 72 72 72 ARG ARG A . n 
A 1 73 MSE 73 73 73 MSE MSE A . n 
A 1 74 LEU 74 74 ?  ?   ?   A . n 
A 1 75 GLU 75 75 ?  ?   ?   A . n 
A 1 76 HIS 76 76 ?  ?   ?   A . n 
A 1 77 HIS 77 77 ?  ?   ?   A . n 
A 1 78 HIS 78 78 ?  ?   ?   A . n 
A 1 79 HIS 79 79 ?  ?   ?   A . n 
A 1 80 HIS 80 80 ?  ?   ?   A . n 
A 1 81 HIS 81 81 ?  ?   ?   A . n 
B 1 1  MSE 1  1  ?  ?   ?   B . n 
B 1 2  SER 2  2  ?  ?   ?   B . n 
B 1 3  GLU 3  3  ?  ?   ?   B . n 
B 1 4  HIS 4  4  ?  ?   ?   B . n 
B 1 5  ARG 5  5  5  ARG ARG B . n 
B 1 6  GLU 6  6  6  GLU GLU B . n 
B 1 7  GLY 7  7  7  GLY GLY B . n 
B 1 8  THR 8  8  8  THR THR B . n 
B 1 9  LEU 9  9  9  LEU LEU B . n 
B 1 10 PHE 10 10 10 PHE PHE B . n 
B 1 11 TYR 11 11 11 TYR TYR B . n 
B 1 12 ASP 12 12 12 ASP ASP B . n 
B 1 13 THR 13 13 13 THR THR B . n 
B 1 14 GLU 14 14 14 GLU GLU B . n 
B 1 15 THR 15 15 15 THR THR B . n 
B 1 16 GLY 16 16 16 GLY GLY B . n 
B 1 17 ARG 17 17 17 ARG ARG B . n 
B 1 18 TYR 18 18 18 TYR TYR B . n 
B 1 19 ASP 19 19 19 ASP ASP B . n 
B 1 20 ILE 20 20 20 ILE ILE B . n 
B 1 21 ARG 21 21 21 ARG ARG B . n 
B 1 22 PHE 22 22 22 PHE PHE B . n 
B 1 23 ASP 23 23 23 ASP ASP B . n 
B 1 24 LEU 24 24 24 LEU LEU B . n 
B 1 25 GLU 25 25 25 GLU GLU B . n 
B 1 26 SER 26 26 26 SER SER B . n 
B 1 27 PHE 27 27 27 PHE PHE B . n 
B 1 28 TYR 28 28 28 TYR TYR B . n 
B 1 29 GLY 29 29 29 GLY GLY B . n 
B 1 30 GLY 30 30 30 GLY GLY B . n 
B 1 31 LEU 31 31 31 LEU LEU B . n 
B 1 32 HIS 32 32 32 HIS HIS B . n 
B 1 33 CYS 33 33 33 CYS CYS B . n 
B 1 34 GLY 34 34 34 GLY GLY B . n 
B 1 35 GLU 35 35 35 GLU GLU B . n 
B 1 36 CYS 36 36 36 CYS CYS B . n 
B 1 37 PHE 37 37 37 PHE PHE B . n 
B 1 38 ASP 38 38 38 ASP ASP B . n 
B 1 39 VAL 39 39 39 VAL VAL B . n 
B 1 40 LYS 40 40 40 LYS LYS B . n 
B 1 41 VAL 41 41 41 VAL VAL B . n 
B 1 42 LYS 42 42 42 LYS LYS B . n 
B 1 43 ASP 43 43 43 ASP ASP B . n 
B 1 44 VAL 44 44 44 VAL VAL B . n 
B 1 45 TRP 45 45 45 TRP TRP B . n 
B 1 46 VAL 46 46 46 VAL VAL B . n 
B 1 47 PRO 47 47 47 PRO PRO B . n 
B 1 48 VAL 48 48 48 VAL VAL B . n 
B 1 49 ARG 49 49 49 ARG ARG B . n 
B 1 50 ILE 50 50 50 ILE ILE B . n 
B 1 51 GLU 51 51 51 GLU GLU B . n 
B 1 52 MSE 52 52 52 MSE MSE B . n 
B 1 53 GLY 53 53 53 GLY GLY B . n 
B 1 54 ASP 54 54 54 ASP ASP B . n 
B 1 55 ASP 55 55 55 ASP ASP B . n 
B 1 56 TRP 56 56 56 TRP TRP B . n 
B 1 57 TYR 57 57 57 TYR TYR B . n 
B 1 58 LEU 58 58 58 LEU LEU B . n 
B 1 59 VAL 59 59 59 VAL VAL B . n 
B 1 60 GLY 60 60 60 GLY GLY B . n 
B 1 61 LEU 61 61 61 LEU LEU B . n 
B 1 62 ASN 62 62 62 ASN ASN B . n 
B 1 63 VAL 63 63 63 VAL VAL B . n 
B 1 64 SER 64 64 64 SER SER B . n 
B 1 65 ARG 65 65 65 ARG ARG B . n 
B 1 66 LEU 66 66 66 LEU LEU B . n 
B 1 67 ASP 67 67 67 ASP ASP B . n 
B 1 68 GLY 68 68 68 GLY GLY B . n 
B 1 69 LEU 69 69 69 LEU LEU B . n 
B 1 70 ARG 70 70 70 ARG ARG B . n 
B 1 71 VAL 71 71 71 VAL VAL B . n 
B 1 72 ARG 72 72 72 ARG ARG B . n 
B 1 73 MSE 73 73 73 MSE MSE B . n 
B 1 74 LEU 74 74 ?  ?   ?   B . n 
B 1 75 GLU 75 75 ?  ?   ?   B . n 
B 1 76 HIS 76 76 ?  ?   ?   B . n 
B 1 77 HIS 77 77 ?  ?   ?   B . n 
B 1 78 HIS 78 78 ?  ?   ?   B . n 
B 1 79 HIS 79 79 ?  ?   ?   B . n 
B 1 80 HIS 80 80 ?  ?   ?   B . n 
B 1 81 HIS 81 81 ?  ?   ?   B . n 
# 
loop_
_pdbx_nonpoly_scheme.asym_id 
_pdbx_nonpoly_scheme.entity_id 
_pdbx_nonpoly_scheme.mon_id 
_pdbx_nonpoly_scheme.ndb_seq_num 
_pdbx_nonpoly_scheme.pdb_seq_num 
_pdbx_nonpoly_scheme.auth_seq_num 
_pdbx_nonpoly_scheme.pdb_mon_id 
_pdbx_nonpoly_scheme.auth_mon_id 
_pdbx_nonpoly_scheme.pdb_strand_id 
_pdbx_nonpoly_scheme.pdb_ins_code 
C 2 SO4 1  82  2  SO4 SO4 A . 
D 2 SO4 1  82  1  SO4 SO4 B . 
E 3 HOH 1  83  1  HOH TIP A . 
E 3 HOH 2  84  6  HOH TIP A . 
E 3 HOH 3  85  11 HOH TIP A . 
E 3 HOH 4  86  14 HOH TIP A . 
E 3 HOH 5  87  15 HOH TIP A . 
E 3 HOH 6  88  16 HOH TIP A . 
E 3 HOH 7  89  17 HOH TIP A . 
E 3 HOH 8  90  18 HOH TIP A . 
E 3 HOH 9  91  22 HOH TIP A . 
E 3 HOH 10 92  23 HOH TIP A . 
E 3 HOH 11 93  32 HOH TIP A . 
E 3 HOH 12 94  34 HOH TIP A . 
E 3 HOH 13 95  35 HOH TIP A . 
E 3 HOH 14 96  36 HOH TIP A . 
E 3 HOH 15 97  39 HOH TIP A . 
E 3 HOH 16 98  40 HOH TIP A . 
E 3 HOH 17 99  43 HOH TIP A . 
E 3 HOH 18 100 45 HOH TIP A . 
E 3 HOH 19 101 46 HOH TIP A . 
E 3 HOH 20 102 47 HOH TIP A . 
E 3 HOH 21 103 48 HOH TIP A . 
E 3 HOH 22 104 50 HOH TIP A . 
E 3 HOH 23 105 52 HOH TIP A . 
E 3 HOH 24 106 53 HOH TIP A . 
E 3 HOH 25 107 54 HOH TIP A . 
E 3 HOH 26 108 55 HOH TIP A . 
E 3 HOH 27 109 56 HOH TIP A . 
E 3 HOH 28 110 57 HOH TIP A . 
E 3 HOH 29 111 58 HOH TIP A . 
E 3 HOH 30 112 62 HOH TIP A . 
E 3 HOH 31 113 66 HOH TIP A . 
E 3 HOH 32 114 73 HOH TIP A . 
E 3 HOH 33 115 74 HOH TIP A . 
E 3 HOH 34 116 78 HOH TIP A . 
E 3 HOH 35 117 80 HOH TIP A . 
F 3 HOH 1  83  2  HOH TIP B . 
F 3 HOH 2  84  3  HOH TIP B . 
F 3 HOH 3  85  4  HOH TIP B . 
F 3 HOH 4  86  5  HOH TIP B . 
F 3 HOH 5  87  7  HOH TIP B . 
F 3 HOH 6  88  8  HOH TIP B . 
F 3 HOH 7  89  9  HOH TIP B . 
F 3 HOH 8  90  10 HOH TIP B . 
F 3 HOH 9  91  12 HOH TIP B . 
F 3 HOH 10 92  13 HOH TIP B . 
F 3 HOH 11 93  19 HOH TIP B . 
F 3 HOH 12 94  20 HOH TIP B . 
F 3 HOH 13 95  21 HOH TIP B . 
F 3 HOH 14 96  24 HOH TIP B . 
F 3 HOH 15 97  25 HOH TIP B . 
F 3 HOH 16 98  26 HOH TIP B . 
F 3 HOH 17 99  27 HOH TIP B . 
F 3 HOH 18 100 28 HOH TIP B . 
F 3 HOH 19 101 29 HOH TIP B . 
F 3 HOH 20 102 30 HOH TIP B . 
F 3 HOH 21 103 31 HOH TIP B . 
F 3 HOH 22 104 33 HOH TIP B . 
F 3 HOH 23 105 37 HOH TIP B . 
F 3 HOH 24 106 38 HOH TIP B . 
F 3 HOH 25 107 41 HOH TIP B . 
F 3 HOH 26 108 42 HOH TIP B . 
F 3 HOH 27 109 44 HOH TIP B . 
F 3 HOH 28 110 49 HOH TIP B . 
F 3 HOH 29 111 51 HOH TIP B . 
F 3 HOH 30 112 59 HOH TIP B . 
F 3 HOH 31 113 60 HOH TIP B . 
F 3 HOH 32 114 61 HOH TIP B . 
F 3 HOH 33 115 63 HOH TIP B . 
F 3 HOH 34 116 64 HOH TIP B . 
F 3 HOH 35 117 65 HOH TIP B . 
F 3 HOH 36 118 67 HOH TIP B . 
F 3 HOH 37 119 68 HOH TIP B . 
F 3 HOH 38 120 69 HOH TIP B . 
F 3 HOH 39 121 70 HOH TIP B . 
F 3 HOH 40 122 71 HOH TIP B . 
F 3 HOH 41 123 72 HOH TIP B . 
F 3 HOH 42 124 75 HOH TIP B . 
F 3 HOH 43 125 76 HOH TIP B . 
F 3 HOH 44 126 77 HOH TIP B . 
F 3 HOH 45 127 79 HOH TIP B . 
# 
loop_
_software.pdbx_ordinal 
_software.name 
_software.version 
_software.date 
_software.type 
_software.contact_author 
_software.contact_author_email 
_software.classification 
_software.location 
_software.language 
_software.citation_id 
1 CNS         1.2                  ?               ?       ?                    ?                     refinement        ? ? ? 
2 PDB_EXTRACT 3.100                'Jan. 22, 2010' package PDB                  help@deposit.rcsb.org 'data extraction' 
http://sw-tools.pdb.org/apps/PDB_EXTRACT/    C++        ? 
3 ADSC        Quantum              ?               ?       ?                    ?                     'data collection' ? ? ? 
4 HKL-2000    .                    ?               ?       ?                    ?                     'data reduction'  ? ? ? 
5 HKL-2000    .                    ?               ?       ?                    ?                     'data scaling'    ? ? ? 
6 SHELX       'then SOLVE/RESOLVE' ?               ?       ?                    ?                     phasing           ? ? ? 
7 REFMAC      .                    ?               program 'Garib N. Murshudov' garib@ysbl.york.ac.uk refinement        
http://www.ccp4.ac.uk/dist/html/refmac5.html Fortran_77 ? 
# 
_cell.entry_id           3NRL 
_cell.length_a           40.581 
_cell.length_b           53.072 
_cell.length_c           76.477 
_cell.angle_alpha        90.000 
_cell.angle_beta         90.000 
_cell.angle_gamma        90.000 
_cell.pdbx_unique_axis   ? 
_cell.Z_PDB              8 
_cell.length_a_esd       ? 
_cell.length_b_esd       ? 
_cell.length_c_esd       ? 
_cell.angle_alpha_esd    ? 
_cell.angle_beta_esd     ? 
_cell.angle_gamma_esd    ? 
# 
_symmetry.entry_id                         3NRL 
_symmetry.space_group_name_H-M             'P 21 21 21' 
_symmetry.Int_Tables_number                19 
_symmetry.pdbx_full_space_group_name_H-M   ? 
_symmetry.cell_setting                     ? 
_symmetry.space_group_name_Hall            ? 
# 
_exptl.crystals_number   1 
_exptl.entry_id          3NRL 
_exptl.method            'X-RAY DIFFRACTION' 
# 
_exptl_crystal.id                    1 
_exptl_crystal.density_Matthews      2.10 
_exptl_crystal.density_meas          ? 
_exptl_crystal.density_percent_sol   41.35 
_exptl_crystal.description           ? 
_exptl_crystal.F_000                 ? 
_exptl_crystal.preparation           ? 
# 
_exptl_crystal_grow.crystal_id      1 
_exptl_crystal_grow.method          'VAPOR DIFFUSION, HANGING DROP' 
_exptl_crystal_grow.pH              6.5 
_exptl_crystal_grow.temp            291 
_exptl_crystal_grow.pdbx_details    
;Protein solution: 100mM NaCl, 5mM DTT, 0.02% NaN3, 10mM Tris-HCl (pH 7.5) . Reservoir solution: 0.1M Cacodylate Acid (pH 6.5), 18% PEG3350, and 0.2M ammonium sulfate., VAPOR DIFFUSION, HANGING DROP, temperature 291K
;
_exptl_crystal_grow.temp_details    ? 
_exptl_crystal_grow.pdbx_pH_range   ? 
# 
_diffrn.id                     1 
_diffrn.ambient_temp           100 
_diffrn.ambient_temp_details   ? 
_diffrn.crystal_id             1 
# 
_diffrn_detector.diffrn_id              1 
_diffrn_detector.detector               CCD 
_diffrn_detector.type                   'MAR CCD 165 mm' 
_diffrn_detector.pdbx_collection_date   2010-06-07 
_diffrn_detector.details                mirrors 
# 
_diffrn_radiation.diffrn_id                        1 
_diffrn_radiation.pdbx_diffrn_protocol             'SINGLE WAVELENGTH' 
_diffrn_radiation.monochromator                    'Si 111 CHANNEL' 
_diffrn_radiation.wavelength_id                    1 
_diffrn_radiation.pdbx_monochromatic_or_laue_m_l   M 
_diffrn_radiation.pdbx_scattering_type             x-ray 
# 
_diffrn_radiation_wavelength.id           1 
_diffrn_radiation_wavelength.wavelength   0.97915 
_diffrn_radiation_wavelength.wt           1.0 
# 
_diffrn_source.diffrn_id                   1 
_diffrn_source.source                      SYNCHROTRON 
_diffrn_source.type                        'NSLS BEAMLINE X4C' 
_diffrn_source.pdbx_wavelength_list        0.97915 
_diffrn_source.pdbx_wavelength             ? 
_diffrn_source.pdbx_synchrotron_site       NSLS 
_diffrn_source.pdbx_synchrotron_beamline   X4C 
# 
_reflns.entry_id                     3NRL 
_reflns.B_iso_Wilson_estimate        10.800 
_reflns.observed_criterion_sigma_F   0 
_reflns.observed_criterion_sigma_I   0 
_reflns.d_resolution_high            1.9 
_reflns.d_resolution_low             50 
_reflns.number_all                   25141 
_reflns.number_obs                   24739 
_reflns.percent_possible_obs         98.4 
_reflns.pdbx_Rmerge_I_obs            0.059 
_reflns.pdbx_Rsym_value              0.045 
_reflns.pdbx_netI_over_sigmaI        29.0 
_reflns.pdbx_redundancy              4.3 
_reflns.R_free_details               ? 
_reflns.limit_h_max                  ? 
_reflns.limit_h_min                  ? 
_reflns.limit_k_max                  ? 
_reflns.limit_k_min                  ? 
_reflns.limit_l_max                  ? 
_reflns.limit_l_min                  ? 
_reflns.observed_criterion_F_max     ? 
_reflns.observed_criterion_F_min     ? 
_reflns.pdbx_chi_squared             ? 
_reflns.pdbx_scaling_rejects         ? 
_reflns.pdbx_diffrn_id               1 
_reflns.pdbx_ordinal                 1 
# 
_reflns_shell.d_res_high             1.9 
_reflns_shell.d_res_low              1.93 
_reflns_shell.percent_possible_obs   ? 
_reflns_shell.percent_possible_all   91.2 
_reflns_shell.Rmerge_I_obs           0.365 
_reflns_shell.meanI_over_sigI_obs    3.1 
_reflns_shell.pdbx_Rsym_value        0.301 
_reflns_shell.pdbx_redundancy        3.7 
_reflns_shell.number_unique_all      1245 
_reflns_shell.number_measured_all    ? 
_reflns_shell.number_measured_obs    ? 
_reflns_shell.number_unique_obs      ? 
_reflns_shell.pdbx_chi_squared       ? 
_reflns_shell.pdbx_diffrn_id         ? 
_reflns_shell.pdbx_ordinal           1 
# 
_refine.entry_id                                 3NRL 
_refine.ls_d_res_high                            1.900 
_refine.ls_d_res_low                             32.240 
_refine.pdbx_ls_sigma_F                          2.00 
_refine.pdbx_data_cutoff_high_absF               171398.000 
_refine.pdbx_data_cutoff_low_absF                0.000 
_refine.ls_percent_reflns_obs                    86.200 
_refine.ls_number_reflns_obs                     21676 
_refine.ls_number_reflns_all                     1245 
_refine.pdbx_ls_cross_valid_method               THROUGHOUT 
_refine.pdbx_R_Free_selection_details            RANDOM 
_refine.details                                  'BULK SOLVENT MODEL USED' 
_refine.ls_R_factor_all                          0.22 
_refine.ls_R_factor_obs                          0.219 
_refine.ls_R_factor_R_work                       0.218 
_refine.ls_wR_factor_R_work                      ? 
_refine.ls_R_factor_R_free                       0.263 
_refine.ls_wR_factor_R_free                      ? 
_refine.ls_percent_reflns_R_free                 9.600 
_refine.ls_number_reflns_R_free                  2081 
_refine.ls_R_factor_R_free_error                 0.006 
_refine.B_iso_mean                               30.113 
_refine.solvent_model_param_bsol                 47.744 
_refine.solvent_model_param_ksol                 0.400 
_refine.pdbx_isotropic_thermal_model             RESTRAINED 
_refine.aniso_B[1][1]                            1.390 
_refine.aniso_B[2][2]                            5.210 
_refine.aniso_B[3][3]                            -6.600 
_refine.aniso_B[1][2]                            0.000 
_refine.aniso_B[1][3]                            0.000 
_refine.aniso_B[2][3]                            0.000 
_refine.correlation_coeff_Fo_to_Fc               ? 
_refine.correlation_coeff_Fo_to_Fc_free          ? 
_refine.overall_SU_R_Cruickshank_DPI             ? 
_refine.overall_SU_R_free                        ? 
_refine.pdbx_overall_ESU_R_Free                  ? 
_refine.overall_SU_ML                            ? 
_refine.overall_SU_B                             ? 
_refine.solvent_model_details                    'FLAT MODEL' 
_refine.pdbx_solvent_vdw_probe_radii             ? 
_refine.pdbx_solvent_ion_probe_radii             ? 
_refine.pdbx_solvent_shrinkage_radii             ? 
_refine.ls_number_parameters                     ? 
_refine.ls_number_restraints                     ? 
_refine.pdbx_starting_model                      ? 
_refine.pdbx_method_to_determine_struct          SAD 
_refine.pdbx_stereochemistry_target_values       'Engh & Huber' 
_refine.pdbx_stereochem_target_val_spec_case     ? 
_refine.overall_FOM_work_R_set                   ? 
_refine.B_iso_max                                88.32 
_refine.B_iso_min                                9.58 
_refine.occupancy_max                            1.00 
_refine.occupancy_min                            1.00 
_refine.pdbx_ls_sigma_I                          0 
_refine.ls_redundancy_reflns_obs                 ? 
_refine.ls_R_factor_R_free_error_details         ? 
_refine.pdbx_data_cutoff_high_rms_absF           ? 
_refine.overall_FOM_free_R_set                   ? 
_refine.pdbx_overall_phase_error                 ? 
_refine.pdbx_refine_id                           'X-RAY DIFFRACTION' 
_refine.pdbx_overall_ESU_R                       ? 
_refine.pdbx_diffrn_id                           1 
_refine.pdbx_TLS_residual_ADP_flag               ? 
_refine.pdbx_overall_SU_R_free_Cruickshank_DPI   ? 
_refine.pdbx_overall_SU_R_Blow_DPI               ? 
_refine.pdbx_overall_SU_R_free_Blow_DPI          ? 
# 
_refine_analyze.entry_id                        3NRL 
_refine_analyze.Luzzati_coordinate_error_obs    0.220 
_refine_analyze.Luzzati_sigma_a_obs             0.040 
_refine_analyze.Luzzati_d_res_low_obs           5.000 
_refine_analyze.Luzzati_coordinate_error_free   0.290 
_refine_analyze.Luzzati_sigma_a_free            0.100 
_refine_analyze.Luzzati_d_res_low_free          ? 
_refine_analyze.number_disordered_residues      ? 
_refine_analyze.occupancy_sum_non_hydrogen      ? 
_refine_analyze.occupancy_sum_hydrogen          ? 
_refine_analyze.pdbx_Luzzati_d_res_high_obs     ? 
_refine_analyze.pdbx_refine_id                  'X-RAY DIFFRACTION' 
# 
_refine_hist.pdbx_refine_id                   'X-RAY DIFFRACTION' 
_refine_hist.cycle_id                         LAST 
_refine_hist.pdbx_number_atoms_protein        1140 
_refine_hist.pdbx_number_atoms_nucleic_acid   0 
_refine_hist.pdbx_number_atoms_ligand         10 
_refine_hist.number_atoms_solvent             80 
_refine_hist.number_atoms_total               1230 
_refine_hist.d_res_high                       1.900 
_refine_hist.d_res_low                        32.240 
# 
loop_
_refine_ls_restr.type 
_refine_ls_restr.number 
_refine_ls_restr.dev_ideal 
_refine_ls_restr.dev_ideal_target 
_refine_ls_restr.weight 
_refine_ls_restr.pdbx_refine_id 
_refine_ls_restr.pdbx_restraint_function 
c_mcbond_it  ? 3.980 ? 1.500 'X-RAY DIFFRACTION' ? 
c_mcangle_it ? 5.120 ? 2.000 'X-RAY DIFFRACTION' ? 
c_scbond_it  ? 6.760 ? 2.000 'X-RAY DIFFRACTION' ? 
c_scangle_it ? 9.020 ? 2.500 'X-RAY DIFFRACTION' ? 
# 
_refine_ls_shell.d_res_high                       1.900 
_refine_ls_shell.d_res_low                        2.020 
_refine_ls_shell.pdbx_total_number_of_bins_used   6 
_refine_ls_shell.percent_reflns_obs               64.000 
_refine_ls_shell.number_reflns_R_work             2415 
_refine_ls_shell.R_factor_all                     ? 
_refine_ls_shell.R_factor_R_work                  0.207 
_refine_ls_shell.R_factor_R_free                  0.265 
_refine_ls_shell.percent_reflns_R_free            10.200 
_refine_ls_shell.number_reflns_R_free             273 
_refine_ls_shell.R_factor_R_free_error            0.016 
_refine_ls_shell.number_reflns_all                2688 
_refine_ls_shell.number_reflns_obs                2415 
_refine_ls_shell.redundancy_reflns_obs            ? 
_refine_ls_shell.pdbx_refine_id                   'X-RAY DIFFRACTION' 
# 
loop_
_pdbx_xplor_file.serial_no 
_pdbx_xplor_file.param_file 
_pdbx_xplor_file.topol_file 
_pdbx_xplor_file.pdbx_refine_id 
1 protein_rep.param protein.top 'X-RAY DIFFRACTION' 
2 water_rep.param   water.top   'X-RAY DIFFRACTION' 
3 ion.param         ion.top     'X-RAY DIFFRACTION' 
# 
_struct.entry_id                  3NRL 
_struct.title                     
'Crystal Structure of protein RUMGNA_01417 from Ruminococcus gnavus, Northeast Structural Genomics Consortium Target UgR76' 
_struct.pdbx_model_details        ? 
_struct.pdbx_CASP_flag            Y 
_struct.pdbx_model_type_details   ? 
# 
_struct_keywords.entry_id        3NRL 
_struct_keywords.text            
;beta protein, Structural Genomics, PSI-2, Protein Structure Initiative, Northeast Structural Genomics Consortium, NESG, unknown function
;
_struct_keywords.pdbx_keywords   'structural genomics, unknown function' 
# 
loop_
_struct_asym.id 
_struct_asym.pdbx_blank_PDB_chainid_flag 
_struct_asym.pdbx_modified 
_struct_asym.entity_id 
_struct_asym.details 
A N N 1 ? 
B N N 1 ? 
C N N 2 ? 
D N N 2 ? 
E N N 3 ? 
F N N 3 ? 
# 
_struct_ref.id                         1 
_struct_ref.db_name                    UNP 
_struct_ref.db_code                    A7B1J1_RUMGN 
_struct_ref.pdbx_db_accession          A7B1J1 
_struct_ref.entity_id                  1 
_struct_ref.pdbx_seq_one_letter_code   MSEHREGTLFYDTETGRYDIRFDLESFYGGLHCGECFDVKVKDVWVPVRIEMGDDWYLVGLNVSRLDGLRVRM 
_struct_ref.pdbx_align_begin           1 
_struct_ref.pdbx_db_isoform            ? 
# 
loop_
_struct_ref_seq.align_id 
_struct_ref_seq.ref_id 
_struct_ref_seq.pdbx_PDB_id_code 
_struct_ref_seq.pdbx_strand_id 
_struct_ref_seq.seq_align_beg 
_struct_ref_seq.pdbx_seq_align_beg_ins_code 
_struct_ref_seq.seq_align_end 
_struct_ref_seq.pdbx_seq_align_end_ins_code 
_struct_ref_seq.pdbx_db_accession 
_struct_ref_seq.db_align_beg 
_struct_ref_seq.pdbx_db_align_beg_ins_code 
_struct_ref_seq.db_align_end 
_struct_ref_seq.pdbx_db_align_end_ins_code 
_struct_ref_seq.pdbx_auth_seq_align_beg 
_struct_ref_seq.pdbx_auth_seq_align_end 
1 1 3NRL A 1 ? 73 ? A7B1J1 1 ? 73 ? 1 73 
2 1 3NRL B 1 ? 73 ? A7B1J1 1 ? 73 ? 1 73 
# 
loop_
_struct_ref_seq_dif.align_id 
_struct_ref_seq_dif.pdbx_pdb_id_code 
_struct_ref_seq_dif.mon_id 
_struct_ref_seq_dif.pdbx_pdb_strand_id 
_struct_ref_seq_dif.seq_num 
_struct_ref_seq_dif.pdbx_pdb_ins_code 
_struct_ref_seq_dif.pdbx_seq_db_name 
_struct_ref_seq_dif.pdbx_seq_db_accession_code 
_struct_ref_seq_dif.db_mon_id 
_struct_ref_seq_dif.pdbx_seq_db_seq_num 
_struct_ref_seq_dif.details 
_struct_ref_seq_dif.pdbx_auth_seq_num 
_struct_ref_seq_dif.pdbx_ordinal 
1 3NRL LEU A 74 ? UNP A7B1J1 ? ? 'expression tag' 74 1  
1 3NRL GLU A 75 ? UNP A7B1J1 ? ? 'expression tag' 75 2  
1 3NRL HIS A 76 ? UNP A7B1J1 ? ? 'expression tag' 76 3  
1 3NRL HIS A 77 ? UNP A7B1J1 ? ? 'expression tag' 77 4  
1 3NRL HIS A 78 ? UNP A7B1J1 ? ? 'expression tag' 78 5  
1 3NRL HIS A 79 ? UNP A7B1J1 ? ? 'expression tag' 79 6  
1 3NRL HIS A 80 ? UNP A7B1J1 ? ? 'expression tag' 80 7  
1 3NRL HIS A 81 ? UNP A7B1J1 ? ? 'expression tag' 81 8  
2 3NRL LEU B 74 ? UNP A7B1J1 ? ? 'expression tag' 74 9  
2 3NRL GLU B 75 ? UNP A7B1J1 ? ? 'expression tag' 75 10 
2 3NRL HIS B 76 ? UNP A7B1J1 ? ? 'expression tag' 76 11 
2 3NRL HIS B 77 ? UNP A7B1J1 ? ? 'expression tag' 77 12 
2 3NRL HIS B 78 ? UNP A7B1J1 ? ? 'expression tag' 78 13 
2 3NRL HIS B 79 ? UNP A7B1J1 ? ? 'expression tag' 79 14 
2 3NRL HIS B 80 ? UNP A7B1J1 ? ? 'expression tag' 80 15 
2 3NRL HIS B 81 ? UNP A7B1J1 ? ? 'expression tag' 81 16 
# 
loop_
_pdbx_struct_assembly.id 
_pdbx_struct_assembly.details 
_pdbx_struct_assembly.method_details 
_pdbx_struct_assembly.oligomeric_details 
_pdbx_struct_assembly.oligomeric_count 
1 author_defined_assembly   ?    dimeric   2 
2 software_defined_assembly PISA monomeric 1 
3 software_defined_assembly PISA monomeric 1 
# 
loop_
_pdbx_struct_assembly_gen.assembly_id 
_pdbx_struct_assembly_gen.oper_expression 
_pdbx_struct_assembly_gen.asym_id_list 
1 1 A,B,C,D,E,F 
2 1 A,C,E       
3 1 B,D,F       
# 
_pdbx_struct_oper_list.id                   1 
_pdbx_struct_oper_list.type                 'identity operation' 
_pdbx_struct_oper_list.name                 1_555 
_pdbx_struct_oper_list.symmetry_operation   x,y,z 
_pdbx_struct_oper_list.matrix[1][1]         1.0000000000 
_pdbx_struct_oper_list.matrix[1][2]         0.0000000000 
_pdbx_struct_oper_list.matrix[1][3]         0.0000000000 
_pdbx_struct_oper_list.vector[1]            0.0000000000 
_pdbx_struct_oper_list.matrix[2][1]         0.0000000000 
_pdbx_struct_oper_list.matrix[2][2]         1.0000000000 
_pdbx_struct_oper_list.matrix[2][3]         0.0000000000 
_pdbx_struct_oper_list.vector[2]            0.0000000000 
_pdbx_struct_oper_list.matrix[3][1]         0.0000000000 
_pdbx_struct_oper_list.matrix[3][2]         0.0000000000 
_pdbx_struct_oper_list.matrix[3][3]         1.0000000000 
_pdbx_struct_oper_list.vector[3]            0.0000000000 
# 
_struct_biol.id        1 
_struct_biol.details   dimer 
# 
loop_
_struct_conn.id 
_struct_conn.conn_type_id 
_struct_conn.pdbx_leaving_atom_flag 
_struct_conn.pdbx_PDB_id 
_struct_conn.ptnr1_label_asym_id 
_struct_conn.ptnr1_label_comp_id 
_struct_conn.ptnr1_label_seq_id 
_struct_conn.ptnr1_label_atom_id 
_struct_conn.pdbx_ptnr1_label_alt_id 
_struct_conn.pdbx_ptnr1_PDB_ins_code 
_struct_conn.pdbx_ptnr1_standard_comp_id 
_struct_conn.ptnr1_symmetry 
_struct_conn.ptnr2_label_asym_id 
_struct_conn.ptnr2_label_comp_id 
_struct_conn.ptnr2_label_seq_id 
_struct_conn.ptnr2_label_atom_id 
_struct_conn.pdbx_ptnr2_label_alt_id 
_struct_conn.pdbx_ptnr2_PDB_ins_code 
_struct_conn.ptnr1_auth_asym_id 
_struct_conn.ptnr1_auth_comp_id 
_struct_conn.ptnr1_auth_seq_id 
_struct_conn.ptnr2_auth_asym_id 
_struct_conn.ptnr2_auth_comp_id 
_struct_conn.ptnr2_auth_seq_id 
_struct_conn.ptnr2_symmetry 
_struct_conn.pdbx_ptnr3_label_atom_id 
_struct_conn.pdbx_ptnr3_label_seq_id 
_struct_conn.pdbx_ptnr3_label_comp_id 
_struct_conn.pdbx_ptnr3_label_asym_id 
_struct_conn.pdbx_ptnr3_label_alt_id 
_struct_conn.pdbx_ptnr3_PDB_ins_code 
_struct_conn.details 
_struct_conn.pdbx_dist_value 
_struct_conn.pdbx_value_order 
_struct_conn.pdbx_role 
covale1 covale both ? A GLU 51 C ? ? ? 1_555 A MSE 52 N ? ? A GLU 51 A MSE 52 1_555 ? ? ? ? ? ? ? 1.329 ? ? 
covale2 covale both ? A MSE 52 C ? ? ? 1_555 A GLY 53 N ? ? A MSE 52 A GLY 53 1_555 ? ? ? ? ? ? ? 1.328 ? ? 
covale3 covale both ? A ARG 72 C ? ? ? 1_555 A MSE 73 N ? ? A ARG 72 A MSE 73 1_555 ? ? ? ? ? ? ? 1.329 ? ? 
covale4 covale both ? B GLU 51 C ? ? ? 1_555 B MSE 52 N ? ? B GLU 51 B MSE 52 1_555 ? ? ? ? ? ? ? 1.327 ? ? 
covale5 covale both ? B MSE 52 C ? ? ? 1_555 B GLY 53 N ? ? B MSE 52 B GLY 53 1_555 ? ? ? ? ? ? ? 1.331 ? ? 
covale6 covale both ? B ARG 72 C ? ? ? 1_555 B MSE 73 N ? ? B ARG 72 B MSE 73 1_555 ? ? ? ? ? ? ? 1.329 ? ? 
# 
_struct_conn_type.id          covale 
_struct_conn_type.criteria    ? 
_struct_conn_type.reference   ? 
# 
loop_
_pdbx_modification_feature.ordinal 
_pdbx_modification_feature.label_comp_id 
_pdbx_modification_feature.label_asym_id 
_pdbx_modification_feature.label_seq_id 
_pdbx_modification_feature.label_alt_id 
_pdbx_modification_feature.modified_residue_label_comp_id 
_pdbx_modification_feature.modified_residue_label_asym_id 
_pdbx_modification_feature.modified_residue_label_seq_id 
_pdbx_modification_feature.modified_residue_label_alt_id 
_pdbx_modification_feature.auth_comp_id 
_pdbx_modification_feature.auth_asym_id 
_pdbx_modification_feature.auth_seq_id 
_pdbx_modification_feature.PDB_ins_code 
_pdbx_modification_feature.symmetry 
_pdbx_modification_feature.modified_residue_auth_comp_id 
_pdbx_modification_feature.modified_residue_auth_asym_id 
_pdbx_modification_feature.modified_residue_auth_seq_id 
_pdbx_modification_feature.modified_residue_PDB_ins_code 
_pdbx_modification_feature.modified_residue_symmetry 
_pdbx_modification_feature.comp_id_linking_atom 
_pdbx_modification_feature.modified_residue_id_linking_atom 
_pdbx_modification_feature.modified_residue_id 
_pdbx_modification_feature.ref_pcm_id 
_pdbx_modification_feature.ref_comp_id 
_pdbx_modification_feature.type 
_pdbx_modification_feature.category 
1 MSE A 52 ? . . . . MSE A 52 ? 1_555 . . . . . . . MET 1 MSE Selenomethionine 'Named protein modification' 
2 MSE A 73 ? . . . . MSE A 73 ? 1_555 . . . . . . . MET 1 MSE Selenomethionine 'Named protein modification' 
3 MSE B 52 ? . . . . MSE B 52 ? 1_555 . . . . . . . MET 1 MSE Selenomethionine 'Named protein modification' 
4 MSE B 73 ? . . . . MSE B 73 ? 1_555 . . . . . . . MET 1 MSE Selenomethionine 'Named protein modification' 
# 
loop_
_struct_sheet.id 
_struct_sheet.type 
_struct_sheet.number_strands 
_struct_sheet.details 
A ? 7 ? 
B ? 7 ? 
# 
loop_
_struct_sheet_order.sheet_id 
_struct_sheet_order.range_id_1 
_struct_sheet_order.range_id_2 
_struct_sheet_order.offset 
_struct_sheet_order.sense 
A 1 2 ? anti-parallel 
A 2 3 ? anti-parallel 
A 3 4 ? anti-parallel 
A 4 5 ? anti-parallel 
A 5 6 ? anti-parallel 
A 6 7 ? anti-parallel 
B 1 2 ? anti-parallel 
B 2 3 ? anti-parallel 
B 3 4 ? anti-parallel 
B 4 5 ? anti-parallel 
B 5 6 ? anti-parallel 
B 6 7 ? anti-parallel 
# 
loop_
_struct_sheet_range.sheet_id 
_struct_sheet_range.id 
_struct_sheet_range.beg_label_comp_id 
_struct_sheet_range.beg_label_asym_id 
_struct_sheet_range.beg_label_seq_id 
_struct_sheet_range.pdbx_beg_PDB_ins_code 
_struct_sheet_range.end_label_comp_id 
_struct_sheet_range.end_label_asym_id 
_struct_sheet_range.end_label_seq_id 
_struct_sheet_range.pdbx_end_PDB_ins_code 
_struct_sheet_range.beg_auth_comp_id 
_struct_sheet_range.beg_auth_asym_id 
_struct_sheet_range.beg_auth_seq_id 
_struct_sheet_range.end_auth_comp_id 
_struct_sheet_range.end_auth_asym_id 
_struct_sheet_range.end_auth_seq_id 
A 1 SER A 26 ? PHE A 27 ? SER A 26 PHE A 27 
A 2 ARG A 17 ? ASP A 23 ? ARG A 17 ASP A 23 
A 3 GLU A 6  ? ASP A 12 ? GLU A 6  ASP A 12 
A 4 ARG A 70 ? ARG A 72 ? ARG A 70 ARG A 72 
A 5 CYS A 36 ? VAL A 41 ? CYS A 36 VAL A 41 
A 6 VAL A 44 ? MSE A 52 ? VAL A 44 MSE A 52 
A 7 TRP A 56 ? VAL A 59 ? TRP A 56 VAL A 59 
B 1 SER B 26 ? PHE B 27 ? SER B 26 PHE B 27 
B 2 TYR B 18 ? ASP B 23 ? TYR B 18 ASP B 23 
B 3 GLU B 6  ? TYR B 11 ? GLU B 6  TYR B 11 
B 4 ARG B 70 ? ARG B 72 ? ARG B 70 ARG B 72 
B 5 CYS B 36 ? VAL B 41 ? CYS B 36 VAL B 41 
B 6 VAL B 44 ? MSE B 52 ? VAL B 44 MSE B 52 
B 7 TRP B 56 ? VAL B 59 ? TRP B 56 VAL B 59 
# 
loop_
_pdbx_struct_sheet_hbond.sheet_id 
_pdbx_struct_sheet_hbond.range_id_1 
_pdbx_struct_sheet_hbond.range_id_2 
_pdbx_struct_sheet_hbond.range_1_label_atom_id 
_pdbx_struct_sheet_hbond.range_1_label_comp_id 
_pdbx_struct_sheet_hbond.range_1_label_asym_id 
_pdbx_struct_sheet_hbond.range_1_label_seq_id 
_pdbx_struct_sheet_hbond.range_1_PDB_ins_code 
_pdbx_struct_sheet_hbond.range_1_auth_atom_id 
_pdbx_struct_sheet_hbond.range_1_auth_comp_id 
_pdbx_struct_sheet_hbond.range_1_auth_asym_id 
_pdbx_struct_sheet_hbond.range_1_auth_seq_id 
_pdbx_struct_sheet_hbond.range_2_label_atom_id 
_pdbx_struct_sheet_hbond.range_2_label_comp_id 
_pdbx_struct_sheet_hbond.range_2_label_asym_id 
_pdbx_struct_sheet_hbond.range_2_label_seq_id 
_pdbx_struct_sheet_hbond.range_2_PDB_ins_code 
_pdbx_struct_sheet_hbond.range_2_auth_atom_id 
_pdbx_struct_sheet_hbond.range_2_auth_comp_id 
_pdbx_struct_sheet_hbond.range_2_auth_asym_id 
_pdbx_struct_sheet_hbond.range_2_auth_seq_id 
A 1 2 O SER A 26 ? O SER A 26 N PHE A 22 ? N PHE A 22 
A 2 3 O ASP A 19 ? O ASP A 19 N PHE A 10 ? N PHE A 10 
A 3 4 N GLY A 7  ? N GLY A 7  O VAL A 71 ? O VAL A 71 
A 4 5 O ARG A 72 ? O ARG A 72 N ASP A 38 ? N ASP A 38 
A 5 6 N VAL A 41 ? N VAL A 41 O VAL A 44 ? O VAL A 44 
A 6 7 N ARG A 49 ? N ARG A 49 O VAL A 59 ? O VAL A 59 
B 1 2 O SER B 26 ? O SER B 26 N PHE B 22 ? N PHE B 22 
B 2 3 O ASP B 19 ? O ASP B 19 N PHE B 10 ? N PHE B 10 
B 3 4 N GLY B 7  ? N GLY B 7  O VAL B 71 ? O VAL B 71 
B 4 5 O ARG B 70 ? O ARG B 70 N LYS B 40 ? N LYS B 40 
B 5 6 N VAL B 39 ? N VAL B 39 O VAL B 46 ? O VAL B 46 
B 6 7 N ARG B 49 ? N ARG B 49 O VAL B 59 ? O VAL B 59 
# 
loop_
_struct_site.id 
_struct_site.pdbx_evidence_code 
_struct_site.pdbx_auth_asym_id 
_struct_site.pdbx_auth_comp_id 
_struct_site.pdbx_auth_seq_id 
_struct_site.pdbx_auth_ins_code 
_struct_site.pdbx_num_residues 
_struct_site.details 
AC1 Software A SO4 82 ? 3 'BINDING SITE FOR RESIDUE SO4 A 82' 
AC2 Software B SO4 82 ? 3 'BINDING SITE FOR RESIDUE SO4 B 82' 
# 
loop_
_struct_site_gen.id 
_struct_site_gen.site_id 
_struct_site_gen.pdbx_num_res 
_struct_site_gen.label_comp_id 
_struct_site_gen.label_asym_id 
_struct_site_gen.label_seq_id 
_struct_site_gen.pdbx_auth_ins_code 
_struct_site_gen.auth_comp_id 
_struct_site_gen.auth_asym_id 
_struct_site_gen.auth_seq_id 
_struct_site_gen.label_atom_id 
_struct_site_gen.label_alt_id 
_struct_site_gen.symmetry 
_struct_site_gen.details 
1 AC1 3 ARG A 17 ? ARG A 17 . ? 1_555 ? 
2 AC1 3 HIS A 32 ? HIS A 32 . ? 1_555 ? 
3 AC1 3 CYS A 33 ? CYS A 33 . ? 1_555 ? 
4 AC2 3 ARG B 17 ? ARG B 17 . ? 1_555 ? 
5 AC2 3 HIS B 32 ? HIS B 32 . ? 1_555 ? 
6 AC2 3 CYS B 33 ? CYS B 33 . ? 1_555 ? 
# 
_pdbx_entry_details.entry_id                   3NRL 
_pdbx_entry_details.compound_details           ? 
_pdbx_entry_details.source_details             ? 
_pdbx_entry_details.nonpolymer_details         ? 
_pdbx_entry_details.sequence_details           ? 
_pdbx_entry_details.has_ligand_of_interest     ? 
_pdbx_entry_details.has_protein_modification   Y 
# 
_pdbx_validate_close_contact.id               1 
_pdbx_validate_close_contact.PDB_model_num    1 
_pdbx_validate_close_contact.auth_atom_id_1   O 
_pdbx_validate_close_contact.auth_asym_id_1   A 
_pdbx_validate_close_contact.auth_comp_id_1   THR 
_pdbx_validate_close_contact.auth_seq_id_1    15 
_pdbx_validate_close_contact.PDB_ins_code_1   ? 
_pdbx_validate_close_contact.label_alt_id_1   ? 
_pdbx_validate_close_contact.auth_atom_id_2   N 
_pdbx_validate_close_contact.auth_asym_id_2   A 
_pdbx_validate_close_contact.auth_comp_id_2   ARG 
_pdbx_validate_close_contact.auth_seq_id_2    17 
_pdbx_validate_close_contact.PDB_ins_code_2   ? 
_pdbx_validate_close_contact.label_alt_id_2   ? 
_pdbx_validate_close_contact.dist             2.15 
# 
loop_
_pdbx_validate_torsion.id 
_pdbx_validate_torsion.PDB_model_num 
_pdbx_validate_torsion.auth_comp_id 
_pdbx_validate_torsion.auth_asym_id 
_pdbx_validate_torsion.auth_seq_id 
_pdbx_validate_torsion.PDB_ins_code 
_pdbx_validate_torsion.label_alt_id 
_pdbx_validate_torsion.phi 
_pdbx_validate_torsion.psi 
1 1 GLU A 14 ? ? -73.77 42.65   
2 1 THR A 15 ? ? 168.93 90.60   
3 1 LYS A 42 ? ? 58.56  -107.45 
4 1 LYS B 42 ? ? 66.83  -118.62 
# 
_pdbx_SG_project.id                    1 
_pdbx_SG_project.project_name          'PSI, Protein Structure Initiative' 
_pdbx_SG_project.full_name_of_center   'Northeast Structural Genomics Consortium' 
_pdbx_SG_project.initial_of_center     NESG 
# 
loop_
_pdbx_struct_mod_residue.id 
_pdbx_struct_mod_residue.label_asym_id 
_pdbx_struct_mod_residue.label_comp_id 
_pdbx_struct_mod_residue.label_seq_id 
_pdbx_struct_mod_residue.auth_asym_id 
_pdbx_struct_mod_residue.auth_comp_id 
_pdbx_struct_mod_residue.auth_seq_id 
_pdbx_struct_mod_residue.PDB_ins_code 
_pdbx_struct_mod_residue.parent_comp_id 
_pdbx_struct_mod_residue.details 
1 A MSE 52 A MSE 52 ? MET SELENOMETHIONINE 
2 A MSE 73 A MSE 73 ? MET SELENOMETHIONINE 
3 B MSE 52 B MSE 52 ? MET SELENOMETHIONINE 
4 B MSE 73 B MSE 73 ? MET SELENOMETHIONINE 
# 
loop_
_pdbx_unobs_or_zero_occ_residues.id 
_pdbx_unobs_or_zero_occ_residues.PDB_model_num 
_pdbx_unobs_or_zero_occ_residues.polymer_flag 
_pdbx_unobs_or_zero_occ_residues.occupancy_flag 
_pdbx_unobs_or_zero_occ_residues.auth_asym_id 
_pdbx_unobs_or_zero_occ_residues.auth_comp_id 
_pdbx_unobs_or_zero_occ_residues.auth_seq_id 
_pdbx_unobs_or_zero_occ_residues.PDB_ins_code 
_pdbx_unobs_or_zero_occ_residues.label_asym_id 
_pdbx_unobs_or_zero_occ_residues.label_comp_id 
_pdbx_unobs_or_zero_occ_residues.label_seq_id 
1  1 Y 1 A MSE 1  ? A MSE 1  
2  1 Y 1 A SER 2  ? A SER 2  
3  1 Y 1 A GLU 3  ? A GLU 3  
4  1 Y 1 A HIS 4  ? A HIS 4  
5  1 Y 1 A LEU 74 ? A LEU 74 
6  1 Y 1 A GLU 75 ? A GLU 75 
7  1 Y 1 A HIS 76 ? A HIS 76 
8  1 Y 1 A HIS 77 ? A HIS 77 
9  1 Y 1 A HIS 78 ? A HIS 78 
10 1 Y 1 A HIS 79 ? A HIS 79 
11 1 Y 1 A HIS 80 ? A HIS 80 
12 1 Y 1 A HIS 81 ? A HIS 81 
13 1 Y 1 B MSE 1  ? B MSE 1  
14 1 Y 1 B SER 2  ? B SER 2  
15 1 Y 1 B GLU 3  ? B GLU 3  
16 1 Y 1 B HIS 4  ? B HIS 4  
17 1 Y 1 B LEU 74 ? B LEU 74 
18 1 Y 1 B GLU 75 ? B GLU 75 
19 1 Y 1 B HIS 76 ? B HIS 76 
20 1 Y 1 B HIS 77 ? B HIS 77 
21 1 Y 1 B HIS 78 ? B HIS 78 
22 1 Y 1 B HIS 79 ? B HIS 79 
23 1 Y 1 B HIS 80 ? B HIS 80 
24 1 Y 1 B HIS 81 ? B HIS 81 
# 
loop_
_chem_comp_atom.comp_id 
_chem_comp_atom.atom_id 
_chem_comp_atom.type_symbol 
_chem_comp_atom.pdbx_aromatic_flag 
_chem_comp_atom.pdbx_stereo_config 
_chem_comp_atom.pdbx_ordinal 
ARG N    N  N N 1   
ARG CA   C  N S 2   
ARG C    C  N N 3   
ARG O    O  N N 4   
ARG CB   C  N N 5   
ARG CG   C  N N 6   
ARG CD   C  N N 7   
ARG NE   N  N N 8   
ARG CZ   C  N N 9   
ARG NH1  N  N N 10  
ARG NH2  N  N N 11  
ARG OXT  O  N N 12  
ARG H    H  N N 13  
ARG H2   H  N N 14  
ARG HA   H  N N 15  
ARG HB2  H  N N 16  
ARG HB3  H  N N 17  
ARG HG2  H  N N 18  
ARG HG3  H  N N 19  
ARG HD2  H  N N 20  
ARG HD3  H  N N 21  
ARG HE   H  N N 22  
ARG HH11 H  N N 23  
ARG HH12 H  N N 24  
ARG HH21 H  N N 25  
ARG HH22 H  N N 26  
ARG HXT  H  N N 27  
ASN N    N  N N 28  
ASN CA   C  N S 29  
ASN C    C  N N 30  
ASN O    O  N N 31  
ASN CB   C  N N 32  
ASN CG   C  N N 33  
ASN OD1  O  N N 34  
ASN ND2  N  N N 35  
ASN OXT  O  N N 36  
ASN H    H  N N 37  
ASN H2   H  N N 38  
ASN HA   H  N N 39  
ASN HB2  H  N N 40  
ASN HB3  H  N N 41  
ASN HD21 H  N N 42  
ASN HD22 H  N N 43  
ASN HXT  H  N N 44  
ASP N    N  N N 45  
ASP CA   C  N S 46  
ASP C    C  N N 47  
ASP O    O  N N 48  
ASP CB   C  N N 49  
ASP CG   C  N N 50  
ASP OD1  O  N N 51  
ASP OD2  O  N N 52  
ASP OXT  O  N N 53  
ASP H    H  N N 54  
ASP H2   H  N N 55  
ASP HA   H  N N 56  
ASP HB2  H  N N 57  
ASP HB3  H  N N 58  
ASP HD2  H  N N 59  
ASP HXT  H  N N 60  
CYS N    N  N N 61  
CYS CA   C  N R 62  
CYS C    C  N N 63  
CYS O    O  N N 64  
CYS CB   C  N N 65  
CYS SG   S  N N 66  
CYS OXT  O  N N 67  
CYS H    H  N N 68  
CYS H2   H  N N 69  
CYS HA   H  N N 70  
CYS HB2  H  N N 71  
CYS HB3  H  N N 72  
CYS HG   H  N N 73  
CYS HXT  H  N N 74  
GLU N    N  N N 75  
GLU CA   C  N S 76  
GLU C    C  N N 77  
GLU O    O  N N 78  
GLU CB   C  N N 79  
GLU CG   C  N N 80  
GLU CD   C  N N 81  
GLU OE1  O  N N 82  
GLU OE2  O  N N 83  
GLU OXT  O  N N 84  
GLU H    H  N N 85  
GLU H2   H  N N 86  
GLU HA   H  N N 87  
GLU HB2  H  N N 88  
GLU HB3  H  N N 89  
GLU HG2  H  N N 90  
GLU HG3  H  N N 91  
GLU HE2  H  N N 92  
GLU HXT  H  N N 93  
GLY N    N  N N 94  
GLY CA   C  N N 95  
GLY C    C  N N 96  
GLY O    O  N N 97  
GLY OXT  O  N N 98  
GLY H    H  N N 99  
GLY H2   H  N N 100 
GLY HA2  H  N N 101 
GLY HA3  H  N N 102 
GLY HXT  H  N N 103 
HIS N    N  N N 104 
HIS CA   C  N S 105 
HIS C    C  N N 106 
HIS O    O  N N 107 
HIS CB   C  N N 108 
HIS CG   C  Y N 109 
HIS ND1  N  Y N 110 
HIS CD2  C  Y N 111 
HIS CE1  C  Y N 112 
HIS NE2  N  Y N 113 
HIS OXT  O  N N 114 
HIS H    H  N N 115 
HIS H2   H  N N 116 
HIS HA   H  N N 117 
HIS HB2  H  N N 118 
HIS HB3  H  N N 119 
HIS HD1  H  N N 120 
HIS HD2  H  N N 121 
HIS HE1  H  N N 122 
HIS HE2  H  N N 123 
HIS HXT  H  N N 124 
HOH O    O  N N 125 
HOH H1   H  N N 126 
HOH H2   H  N N 127 
ILE N    N  N N 128 
ILE CA   C  N S 129 
ILE C    C  N N 130 
ILE O    O  N N 131 
ILE CB   C  N S 132 
ILE CG1  C  N N 133 
ILE CG2  C  N N 134 
ILE CD1  C  N N 135 
ILE OXT  O  N N 136 
ILE H    H  N N 137 
ILE H2   H  N N 138 
ILE HA   H  N N 139 
ILE HB   H  N N 140 
ILE HG12 H  N N 141 
ILE HG13 H  N N 142 
ILE HG21 H  N N 143 
ILE HG22 H  N N 144 
ILE HG23 H  N N 145 
ILE HD11 H  N N 146 
ILE HD12 H  N N 147 
ILE HD13 H  N N 148 
ILE HXT  H  N N 149 
LEU N    N  N N 150 
LEU CA   C  N S 151 
LEU C    C  N N 152 
LEU O    O  N N 153 
LEU CB   C  N N 154 
LEU CG   C  N N 155 
LEU CD1  C  N N 156 
LEU CD2  C  N N 157 
LEU OXT  O  N N 158 
LEU H    H  N N 159 
LEU H2   H  N N 160 
LEU HA   H  N N 161 
LEU HB2  H  N N 162 
LEU HB3  H  N N 163 
LEU HG   H  N N 164 
LEU HD11 H  N N 165 
LEU HD12 H  N N 166 
LEU HD13 H  N N 167 
LEU HD21 H  N N 168 
LEU HD22 H  N N 169 
LEU HD23 H  N N 170 
LEU HXT  H  N N 171 
LYS N    N  N N 172 
LYS CA   C  N S 173 
LYS C    C  N N 174 
LYS O    O  N N 175 
LYS CB   C  N N 176 
LYS CG   C  N N 177 
LYS CD   C  N N 178 
LYS CE   C  N N 179 
LYS NZ   N  N N 180 
LYS OXT  O  N N 181 
LYS H    H  N N 182 
LYS H2   H  N N 183 
LYS HA   H  N N 184 
LYS HB2  H  N N 185 
LYS HB3  H  N N 186 
LYS HG2  H  N N 187 
LYS HG3  H  N N 188 
LYS HD2  H  N N 189 
LYS HD3  H  N N 190 
LYS HE2  H  N N 191 
LYS HE3  H  N N 192 
LYS HZ1  H  N N 193 
LYS HZ2  H  N N 194 
LYS HZ3  H  N N 195 
LYS HXT  H  N N 196 
MSE N    N  N N 197 
MSE CA   C  N S 198 
MSE C    C  N N 199 
MSE O    O  N N 200 
MSE OXT  O  N N 201 
MSE CB   C  N N 202 
MSE CG   C  N N 203 
MSE SE   SE N N 204 
MSE CE   C  N N 205 
MSE H    H  N N 206 
MSE H2   H  N N 207 
MSE HA   H  N N 208 
MSE HXT  H  N N 209 
MSE HB2  H  N N 210 
MSE HB3  H  N N 211 
MSE HG2  H  N N 212 
MSE HG3  H  N N 213 
MSE HE1  H  N N 214 
MSE HE2  H  N N 215 
MSE HE3  H  N N 216 
PHE N    N  N N 217 
PHE CA   C  N S 218 
PHE C    C  N N 219 
PHE O    O  N N 220 
PHE CB   C  N N 221 
PHE CG   C  Y N 222 
PHE CD1  C  Y N 223 
PHE CD2  C  Y N 224 
PHE CE1  C  Y N 225 
PHE CE2  C  Y N 226 
PHE CZ   C  Y N 227 
PHE OXT  O  N N 228 
PHE H    H  N N 229 
PHE H2   H  N N 230 
PHE HA   H  N N 231 
PHE HB2  H  N N 232 
PHE HB3  H  N N 233 
PHE HD1  H  N N 234 
PHE HD2  H  N N 235 
PHE HE1  H  N N 236 
PHE HE2  H  N N 237 
PHE HZ   H  N N 238 
PHE HXT  H  N N 239 
PRO N    N  N N 240 
PRO CA   C  N S 241 
PRO C    C  N N 242 
PRO O    O  N N 243 
PRO CB   C  N N 244 
PRO CG   C  N N 245 
PRO CD   C  N N 246 
PRO OXT  O  N N 247 
PRO H    H  N N 248 
PRO HA   H  N N 249 
PRO HB2  H  N N 250 
PRO HB3  H  N N 251 
PRO HG2  H  N N 252 
PRO HG3  H  N N 253 
PRO HD2  H  N N 254 
PRO HD3  H  N N 255 
PRO HXT  H  N N 256 
SER N    N  N N 257 
SER CA   C  N S 258 
SER C    C  N N 259 
SER O    O  N N 260 
SER CB   C  N N 261 
SER OG   O  N N 262 
SER OXT  O  N N 263 
SER H    H  N N 264 
SER H2   H  N N 265 
SER HA   H  N N 266 
SER HB2  H  N N 267 
SER HB3  H  N N 268 
SER HG   H  N N 269 
SER HXT  H  N N 270 
SO4 S    S  N N 271 
SO4 O1   O  N N 272 
SO4 O2   O  N N 273 
SO4 O3   O  N N 274 
SO4 O4   O  N N 275 
THR N    N  N N 276 
THR CA   C  N S 277 
THR C    C  N N 278 
THR O    O  N N 279 
THR CB   C  N R 280 
THR OG1  O  N N 281 
THR CG2  C  N N 282 
THR OXT  O  N N 283 
THR H    H  N N 284 
THR H2   H  N N 285 
THR HA   H  N N 286 
THR HB   H  N N 287 
THR HG1  H  N N 288 
THR HG21 H  N N 289 
THR HG22 H  N N 290 
THR HG23 H  N N 291 
THR HXT  H  N N 292 
TRP N    N  N N 293 
TRP CA   C  N S 294 
TRP C    C  N N 295 
TRP O    O  N N 296 
TRP CB   C  N N 297 
TRP CG   C  Y N 298 
TRP CD1  C  Y N 299 
TRP CD2  C  Y N 300 
TRP NE1  N  Y N 301 
TRP CE2  C  Y N 302 
TRP CE3  C  Y N 303 
TRP CZ2  C  Y N 304 
TRP CZ3  C  Y N 305 
TRP CH2  C  Y N 306 
TRP OXT  O  N N 307 
TRP H    H  N N 308 
TRP H2   H  N N 309 
TRP HA   H  N N 310 
TRP HB2  H  N N 311 
TRP HB3  H  N N 312 
TRP HD1  H  N N 313 
TRP HE1  H  N N 314 
TRP HE3  H  N N 315 
TRP HZ2  H  N N 316 
TRP HZ3  H  N N 317 
TRP HH2  H  N N 318 
TRP HXT  H  N N 319 
TYR N    N  N N 320 
TYR CA   C  N S 321 
TYR C    C  N N 322 
TYR O    O  N N 323 
TYR CB   C  N N 324 
TYR CG   C  Y N 325 
TYR CD1  C  Y N 326 
TYR CD2  C  Y N 327 
TYR CE1  C  Y N 328 
TYR CE2  C  Y N 329 
TYR CZ   C  Y N 330 
TYR OH   O  N N 331 
TYR OXT  O  N N 332 
TYR H    H  N N 333 
TYR H2   H  N N 334 
TYR HA   H  N N 335 
TYR HB2  H  N N 336 
TYR HB3  H  N N 337 
TYR HD1  H  N N 338 
TYR HD2  H  N N 339 
TYR HE1  H  N N 340 
TYR HE2  H  N N 341 
TYR HH   H  N N 342 
TYR HXT  H  N N 343 
VAL N    N  N N 344 
VAL CA   C  N S 345 
VAL C    C  N N 346 
VAL O    O  N N 347 
VAL CB   C  N N 348 
VAL CG1  C  N N 349 
VAL CG2  C  N N 350 
VAL OXT  O  N N 351 
VAL H    H  N N 352 
VAL H2   H  N N 353 
VAL HA   H  N N 354 
VAL HB   H  N N 355 
VAL HG11 H  N N 356 
VAL HG12 H  N N 357 
VAL HG13 H  N N 358 
VAL HG21 H  N N 359 
VAL HG22 H  N N 360 
VAL HG23 H  N N 361 
VAL HXT  H  N N 362 
# 
loop_
_chem_comp_bond.comp_id 
_chem_comp_bond.atom_id_1 
_chem_comp_bond.atom_id_2 
_chem_comp_bond.value_order 
_chem_comp_bond.pdbx_aromatic_flag 
_chem_comp_bond.pdbx_stereo_config 
_chem_comp_bond.pdbx_ordinal 
ARG N   CA   sing N N 1   
ARG N   H    sing N N 2   
ARG N   H2   sing N N 3   
ARG CA  C    sing N N 4   
ARG CA  CB   sing N N 5   
ARG CA  HA   sing N N 6   
ARG C   O    doub N N 7   
ARG C   OXT  sing N N 8   
ARG CB  CG   sing N N 9   
ARG CB  HB2  sing N N 10  
ARG CB  HB3  sing N N 11  
ARG CG  CD   sing N N 12  
ARG CG  HG2  sing N N 13  
ARG CG  HG3  sing N N 14  
ARG CD  NE   sing N N 15  
ARG CD  HD2  sing N N 16  
ARG CD  HD3  sing N N 17  
ARG NE  CZ   sing N N 18  
ARG NE  HE   sing N N 19  
ARG CZ  NH1  sing N N 20  
ARG CZ  NH2  doub N N 21  
ARG NH1 HH11 sing N N 22  
ARG NH1 HH12 sing N N 23  
ARG NH2 HH21 sing N N 24  
ARG NH2 HH22 sing N N 25  
ARG OXT HXT  sing N N 26  
ASN N   CA   sing N N 27  
ASN N   H    sing N N 28  
ASN N   H2   sing N N 29  
ASN CA  C    sing N N 30  
ASN CA  CB   sing N N 31  
ASN CA  HA   sing N N 32  
ASN C   O    doub N N 33  
ASN C   OXT  sing N N 34  
ASN CB  CG   sing N N 35  
ASN CB  HB2  sing N N 36  
ASN CB  HB3  sing N N 37  
ASN CG  OD1  doub N N 38  
ASN CG  ND2  sing N N 39  
ASN ND2 HD21 sing N N 40  
ASN ND2 HD22 sing N N 41  
ASN OXT HXT  sing N N 42  
ASP N   CA   sing N N 43  
ASP N   H    sing N N 44  
ASP N   H2   sing N N 45  
ASP CA  C    sing N N 46  
ASP CA  CB   sing N N 47  
ASP CA  HA   sing N N 48  
ASP C   O    doub N N 49  
ASP C   OXT  sing N N 50  
ASP CB  CG   sing N N 51  
ASP CB  HB2  sing N N 52  
ASP CB  HB3  sing N N 53  
ASP CG  OD1  doub N N 54  
ASP CG  OD2  sing N N 55  
ASP OD2 HD2  sing N N 56  
ASP OXT HXT  sing N N 57  
CYS N   CA   sing N N 58  
CYS N   H    sing N N 59  
CYS N   H2   sing N N 60  
CYS CA  C    sing N N 61  
CYS CA  CB   sing N N 62  
CYS CA  HA   sing N N 63  
CYS C   O    doub N N 64  
CYS C   OXT  sing N N 65  
CYS CB  SG   sing N N 66  
CYS CB  HB2  sing N N 67  
CYS CB  HB3  sing N N 68  
CYS SG  HG   sing N N 69  
CYS OXT HXT  sing N N 70  
GLU N   CA   sing N N 71  
GLU N   H    sing N N 72  
GLU N   H2   sing N N 73  
GLU CA  C    sing N N 74  
GLU CA  CB   sing N N 75  
GLU CA  HA   sing N N 76  
GLU C   O    doub N N 77  
GLU C   OXT  sing N N 78  
GLU CB  CG   sing N N 79  
GLU CB  HB2  sing N N 80  
GLU CB  HB3  sing N N 81  
GLU CG  CD   sing N N 82  
GLU CG  HG2  sing N N 83  
GLU CG  HG3  sing N N 84  
GLU CD  OE1  doub N N 85  
GLU CD  OE2  sing N N 86  
GLU OE2 HE2  sing N N 87  
GLU OXT HXT  sing N N 88  
GLY N   CA   sing N N 89  
GLY N   H    sing N N 90  
GLY N   H2   sing N N 91  
GLY CA  C    sing N N 92  
GLY CA  HA2  sing N N 93  
GLY CA  HA3  sing N N 94  
GLY C   O    doub N N 95  
GLY C   OXT  sing N N 96  
GLY OXT HXT  sing N N 97  
HIS N   CA   sing N N 98  
HIS N   H    sing N N 99  
HIS N   H2   sing N N 100 
HIS CA  C    sing N N 101 
HIS CA  CB   sing N N 102 
HIS CA  HA   sing N N 103 
HIS C   O    doub N N 104 
HIS C   OXT  sing N N 105 
HIS CB  CG   sing N N 106 
HIS CB  HB2  sing N N 107 
HIS CB  HB3  sing N N 108 
HIS CG  ND1  sing Y N 109 
HIS CG  CD2  doub Y N 110 
HIS ND1 CE1  doub Y N 111 
HIS ND1 HD1  sing N N 112 
HIS CD2 NE2  sing Y N 113 
HIS CD2 HD2  sing N N 114 
HIS CE1 NE2  sing Y N 115 
HIS CE1 HE1  sing N N 116 
HIS NE2 HE2  sing N N 117 
HIS OXT HXT  sing N N 118 
HOH O   H1   sing N N 119 
HOH O   H2   sing N N 120 
ILE N   CA   sing N N 121 
ILE N   H    sing N N 122 
ILE N   H2   sing N N 123 
ILE CA  C    sing N N 124 
ILE CA  CB   sing N N 125 
ILE CA  HA   sing N N 126 
ILE C   O    doub N N 127 
ILE C   OXT  sing N N 128 
ILE CB  CG1  sing N N 129 
ILE CB  CG2  sing N N 130 
ILE CB  HB   sing N N 131 
ILE CG1 CD1  sing N N 132 
ILE CG1 HG12 sing N N 133 
ILE CG1 HG13 sing N N 134 
ILE CG2 HG21 sing N N 135 
ILE CG2 HG22 sing N N 136 
ILE CG2 HG23 sing N N 137 
ILE CD1 HD11 sing N N 138 
ILE CD1 HD12 sing N N 139 
ILE CD1 HD13 sing N N 140 
ILE OXT HXT  sing N N 141 
LEU N   CA   sing N N 142 
LEU N   H    sing N N 143 
LEU N   H2   sing N N 144 
LEU CA  C    sing N N 145 
LEU CA  CB   sing N N 146 
LEU CA  HA   sing N N 147 
LEU C   O    doub N N 148 
LEU C   OXT  sing N N 149 
LEU CB  CG   sing N N 150 
LEU CB  HB2  sing N N 151 
LEU CB  HB3  sing N N 152 
LEU CG  CD1  sing N N 153 
LEU CG  CD2  sing N N 154 
LEU CG  HG   sing N N 155 
LEU CD1 HD11 sing N N 156 
LEU CD1 HD12 sing N N 157 
LEU CD1 HD13 sing N N 158 
LEU CD2 HD21 sing N N 159 
LEU CD2 HD22 sing N N 160 
LEU CD2 HD23 sing N N 161 
LEU OXT HXT  sing N N 162 
LYS N   CA   sing N N 163 
LYS N   H    sing N N 164 
LYS N   H2   sing N N 165 
LYS CA  C    sing N N 166 
LYS CA  CB   sing N N 167 
LYS CA  HA   sing N N 168 
LYS C   O    doub N N 169 
LYS C   OXT  sing N N 170 
LYS CB  CG   sing N N 171 
LYS CB  HB2  sing N N 172 
LYS CB  HB3  sing N N 173 
LYS CG  CD   sing N N 174 
LYS CG  HG2  sing N N 175 
LYS CG  HG3  sing N N 176 
LYS CD  CE   sing N N 177 
LYS CD  HD2  sing N N 178 
LYS CD  HD3  sing N N 179 
LYS CE  NZ   sing N N 180 
LYS CE  HE2  sing N N 181 
LYS CE  HE3  sing N N 182 
LYS NZ  HZ1  sing N N 183 
LYS NZ  HZ2  sing N N 184 
LYS NZ  HZ3  sing N N 185 
LYS OXT HXT  sing N N 186 
MSE N   CA   sing N N 187 
MSE N   H    sing N N 188 
MSE N   H2   sing N N 189 
MSE CA  C    sing N N 190 
MSE CA  CB   sing N N 191 
MSE CA  HA   sing N N 192 
MSE C   O    doub N N 193 
MSE C   OXT  sing N N 194 
MSE OXT HXT  sing N N 195 
MSE CB  CG   sing N N 196 
MSE CB  HB2  sing N N 197 
MSE CB  HB3  sing N N 198 
MSE CG  SE   sing N N 199 
MSE CG  HG2  sing N N 200 
MSE CG  HG3  sing N N 201 
MSE SE  CE   sing N N 202 
MSE CE  HE1  sing N N 203 
MSE CE  HE2  sing N N 204 
MSE CE  HE3  sing N N 205 
PHE N   CA   sing N N 206 
PHE N   H    sing N N 207 
PHE N   H2   sing N N 208 
PHE CA  C    sing N N 209 
PHE CA  CB   sing N N 210 
PHE CA  HA   sing N N 211 
PHE C   O    doub N N 212 
PHE C   OXT  sing N N 213 
PHE CB  CG   sing N N 214 
PHE CB  HB2  sing N N 215 
PHE CB  HB3  sing N N 216 
PHE CG  CD1  doub Y N 217 
PHE CG  CD2  sing Y N 218 
PHE CD1 CE1  sing Y N 219 
PHE CD1 HD1  sing N N 220 
PHE CD2 CE2  doub Y N 221 
PHE CD2 HD2  sing N N 222 
PHE CE1 CZ   doub Y N 223 
PHE CE1 HE1  sing N N 224 
PHE CE2 CZ   sing Y N 225 
PHE CE2 HE2  sing N N 226 
PHE CZ  HZ   sing N N 227 
PHE OXT HXT  sing N N 228 
PRO N   CA   sing N N 229 
PRO N   CD   sing N N 230 
PRO N   H    sing N N 231 
PRO CA  C    sing N N 232 
PRO CA  CB   sing N N 233 
PRO CA  HA   sing N N 234 
PRO C   O    doub N N 235 
PRO C   OXT  sing N N 236 
PRO CB  CG   sing N N 237 
PRO CB  HB2  sing N N 238 
PRO CB  HB3  sing N N 239 
PRO CG  CD   sing N N 240 
PRO CG  HG2  sing N N 241 
PRO CG  HG3  sing N N 242 
PRO CD  HD2  sing N N 243 
PRO CD  HD3  sing N N 244 
PRO OXT HXT  sing N N 245 
SER N   CA   sing N N 246 
SER N   H    sing N N 247 
SER N   H2   sing N N 248 
SER CA  C    sing N N 249 
SER CA  CB   sing N N 250 
SER CA  HA   sing N N 251 
SER C   O    doub N N 252 
SER C   OXT  sing N N 253 
SER CB  OG   sing N N 254 
SER CB  HB2  sing N N 255 
SER CB  HB3  sing N N 256 
SER OG  HG   sing N N 257 
SER OXT HXT  sing N N 258 
SO4 S   O1   doub N N 259 
SO4 S   O2   doub N N 260 
SO4 S   O3   sing N N 261 
SO4 S   O4   sing N N 262 
THR N   CA   sing N N 263 
THR N   H    sing N N 264 
THR N   H2   sing N N 265 
THR CA  C    sing N N 266 
THR CA  CB   sing N N 267 
THR CA  HA   sing N N 268 
THR C   O    doub N N 269 
THR C   OXT  sing N N 270 
THR CB  OG1  sing N N 271 
THR CB  CG2  sing N N 272 
THR CB  HB   sing N N 273 
THR OG1 HG1  sing N N 274 
THR CG2 HG21 sing N N 275 
THR CG2 HG22 sing N N 276 
THR CG2 HG23 sing N N 277 
THR OXT HXT  sing N N 278 
TRP N   CA   sing N N 279 
TRP N   H    sing N N 280 
TRP N   H2   sing N N 281 
TRP CA  C    sing N N 282 
TRP CA  CB   sing N N 283 
TRP CA  HA   sing N N 284 
TRP C   O    doub N N 285 
TRP C   OXT  sing N N 286 
TRP CB  CG   sing N N 287 
TRP CB  HB2  sing N N 288 
TRP CB  HB3  sing N N 289 
TRP CG  CD1  doub Y N 290 
TRP CG  CD2  sing Y N 291 
TRP CD1 NE1  sing Y N 292 
TRP CD1 HD1  sing N N 293 
TRP CD2 CE2  doub Y N 294 
TRP CD2 CE3  sing Y N 295 
TRP NE1 CE2  sing Y N 296 
TRP NE1 HE1  sing N N 297 
TRP CE2 CZ2  sing Y N 298 
TRP CE3 CZ3  doub Y N 299 
TRP CE3 HE3  sing N N 300 
TRP CZ2 CH2  doub Y N 301 
TRP CZ2 HZ2  sing N N 302 
TRP CZ3 CH2  sing Y N 303 
TRP CZ3 HZ3  sing N N 304 
TRP CH2 HH2  sing N N 305 
TRP OXT HXT  sing N N 306 
TYR N   CA   sing N N 307 
TYR N   H    sing N N 308 
TYR N   H2   sing N N 309 
TYR CA  C    sing N N 310 
TYR CA  CB   sing N N 311 
TYR CA  HA   sing N N 312 
TYR C   O    doub N N 313 
TYR C   OXT  sing N N 314 
TYR CB  CG   sing N N 315 
TYR CB  HB2  sing N N 316 
TYR CB  HB3  sing N N 317 
TYR CG  CD1  doub Y N 318 
TYR CG  CD2  sing Y N 319 
TYR CD1 CE1  sing Y N 320 
TYR CD1 HD1  sing N N 321 
TYR CD2 CE2  doub Y N 322 
TYR CD2 HD2  sing N N 323 
TYR CE1 CZ   doub Y N 324 
TYR CE1 HE1  sing N N 325 
TYR CE2 CZ   sing Y N 326 
TYR CE2 HE2  sing N N 327 
TYR CZ  OH   sing N N 328 
TYR OH  HH   sing N N 329 
TYR OXT HXT  sing N N 330 
VAL N   CA   sing N N 331 
VAL N   H    sing N N 332 
VAL N   H2   sing N N 333 
VAL CA  C    sing N N 334 
VAL CA  CB   sing N N 335 
VAL CA  HA   sing N N 336 
VAL C   O    doub N N 337 
VAL C   OXT  sing N N 338 
VAL CB  CG1  sing N N 339 
VAL CB  CG2  sing N N 340 
VAL CB  HB   sing N N 341 
VAL CG1 HG11 sing N N 342 
VAL CG1 HG12 sing N N 343 
VAL CG1 HG13 sing N N 344 
VAL CG2 HG21 sing N N 345 
VAL CG2 HG22 sing N N 346 
VAL CG2 HG23 sing N N 347 
VAL OXT HXT  sing N N 348 
# 
_atom_sites.entry_id                    3NRL 
_atom_sites.fract_transf_matrix[1][1]   -0.00273488 
_atom_sites.fract_transf_matrix[1][2]   0.02368996 
_atom_sites.fract_transf_matrix[1][3]   -0.00620760 
_atom_sites.fract_transf_matrix[2][1]   0.01192832 
_atom_sites.fract_transf_matrix[2][2]   -0.00239305 
_atom_sites.fract_transf_matrix[2][3]   -0.01438782 
_atom_sites.fract_transf_matrix[3][1]   -0.01001748 
_atom_sites.fract_transf_matrix[3][2]   -0.00319350 
_atom_sites.fract_transf_matrix[3][3]   -0.00777390 
_atom_sites.fract_transf_vector[1]      0.625660 
_atom_sites.fract_transf_vector[2]      0.548831 
_atom_sites.fract_transf_vector[3]      -0.003843 
# 
loop_
_atom_type.symbol 
C  
N  
O  
S  
SE 
# 
loop_
_atom_site.group_PDB 
_atom_site.id 
_atom_site.type_symbol 
_atom_site.label_atom_id 
_atom_site.label_alt_id 
_atom_site.label_comp_id 
_atom_site.label_asym_id 
_atom_site.label_entity_id 
_atom_site.label_seq_id 
_atom_site.pdbx_PDB_ins_code 
_atom_site.Cartn_x 
_atom_site.Cartn_y 
_atom_site.Cartn_z 
_atom_site.occupancy 
_atom_site.B_iso_or_equiv 
_atom_site.pdbx_formal_charge 
_atom_site.auth_seq_id 
_atom_site.auth_comp_id 
_atom_site.auth_asym_id 
_atom_site.auth_atom_id 
_atom_site.pdbx_PDB_model_num 
ATOM   1    N  N   . ARG A 1 5  ? -14.376 3.896   3.647   1.00 35.71 ? 5   ARG A N   1 
ATOM   2    C  CA  . ARG A 1 5  ? -14.350 4.637   2.355   1.00 38.50 ? 5   ARG A CA  1 
ATOM   3    C  C   . ARG A 1 5  ? -12.975 4.612   1.692   1.00 31.56 ? 5   ARG A C   1 
ATOM   4    O  O   . ARG A 1 5  ? -12.780 3.904   0.710   1.00 25.83 ? 5   ARG A O   1 
ATOM   5    C  CB  . ARG A 1 5  ? -14.803 6.087   2.562   1.00 39.65 ? 5   ARG A CB  1 
ATOM   6    C  CG  . ARG A 1 5  ? -16.310 6.262   2.629   1.00 44.91 ? 5   ARG A CG  1 
ATOM   7    C  CD  . ARG A 1 5  ? -16.942 6.126   1.249   1.00 50.35 ? 5   ARG A CD  1 
ATOM   8    N  NE  . ARG A 1 5  ? -16.783 7.337   0.446   1.00 57.11 ? 5   ARG A NE  1 
ATOM   9    C  CZ  . ARG A 1 5  ? -17.084 7.426   -0.848  1.00 58.98 ? 5   ARG A CZ  1 
ATOM   10   N  NH1 . ARG A 1 5  ? -17.558 6.373   -1.502  1.00 56.07 ? 5   ARG A NH1 1 
ATOM   11   N  NH2 . ARG A 1 5  ? -16.928 8.577   -1.489  1.00 57.49 ? 5   ARG A NH2 1 
ATOM   12   N  N   . GLU A 1 6  ? -12.027 5.374   2.229   1.00 29.19 ? 6   GLU A N   1 
ATOM   13   C  CA  . GLU A 1 6  ? -10.688 5.429   1.648   1.00 23.66 ? 6   GLU A CA  1 
ATOM   14   C  C   . GLU A 1 6  ? -9.673  4.511   2.319   1.00 25.24 ? 6   GLU A C   1 
ATOM   15   O  O   . GLU A 1 6  ? -9.666  4.344   3.539   1.00 23.60 ? 6   GLU A O   1 
ATOM   16   C  CB  . GLU A 1 6  ? -10.171 6.868   1.651   1.00 29.00 ? 6   GLU A CB  1 
ATOM   17   C  CG  . GLU A 1 6  ? -10.890 7.760   0.662   1.00 43.39 ? 6   GLU A CG  1 
ATOM   18   C  CD  . GLU A 1 6  ? -10.481 9.209   0.775   1.00 48.75 ? 6   GLU A CD  1 
ATOM   19   O  OE1 . GLU A 1 6  ? -9.265  9.492   0.738   1.00 56.90 ? 6   GLU A OE1 1 
ATOM   20   O  OE2 . GLU A 1 6  ? -11.381 10.067  0.897   1.00 60.84 ? 6   GLU A OE2 1 
ATOM   21   N  N   . GLY A 1 7  ? -8.818  3.912   1.497   1.00 21.26 ? 7   GLY A N   1 
ATOM   22   C  CA  . GLY A 1 7  ? -7.804  3.009   2.009   1.00 22.37 ? 7   GLY A CA  1 
ATOM   23   C  C   . GLY A 1 7  ? -6.659  2.845   1.028   1.00 22.19 ? 7   GLY A C   1 
ATOM   24   O  O   . GLY A 1 7  ? -6.583  3.543   0.018   1.00 17.42 ? 7   GLY A O   1 
ATOM   25   N  N   . THR A 1 8  ? -5.768  1.911   1.325   1.00 19.26 ? 8   THR A N   1 
ATOM   26   C  CA  . THR A 1 8  ? -4.625  1.656   0.465   1.00 13.91 ? 8   THR A CA  1 
ATOM   27   C  C   . THR A 1 8  ? -4.649  0.206   0.018   1.00 16.53 ? 8   THR A C   1 
ATOM   28   O  O   . THR A 1 8  ? -4.896  -0.697  0.819   1.00 17.31 ? 8   THR A O   1 
ATOM   29   C  CB  . THR A 1 8  ? -3.312  1.923   1.206   1.00 20.79 ? 8   THR A CB  1 
ATOM   30   O  OG1 . THR A 1 8  ? -3.279  1.138   2.402   1.00 42.83 ? 8   THR A OG1 1 
ATOM   31   C  CG2 . THR A 1 8  ? -3.206  3.382   1.573   1.00 16.22 ? 8   THR A CG2 1 
ATOM   32   N  N   . LEU A 1 9  ? -4.394  0.001   -1.268  1.00 18.30 ? 9   LEU A N   1 
ATOM   33   C  CA  . LEU A 1 9  ? -4.395  -1.324  -1.878  1.00 13.98 ? 9   LEU A CA  1 
ATOM   34   C  C   . LEU A 1 9  ? -3.035  -1.999  -1.724  1.00 17.26 ? 9   LEU A C   1 
ATOM   35   O  O   . LEU A 1 9  ? -1.990  -1.372  -1.932  1.00 17.99 ? 9   LEU A O   1 
ATOM   36   C  CB  . LEU A 1 9  ? -4.757  -1.184  -3.364  1.00 12.31 ? 9   LEU A CB  1 
ATOM   37   C  CG  . LEU A 1 9  ? -5.031  -2.432  -4.203  1.00 20.17 ? 9   LEU A CG  1 
ATOM   38   C  CD1 . LEU A 1 9  ? -6.292  -3.143  -3.706  1.00 17.74 ? 9   LEU A CD1 1 
ATOM   39   C  CD2 . LEU A 1 9  ? -5.191  -2.025  -5.658  1.00 15.01 ? 9   LEU A CD2 1 
ATOM   40   N  N   . PHE A 1 10 ? -3.043  -3.279  -1.350  1.00 17.95 ? 10  PHE A N   1 
ATOM   41   C  CA  . PHE A 1 10 ? -1.798  -4.016  -1.171  1.00 19.39 ? 10  PHE A CA  1 
ATOM   42   C  C   . PHE A 1 10 ? -2.005  -5.514  -1.368  1.00 15.84 ? 10  PHE A C   1 
ATOM   43   O  O   . PHE A 1 10 ? -3.123  -6.022  -1.248  1.00 21.90 ? 10  PHE A O   1 
ATOM   44   C  CB  . PHE A 1 10 ? -1.214  -3.735  0.224   1.00 21.21 ? 10  PHE A CB  1 
ATOM   45   C  CG  . PHE A 1 10 ? -1.900  -4.479  1.335   1.00 22.79 ? 10  PHE A CG  1 
ATOM   46   C  CD1 . PHE A 1 10 ? -1.467  -5.750  1.710   1.00 23.98 ? 10  PHE A CD1 1 
ATOM   47   C  CD2 . PHE A 1 10 ? -2.992  -3.921  1.993   1.00 23.79 ? 10  PHE A CD2 1 
ATOM   48   C  CE1 . PHE A 1 10 ? -2.114  -6.459  2.724   1.00 28.95 ? 10  PHE A CE1 1 
ATOM   49   C  CE2 . PHE A 1 10 ? -3.648  -4.620  3.009   1.00 30.76 ? 10  PHE A CE2 1 
ATOM   50   C  CZ  . PHE A 1 10 ? -3.208  -5.890  3.375   1.00 21.55 ? 10  PHE A CZ  1 
ATOM   51   N  N   . TYR A 1 11 ? -0.926  -6.220  -1.681  1.00 26.51 ? 11  TYR A N   1 
ATOM   52   C  CA  . TYR A 1 11 ? -1.012  -7.660  -1.899  1.00 26.31 ? 11  TYR A CA  1 
ATOM   53   C  C   . TYR A 1 11 ? -0.705  -8.428  -0.620  1.00 27.15 ? 11  TYR A C   1 
ATOM   54   O  O   . TYR A 1 11 ? 0.310   -8.186  0.035   1.00 27.86 ? 11  TYR A O   1 
ATOM   55   C  CB  . TYR A 1 11 ? -0.040  -8.095  -3.002  1.00 35.02 ? 11  TYR A CB  1 
ATOM   56   C  CG  . TYR A 1 11 ? -0.146  -9.567  -3.346  1.00 31.45 ? 11  TYR A CG  1 
ATOM   57   C  CD1 . TYR A 1 11 ? -1.315  -10.090 -3.903  1.00 31.49 ? 11  TYR A CD1 1 
ATOM   58   C  CD2 . TYR A 1 11 ? 0.913   -10.441 -3.093  1.00 39.96 ? 11  TYR A CD2 1 
ATOM   59   C  CE1 . TYR A 1 11 ? -1.428  -11.452 -4.198  1.00 31.77 ? 11  TYR A CE1 1 
ATOM   60   C  CE2 . TYR A 1 11 ? 0.813   -11.801 -3.385  1.00 37.81 ? 11  TYR A CE2 1 
ATOM   61   C  CZ  . TYR A 1 11 ? -0.361  -12.300 -3.935  1.00 43.78 ? 11  TYR A CZ  1 
ATOM   62   O  OH  . TYR A 1 11 ? -0.468  -13.641 -4.219  1.00 48.21 ? 11  TYR A OH  1 
ATOM   63   N  N   . ASP A 1 12 ? -1.588  -9.357  -0.273  1.00 31.64 ? 12  ASP A N   1 
ATOM   64   C  CA  . ASP A 1 12 ? -1.409  -10.168 0.925   1.00 34.24 ? 12  ASP A CA  1 
ATOM   65   C  C   . ASP A 1 12 ? -0.816  -11.525 0.553   1.00 38.54 ? 12  ASP A C   1 
ATOM   66   O  O   . ASP A 1 12 ? -1.454  -12.314 -0.138  1.00 39.93 ? 12  ASP A O   1 
ATOM   67   C  CB  . ASP A 1 12 ? -2.748  -10.372 1.626   1.00 30.02 ? 12  ASP A CB  1 
ATOM   68   C  CG  . ASP A 1 12 ? -2.602  -11.098 2.948   1.00 40.28 ? 12  ASP A CG  1 
ATOM   69   O  OD1 . ASP A 1 12 ? -2.024  -12.203 2.958   1.00 38.86 ? 12  ASP A OD1 1 
ATOM   70   O  OD2 . ASP A 1 12 ? -3.062  -10.562 3.976   1.00 45.93 ? 12  ASP A OD2 1 
ATOM   71   N  N   . THR A 1 13 ? 0.399   -11.796 1.018   1.00 45.16 ? 13  THR A N   1 
ATOM   72   C  CA  . THR A 1 13 ? 1.071   -13.055 0.715   1.00 53.87 ? 13  THR A CA  1 
ATOM   73   C  C   . THR A 1 13 ? 0.312   -14.311 1.145   1.00 58.43 ? 13  THR A C   1 
ATOM   74   O  O   . THR A 1 13 ? 0.033   -15.178 0.318   1.00 63.60 ? 13  THR A O   1 
ATOM   75   C  CB  . THR A 1 13 ? 2.477   -13.093 1.339   1.00 55.10 ? 13  THR A CB  1 
ATOM   76   O  OG1 . THR A 1 13 ? 3.273   -12.044 0.772   1.00 50.59 ? 13  THR A OG1 1 
ATOM   77   C  CG2 . THR A 1 13 ? 3.147   -14.435 1.067   1.00 58.35 ? 13  THR A CG2 1 
ATOM   78   N  N   . GLU A 1 14 ? -0.015  -14.418 2.430   1.00 66.55 ? 14  GLU A N   1 
ATOM   79   C  CA  . GLU A 1 14 ? -0.738  -15.590 2.928   1.00 71.20 ? 14  GLU A CA  1 
ATOM   80   C  C   . GLU A 1 14 ? -2.206  -15.598 2.523   1.00 71.39 ? 14  GLU A C   1 
ATOM   81   O  O   . GLU A 1 14 ? -3.085  -15.925 3.317   1.00 75.48 ? 14  GLU A O   1 
ATOM   82   C  CB  . GLU A 1 14 ? -0.617  -15.696 4.450   1.00 74.25 ? 14  GLU A CB  1 
ATOM   83   C  CG  . GLU A 1 14 ? 0.499   -16.625 4.901   1.00 80.27 ? 14  GLU A CG  1 
ATOM   84   C  CD  . GLU A 1 14 ? 0.345   -18.028 4.332   1.00 84.82 ? 14  GLU A CD  1 
ATOM   85   O  OE1 . GLU A 1 14 ? -0.659  -18.699 4.655   1.00 85.79 ? 14  GLU A OE1 1 
ATOM   86   O  OE2 . GLU A 1 14 ? 1.225   -18.457 3.556   1.00 88.32 ? 14  GLU A OE2 1 
ATOM   87   N  N   . THR A 1 15 ? -2.438  -15.240 1.265   1.00 67.60 ? 15  THR A N   1 
ATOM   88   C  CA  . THR A 1 15 ? -3.754  -15.176 0.634   1.00 64.95 ? 15  THR A CA  1 
ATOM   89   C  C   . THR A 1 15 ? -3.493  -14.458 -0.676  1.00 61.26 ? 15  THR A C   1 
ATOM   90   O  O   . THR A 1 15 ? -3.540  -13.231 -0.725  1.00 65.48 ? 15  THR A O   1 
ATOM   91   C  CB  . THR A 1 15 ? -4.782  -14.346 1.445   1.00 65.43 ? 15  THR A CB  1 
ATOM   92   O  OG1 . THR A 1 15 ? -4.110  -13.292 2.141   1.00 66.87 ? 15  THR A OG1 1 
ATOM   93   C  CG2 . THR A 1 15 ? -5.542  -15.224 2.426   1.00 64.70 ? 15  THR A CG2 1 
ATOM   94   N  N   . GLY A 1 16 ? -3.199  -15.228 -1.721  1.00 54.33 ? 16  GLY A N   1 
ATOM   95   C  CA  . GLY A 1 16 ? -2.907  -14.664 -3.029  1.00 52.27 ? 16  GLY A CA  1 
ATOM   96   C  C   . GLY A 1 16 ? -3.908  -13.650 -3.546  1.00 44.83 ? 16  GLY A C   1 
ATOM   97   O  O   . GLY A 1 16 ? -4.248  -13.652 -4.728  1.00 51.06 ? 16  GLY A O   1 
ATOM   98   N  N   . ARG A 1 17 ? -4.368  -12.777 -2.661  1.00 41.94 ? 17  ARG A N   1 
ATOM   99   C  CA  . ARG A 1 17 ? -5.331  -11.748 -3.005  1.00 35.85 ? 17  ARG A CA  1 
ATOM   100  C  C   . ARG A 1 17 ? -4.835  -10.376 -2.585  1.00 35.66 ? 17  ARG A C   1 
ATOM   101  O  O   . ARG A 1 17 ? -3.983  -10.242 -1.701  1.00 29.60 ? 17  ARG A O   1 
ATOM   102  C  CB  . ARG A 1 17 ? -6.661  -11.993 -2.294  1.00 38.58 ? 17  ARG A CB  1 
ATOM   103  C  CG  . ARG A 1 17 ? -7.351  -13.296 -2.622  1.00 47.86 ? 17  ARG A CG  1 
ATOM   104  C  CD  . ARG A 1 17 ? -8.595  -13.447 -1.759  1.00 44.56 ? 17  ARG A CD  1 
ATOM   105  N  NE  . ARG A 1 17 ? -9.365  -14.638 -2.096  1.00 49.78 ? 17  ARG A NE  1 
ATOM   106  C  CZ  . ARG A 1 17 ? -10.031 -14.799 -3.234  1.00 53.74 ? 17  ARG A CZ  1 
ATOM   107  N  NH1 . ARG A 1 17 ? -10.024 -13.842 -4.151  1.00 42.82 ? 17  ARG A NH1 1 
ATOM   108  N  NH2 . ARG A 1 17 ? -10.705 -15.917 -3.454  1.00 53.79 ? 17  ARG A NH2 1 
ATOM   109  N  N   . TYR A 1 18 ? -5.381  -9.356  -3.234  1.00 33.20 ? 18  TYR A N   1 
ATOM   110  C  CA  . TYR A 1 18 ? -5.057  -7.983  -2.898  1.00 30.25 ? 18  TYR A CA  1 
ATOM   111  C  C   . TYR A 1 18 ? -6.046  -7.632  -1.801  1.00 26.15 ? 18  TYR A C   1 
ATOM   112  O  O   . TYR A 1 18 ? -7.122  -8.230  -1.713  1.00 26.85 ? 18  TYR A O   1 
ATOM   113  C  CB  . TYR A 1 18 ? -5.245  -7.071  -4.117  1.00 22.61 ? 18  TYR A CB  1 
ATOM   114  C  CG  . TYR A 1 18 ? -3.968  -6.897  -4.900  1.00 27.48 ? 18  TYR A CG  1 
ATOM   115  C  CD1 . TYR A 1 18 ? -3.017  -5.950  -4.515  1.00 18.75 ? 18  TYR A CD1 1 
ATOM   116  C  CD2 . TYR A 1 18 ? -3.659  -7.745  -5.961  1.00 22.13 ? 18  TYR A CD2 1 
ATOM   117  C  CE1 . TYR A 1 18 ? -1.788  -5.858  -5.163  1.00 23.78 ? 18  TYR A CE1 1 
ATOM   118  C  CE2 . TYR A 1 18 ? -2.436  -7.665  -6.612  1.00 22.87 ? 18  TYR A CE2 1 
ATOM   119  C  CZ  . TYR A 1 18 ? -1.505  -6.724  -6.210  1.00 24.82 ? 18  TYR A CZ  1 
ATOM   120  O  OH  . TYR A 1 18 ? -0.290  -6.659  -6.849  1.00 26.16 ? 18  TYR A OH  1 
ATOM   121  N  N   . ASP A 1 19 ? -5.680  -6.689  -0.947  1.00 30.11 ? 19  ASP A N   1 
ATOM   122  C  CA  . ASP A 1 19 ? -6.565  -6.294  0.134   1.00 30.45 ? 19  ASP A CA  1 
ATOM   123  C  C   . ASP A 1 19 ? -6.479  -4.791  0.310   1.00 23.52 ? 19  ASP A C   1 
ATOM   124  O  O   . ASP A 1 19 ? -5.639  -4.133  -0.301  1.00 20.46 ? 19  ASP A O   1 
ATOM   125  C  CB  . ASP A 1 19 ? -6.168  -7.018  1.424   1.00 32.48 ? 19  ASP A CB  1 
ATOM   126  C  CG  . ASP A 1 19 ? -7.234  -6.926  2.503   1.00 30.12 ? 19  ASP A CG  1 
ATOM   127  O  OD1 . ASP A 1 19 ? -8.359  -6.473  2.207   1.00 33.63 ? 19  ASP A OD1 1 
ATOM   128  O  OD2 . ASP A 1 19 ? -6.941  -7.321  3.651   1.00 42.13 ? 19  ASP A OD2 1 
ATOM   129  N  N   . ILE A 1 20 ? -7.352  -4.249  1.145   1.00 25.25 ? 20  ILE A N   1 
ATOM   130  C  CA  . ILE A 1 20 ? -7.366  -2.819  1.380   1.00 24.19 ? 20  ILE A CA  1 
ATOM   131  C  C   . ILE A 1 20 ? -7.251  -2.496  2.859   1.00 29.20 ? 20  ILE A C   1 
ATOM   132  O  O   . ILE A 1 20 ? -8.017  -3.001  3.677   1.00 27.71 ? 20  ILE A O   1 
ATOM   133  C  CB  . ILE A 1 20 ? -8.659  -2.192  0.851   1.00 22.17 ? 20  ILE A CB  1 
ATOM   134  C  CG1 . ILE A 1 20 ? -8.727  -2.354  -0.673  1.00 20.97 ? 20  ILE A CG1 1 
ATOM   135  C  CG2 . ILE A 1 20 ? -8.726  -0.727  1.251   1.00 19.34 ? 20  ILE A CG2 1 
ATOM   136  C  CD1 . ILE A 1 20 ? -10.043 -1.938  -1.270  1.00 24.37 ? 20  ILE A CD1 1 
ATOM   137  N  N   . ARG A 1 21 ? -6.281  -1.658  3.196   1.00 21.59 ? 21  ARG A N   1 
ATOM   138  C  CA  . ARG A 1 21 ? -6.093  -1.245  4.575   1.00 23.63 ? 21  ARG A CA  1 
ATOM   139  C  C   . ARG A 1 21 ? -6.780  0.106   4.746   1.00 26.38 ? 21  ARG A C   1 
ATOM   140  O  O   . ARG A 1 21 ? -6.387  1.092   4.117   1.00 23.98 ? 21  ARG A O   1 
ATOM   141  C  CB  . ARG A 1 21 ? -4.612  -1.100  4.907   1.00 27.87 ? 21  ARG A CB  1 
ATOM   142  C  CG  . ARG A 1 21 ? -4.394  -0.482  6.278   1.00 36.84 ? 21  ARG A CG  1 
ATOM   143  C  CD  . ARG A 1 21 ? -3.095  0.293   6.336   1.00 47.42 ? 21  ARG A CD  1 
ATOM   144  N  NE  . ARG A 1 21 ? -1.945  -0.571  6.560   1.00 49.71 ? 21  ARG A NE  1 
ATOM   145  C  CZ  . ARG A 1 21 ? -1.788  -1.323  7.644   1.00 41.78 ? 21  ARG A CZ  1 
ATOM   146  N  NH1 . ARG A 1 21 ? -2.719  -1.308  8.588   1.00 23.22 ? 21  ARG A NH1 1 
ATOM   147  N  NH2 . ARG A 1 21 ? -0.696  -2.068  7.790   1.00 20.49 ? 21  ARG A NH2 1 
ATOM   148  N  N   . PHE A 1 22 ? -7.803  0.147   5.596   1.00 27.76 ? 22  PHE A N   1 
ATOM   149  C  CA  . PHE A 1 22 ? -8.541  1.380   5.838   1.00 26.98 ? 22  PHE A CA  1 
ATOM   150  C  C   . PHE A 1 22 ? -8.001  2.138   7.041   1.00 32.26 ? 22  PHE A C   1 
ATOM   151  O  O   . PHE A 1 22 ? -7.967  3.368   7.051   1.00 33.82 ? 22  PHE A O   1 
ATOM   152  C  CB  . PHE A 1 22 ? -10.021 1.075   6.077   1.00 36.06 ? 22  PHE A CB  1 
ATOM   153  C  CG  . PHE A 1 22 ? -10.732 0.528   4.878   1.00 25.01 ? 22  PHE A CG  1 
ATOM   154  C  CD1 . PHE A 1 22 ? -10.870 1.291   3.725   1.00 30.30 ? 22  PHE A CD1 1 
ATOM   155  C  CD2 . PHE A 1 22 ? -11.284 -0.746  4.907   1.00 26.59 ? 22  PHE A CD2 1 
ATOM   156  C  CE1 . PHE A 1 22 ? -11.550 0.793   2.616   1.00 30.44 ? 22  PHE A CE1 1 
ATOM   157  C  CE2 . PHE A 1 22 ? -11.966 -1.255  3.804   1.00 30.25 ? 22  PHE A CE2 1 
ATOM   158  C  CZ  . PHE A 1 22 ? -12.099 -0.484  2.657   1.00 29.06 ? 22  PHE A CZ  1 
ATOM   159  N  N   . ASP A 1 23 ? -7.582  1.396   8.056   1.00 27.10 ? 23  ASP A N   1 
ATOM   160  C  CA  . ASP A 1 23 ? -7.069  2.001   9.275   1.00 38.14 ? 23  ASP A CA  1 
ATOM   161  C  C   . ASP A 1 23 ? -5.848  1.223   9.738   1.00 36.48 ? 23  ASP A C   1 
ATOM   162  O  O   . ASP A 1 23 ? -5.499  0.199   9.152   1.00 32.81 ? 23  ASP A O   1 
ATOM   163  C  CB  . ASP A 1 23 ? -8.152  1.965   10.359  1.00 40.29 ? 23  ASP A CB  1 
ATOM   164  C  CG  . ASP A 1 23 ? -8.198  3.231   11.181  1.00 58.02 ? 23  ASP A CG  1 
ATOM   165  O  OD1 . ASP A 1 23 ? -7.148  3.621   11.735  1.00 63.91 ? 23  ASP A OD1 1 
ATOM   166  O  OD2 . ASP A 1 23 ? -9.288  3.834   11.277  1.00 62.39 ? 23  ASP A OD2 1 
ATOM   167  N  N   . LEU A 1 24 ? -5.205  1.707   10.793  1.00 33.23 ? 24  LEU A N   1 
ATOM   168  C  CA  . LEU A 1 24 ? -4.023  1.048   11.328  1.00 36.12 ? 24  LEU A CA  1 
ATOM   169  C  C   . LEU A 1 24 ? -4.285  -0.447  11.536  1.00 40.52 ? 24  LEU A C   1 
ATOM   170  O  O   . LEU A 1 24 ? -3.413  -1.279  11.286  1.00 36.95 ? 24  LEU A O   1 
ATOM   171  C  CB  . LEU A 1 24 ? -3.618  1.707   12.650  1.00 36.18 ? 24  LEU A CB  1 
ATOM   172  C  CG  . LEU A 1 24 ? -2.257  1.332   13.235  1.00 40.66 ? 24  LEU A CG  1 
ATOM   173  C  CD1 . LEU A 1 24 ? -1.167  1.573   12.203  1.00 39.01 ? 24  LEU A CD1 1 
ATOM   174  C  CD2 . LEU A 1 24 ? -1.998  2.158   14.488  1.00 44.39 ? 24  LEU A CD2 1 
ATOM   175  N  N   . GLU A 1 25 ? -5.492  -0.784  11.978  1.00 39.33 ? 25  GLU A N   1 
ATOM   176  C  CA  . GLU A 1 25 ? -5.856  -2.180  12.208  1.00 46.16 ? 25  GLU A CA  1 
ATOM   177  C  C   . GLU A 1 25 ? -7.243  -2.523  11.672  1.00 45.48 ? 25  GLU A C   1 
ATOM   178  O  O   . GLU A 1 25 ? -8.003  -3.255  12.305  1.00 45.96 ? 25  GLU A O   1 
ATOM   179  C  CB  . GLU A 1 25 ? -5.787  -2.509  13.701  1.00 53.29 ? 25  GLU A CB  1 
ATOM   180  C  CG  . GLU A 1 25 ? -4.376  -2.716  14.225  1.00 61.82 ? 25  GLU A CG  1 
ATOM   181  C  CD  . GLU A 1 25 ? -3.643  -3.828  13.491  1.00 70.20 ? 25  GLU A CD  1 
ATOM   182  O  OE1 . GLU A 1 25 ? -4.191  -4.948  13.401  1.00 75.39 ? 25  GLU A OE1 1 
ATOM   183  O  OE2 . GLU A 1 25 ? -2.517  -3.582  13.008  1.00 66.49 ? 25  GLU A OE2 1 
ATOM   184  N  N   . SER A 1 26 ? -7.564  -1.990  10.499  1.00 38.77 ? 26  SER A N   1 
ATOM   185  C  CA  . SER A 1 26 ? -8.853  -2.239  9.864   1.00 31.59 ? 26  SER A CA  1 
ATOM   186  C  C   . SER A 1 26 ? -8.600  -2.575  8.399   1.00 37.46 ? 26  SER A C   1 
ATOM   187  O  O   . SER A 1 26 ? -8.133  -1.727  7.639   1.00 26.09 ? 26  SER A O   1 
ATOM   188  C  CB  . SER A 1 26 ? -9.736  -0.997  9.974   1.00 29.07 ? 26  SER A CB  1 
ATOM   189  O  OG  . SER A 1 26 ? -10.961 -1.184  9.288   1.00 42.45 ? 26  SER A OG  1 
ATOM   190  N  N   . PHE A 1 27 ? -8.911  -3.813  8.016   1.00 31.10 ? 27  PHE A N   1 
ATOM   191  C  CA  . PHE A 1 27 ? -8.698  -4.285  6.651   1.00 32.90 ? 27  PHE A CA  1 
ATOM   192  C  C   . PHE A 1 27 ? -10.005 -4.746  6.013   1.00 38.05 ? 27  PHE A C   1 
ATOM   193  O  O   . PHE A 1 27 ? -10.944 -5.125  6.714   1.00 42.08 ? 27  PHE A O   1 
ATOM   194  C  CB  . PHE A 1 27 ? -7.700  -5.447  6.665   1.00 34.91 ? 27  PHE A CB  1 
ATOM   195  C  CG  . PHE A 1 27 ? -6.347  -5.078  7.207   1.00 36.79 ? 27  PHE A CG  1 
ATOM   196  C  CD1 . PHE A 1 27 ? -5.295  -4.783  6.346   1.00 27.89 ? 27  PHE A CD1 1 
ATOM   197  C  CD2 . PHE A 1 27 ? -6.125  -5.012  8.579   1.00 32.56 ? 27  PHE A CD2 1 
ATOM   198  C  CE1 . PHE A 1 27 ? -4.043  -4.428  6.839   1.00 29.67 ? 27  PHE A CE1 1 
ATOM   199  C  CE2 . PHE A 1 27 ? -4.874  -4.656  9.085   1.00 30.86 ? 27  PHE A CE2 1 
ATOM   200  C  CZ  . PHE A 1 27 ? -3.829  -4.364  8.212   1.00 31.21 ? 27  PHE A CZ  1 
ATOM   201  N  N   . TYR A 1 28 ? -10.065 -4.719  4.685   1.00 32.44 ? 28  TYR A N   1 
ATOM   202  C  CA  . TYR A 1 28 ? -11.270 -5.139  3.972   1.00 31.31 ? 28  TYR A CA  1 
ATOM   203  C  C   . TYR A 1 28 ? -11.485 -6.648  4.104   1.00 34.71 ? 28  TYR A C   1 
ATOM   204  O  O   . TYR A 1 28 ? -12.620 -7.114  4.190   1.00 37.95 ? 28  TYR A O   1 
ATOM   205  C  CB  . TYR A 1 28 ? -11.176 -4.752  2.492   1.00 28.86 ? 28  TYR A CB  1 
ATOM   206  C  CG  . TYR A 1 28 ? -12.402 -5.124  1.690   1.00 34.44 ? 28  TYR A CG  1 
ATOM   207  C  CD1 . TYR A 1 28 ? -13.628 -4.503  1.927   1.00 41.23 ? 28  TYR A CD1 1 
ATOM   208  C  CD2 . TYR A 1 28 ? -12.345 -6.113  0.711   1.00 30.72 ? 28  TYR A CD2 1 
ATOM   209  C  CE1 . TYR A 1 28 ? -14.767 -4.862  1.211   1.00 49.35 ? 28  TYR A CE1 1 
ATOM   210  C  CE2 . TYR A 1 28 ? -13.479 -6.479  -0.011  1.00 38.96 ? 28  TYR A CE2 1 
ATOM   211  C  CZ  . TYR A 1 28 ? -14.684 -5.851  0.245   1.00 39.12 ? 28  TYR A CZ  1 
ATOM   212  O  OH  . TYR A 1 28 ? -15.813 -6.219  -0.447  1.00 38.14 ? 28  TYR A OH  1 
ATOM   213  N  N   . GLY A 1 29 ? -10.393 -7.408  4.115   1.00 36.21 ? 29  GLY A N   1 
ATOM   214  C  CA  . GLY A 1 29 ? -10.508 -8.850  4.257   1.00 42.20 ? 29  GLY A CA  1 
ATOM   215  C  C   . GLY A 1 29 ? -10.162 -9.643  3.014   1.00 43.72 ? 29  GLY A C   1 
ATOM   216  O  O   . GLY A 1 29 ? -10.109 -10.873 3.052   1.00 45.08 ? 29  GLY A O   1 
ATOM   217  N  N   . GLY A 1 30 ? -9.929  -8.948  1.907   1.00 44.59 ? 30  GLY A N   1 
ATOM   218  C  CA  . GLY A 1 30 ? -9.588  -9.633  0.675   1.00 37.88 ? 30  GLY A CA  1 
ATOM   219  C  C   . GLY A 1 30 ? -10.558 -9.357  -0.455  1.00 33.92 ? 30  GLY A C   1 
ATOM   220  O  O   . GLY A 1 30 ? -11.758 -9.598  -0.332  1.00 35.24 ? 30  GLY A O   1 
ATOM   221  N  N   . LEU A 1 31 ? -10.025 -8.847  -1.561  1.00 31.04 ? 31  LEU A N   1 
ATOM   222  C  CA  . LEU A 1 31 ? -10.816 -8.533  -2.744  1.00 28.60 ? 31  LEU A CA  1 
ATOM   223  C  C   . LEU A 1 31 ? -11.015 -9.769  -3.619  1.00 25.23 ? 31  LEU A C   1 
ATOM   224  O  O   . LEU A 1 31 ? -10.079 -10.526 -3.853  1.00 24.44 ? 31  LEU A O   1 
ATOM   225  C  CB  . LEU A 1 31 ? -10.112 -7.458  -3.566  1.00 23.72 ? 31  LEU A CB  1 
ATOM   226  C  CG  . LEU A 1 31 ? -9.949  -6.095  -2.896  1.00 20.06 ? 31  LEU A CG  1 
ATOM   227  C  CD1 . LEU A 1 31 ? -9.015  -5.224  -3.733  1.00 27.53 ? 31  LEU A CD1 1 
ATOM   228  C  CD2 . LEU A 1 31 ? -11.302 -5.438  -2.749  1.00 20.47 ? 31  LEU A CD2 1 
ATOM   229  N  N   . HIS A 1 32 ? -12.234 -9.961  -4.107  1.00 32.91 ? 32  HIS A N   1 
ATOM   230  C  CA  . HIS A 1 32 ? -12.542 -11.100 -4.967  1.00 37.53 ? 32  HIS A CA  1 
ATOM   231  C  C   . HIS A 1 32 ? -12.734 -10.601 -6.394  1.00 32.01 ? 32  HIS A C   1 
ATOM   232  O  O   . HIS A 1 32 ? -13.063 -9.428  -6.600  1.00 33.61 ? 32  HIS A O   1 
ATOM   233  C  CB  . HIS A 1 32 ? -13.816 -11.790 -4.484  1.00 39.60 ? 32  HIS A CB  1 
ATOM   234  C  CG  . HIS A 1 32 ? -13.751 -12.245 -3.061  1.00 52.56 ? 32  HIS A CG  1 
ATOM   235  N  ND1 . HIS A 1 32 ? -12.796 -13.127 -2.605  1.00 59.32 ? 32  HIS A ND1 1 
ATOM   236  C  CD2 . HIS A 1 32 ? -14.520 -11.934 -1.990  1.00 59.69 ? 32  HIS A CD2 1 
ATOM   237  C  CE1 . HIS A 1 32 ? -12.977 -13.338 -1.314  1.00 64.07 ? 32  HIS A CE1 1 
ATOM   238  N  NE2 . HIS A 1 32 ? -14.015 -12.627 -0.917  1.00 68.62 ? 32  HIS A NE2 1 
ATOM   239  N  N   . CYS A 1 33 ? -12.529 -11.476 -7.376  1.00 29.31 ? 33  CYS A N   1 
ATOM   240  C  CA  . CYS A 1 33 ? -12.700 -11.080 -8.769  1.00 28.16 ? 33  CYS A CA  1 
ATOM   241  C  C   . CYS A 1 33 ? -14.033 -10.370 -8.961  1.00 31.89 ? 33  CYS A C   1 
ATOM   242  O  O   . CYS A 1 33 ? -15.044 -10.767 -8.387  1.00 34.24 ? 33  CYS A O   1 
ATOM   243  C  CB  . CYS A 1 33 ? -12.637 -12.298 -9.695  1.00 38.96 ? 33  CYS A CB  1 
ATOM   244  S  SG  . CYS A 1 33 ? -10.990 -13.000 -9.894  1.00 45.75 ? 33  CYS A SG  1 
ATOM   245  N  N   . GLY A 1 34 ? -14.022 -9.306  -9.754  1.00 27.65 ? 34  GLY A N   1 
ATOM   246  C  CA  . GLY A 1 34 ? -15.246 -8.571  -10.012 1.00 30.64 ? 34  GLY A CA  1 
ATOM   247  C  C   . GLY A 1 34 ? -15.546 -7.403  -9.088  1.00 30.29 ? 34  GLY A C   1 
ATOM   248  O  O   . GLY A 1 34 ? -16.384 -6.563  -9.415  1.00 28.45 ? 34  GLY A O   1 
ATOM   249  N  N   . GLU A 1 35 ? -14.877 -7.328  -7.942  1.00 31.01 ? 35  GLU A N   1 
ATOM   250  C  CA  . GLU A 1 35 ? -15.139 -6.230  -7.017  1.00 32.75 ? 35  GLU A CA  1 
ATOM   251  C  C   . GLU A 1 35 ? -14.709 -4.885  -7.596  1.00 29.60 ? 35  GLU A C   1 
ATOM   252  O  O   . GLU A 1 35 ? -13.629 -4.753  -8.167  1.00 25.79 ? 35  GLU A O   1 
ATOM   253  C  CB  . GLU A 1 35 ? -14.447 -6.486  -5.675  1.00 29.60 ? 35  GLU A CB  1 
ATOM   254  C  CG  . GLU A 1 35 ? -14.967 -7.737  -4.987  1.00 39.33 ? 35  GLU A CG  1 
ATOM   255  C  CD  . GLU A 1 35 ? -14.772 -7.715  -3.487  1.00 36.58 ? 35  GLU A CD  1 
ATOM   256  O  OE1 . GLU A 1 35 ? -15.357 -6.830  -2.827  1.00 51.03 ? 35  GLU A OE1 1 
ATOM   257  O  OE2 . GLU A 1 35 ? -14.039 -8.582  -2.967  1.00 35.70 ? 35  GLU A OE2 1 
ATOM   258  N  N   . CYS A 1 36 ? -15.575 -3.890  -7.446  1.00 25.98 ? 36  CYS A N   1 
ATOM   259  C  CA  . CYS A 1 36 ? -15.317 -2.552  -7.965  1.00 27.94 ? 36  CYS A CA  1 
ATOM   260  C  C   . CYS A 1 36 ? -15.008 -1.530  -6.870  1.00 27.77 ? 36  CYS A C   1 
ATOM   261  O  O   . CYS A 1 36 ? -15.472 -1.650  -5.735  1.00 23.92 ? 36  CYS A O   1 
ATOM   262  C  CB  . CYS A 1 36 ? -16.526 -2.082  -8.772  1.00 37.85 ? 36  CYS A CB  1 
ATOM   263  S  SG  . CYS A 1 36 ? -18.078 -2.222  -7.861  1.00 59.48 ? 36  CYS A SG  1 
ATOM   264  N  N   . PHE A 1 37 ? -14.219 -0.523  -7.236  1.00 29.55 ? 37  PHE A N   1 
ATOM   265  C  CA  . PHE A 1 37 ? -13.819 0.551   -6.331  1.00 18.69 ? 37  PHE A CA  1 
ATOM   266  C  C   . PHE A 1 37 ? -13.126 1.634   -7.164  1.00 21.15 ? 37  PHE A C   1 
ATOM   267  O  O   . PHE A 1 37 ? -12.886 1.425   -8.352  1.00 19.95 ? 37  PHE A O   1 
ATOM   268  C  CB  . PHE A 1 37 ? -12.877 0.005   -5.250  1.00 13.84 ? 37  PHE A CB  1 
ATOM   269  C  CG  . PHE A 1 37 ? -11.660 -0.702  -5.792  1.00 25.70 ? 37  PHE A CG  1 
ATOM   270  C  CD1 . PHE A 1 37 ? -10.534 0.016   -6.191  1.00 14.78 ? 37  PHE A CD1 1 
ATOM   271  C  CD2 . PHE A 1 37 ? -11.641 -2.092  -5.895  1.00 23.77 ? 37  PHE A CD2 1 
ATOM   272  C  CE1 . PHE A 1 37 ? -9.404  -0.641  -6.685  1.00 22.92 ? 37  PHE A CE1 1 
ATOM   273  C  CE2 . PHE A 1 37 ? -10.519 -2.760  -6.387  1.00 28.76 ? 37  PHE A CE2 1 
ATOM   274  C  CZ  . PHE A 1 37 ? -9.397  -2.033  -6.783  1.00 25.95 ? 37  PHE A CZ  1 
ATOM   275  N  N   . ASP A 1 38 ? -12.828 2.786   -6.563  1.00 18.43 ? 38  ASP A N   1 
ATOM   276  C  CA  . ASP A 1 38 ? -12.157 3.865   -7.294  1.00 17.77 ? 38  ASP A CA  1 
ATOM   277  C  C   . ASP A 1 38 ? -10.684 3.936   -6.917  1.00 17.76 ? 38  ASP A C   1 
ATOM   278  O  O   . ASP A 1 38 ? -10.310 3.613   -5.792  1.00 23.98 ? 38  ASP A O   1 
ATOM   279  C  CB  . ASP A 1 38 ? -12.763 5.244   -6.988  1.00 16.97 ? 38  ASP A CB  1 
ATOM   280  C  CG  . ASP A 1 38 ? -14.213 5.376   -7.418  1.00 29.30 ? 38  ASP A CG  1 
ATOM   281  O  OD1 . ASP A 1 38 ? -14.555 4.956   -8.541  1.00 22.20 ? 38  ASP A OD1 1 
ATOM   282  O  OD2 . ASP A 1 38 ? -15.008 5.933   -6.633  1.00 27.22 ? 38  ASP A OD2 1 
ATOM   283  N  N   . VAL A 1 39 ? -9.862  4.374   -7.866  1.00 17.20 ? 39  VAL A N   1 
ATOM   284  C  CA  . VAL A 1 39 ? -8.437  4.548   -7.637  1.00 10.07 ? 39  VAL A CA  1 
ATOM   285  C  C   . VAL A 1 39 ? -8.163  6.041   -7.740  1.00 13.32 ? 39  VAL A C   1 
ATOM   286  O  O   . VAL A 1 39 ? -8.635  6.708   -8.665  1.00 15.99 ? 39  VAL A O   1 
ATOM   287  C  CB  . VAL A 1 39 ? -7.562  3.849   -8.702  1.00 15.55 ? 39  VAL A CB  1 
ATOM   288  C  CG1 . VAL A 1 39 ? -6.090  4.261   -8.500  1.00 12.78 ? 39  VAL A CG1 1 
ATOM   289  C  CG2 . VAL A 1 39 ? -7.702  2.335   -8.603  1.00 20.70 ? 39  VAL A CG2 1 
ATOM   290  N  N   . LYS A 1 40 ? -7.401  6.560   -6.789  1.00 14.68 ? 40  LYS A N   1 
ATOM   291  C  CA  . LYS A 1 40 ? -7.064  7.970   -6.781  1.00 18.00 ? 40  LYS A CA  1 
ATOM   292  C  C   . LYS A 1 40 ? -5.952  8.228   -7.796  1.00 18.31 ? 40  LYS A C   1 
ATOM   293  O  O   . LYS A 1 40 ? -4.905  7.575   -7.771  1.00 17.03 ? 40  LYS A O   1 
ATOM   294  C  CB  . LYS A 1 40 ? -6.602  8.382   -5.383  1.00 16.13 ? 40  LYS A CB  1 
ATOM   295  C  CG  . LYS A 1 40 ? -6.306  9.862   -5.219  1.00 34.54 ? 40  LYS A CG  1 
ATOM   296  C  CD  . LYS A 1 40 ? -7.577  10.686  -5.271  1.00 36.27 ? 40  LYS A CD  1 
ATOM   297  C  CE  . LYS A 1 40 ? -7.285  12.159  -5.010  1.00 53.79 ? 40  LYS A CE  1 
ATOM   298  N  NZ  . LYS A 1 40 ? -6.608  12.375  -3.699  1.00 44.87 ? 40  LYS A NZ  1 
ATOM   299  N  N   . VAL A 1 41 ? -6.204  9.161   -8.705  1.00 18.88 ? 41  VAL A N   1 
ATOM   300  C  CA  . VAL A 1 41 ? -5.232  9.541   -9.717  1.00 18.26 ? 41  VAL A CA  1 
ATOM   301  C  C   . VAL A 1 41 ? -5.176  11.053  -9.636  1.00 20.08 ? 41  VAL A C   1 
ATOM   302  O  O   . VAL A 1 41 ? -6.087  11.751  -10.095 1.00 20.13 ? 41  VAL A O   1 
ATOM   303  C  CB  . VAL A 1 41 ? -5.670  9.112   -11.122 1.00 23.14 ? 41  VAL A CB  1 
ATOM   304  C  CG1 . VAL A 1 41 ? -4.632  9.558   -12.144 1.00 25.59 ? 41  VAL A CG1 1 
ATOM   305  C  CG2 . VAL A 1 41 ? -5.849  7.606   -11.163 1.00 20.52 ? 41  VAL A CG2 1 
ATOM   306  N  N   . LYS A 1 42 ? -4.101  11.546  -9.033  1.00 21.32 ? 42  LYS A N   1 
ATOM   307  C  CA  . LYS A 1 42 ? -3.908  12.972  -8.824  1.00 27.30 ? 42  LYS A CA  1 
ATOM   308  C  C   . LYS A 1 42 ? -5.085  13.495  -7.999  1.00 25.36 ? 42  LYS A C   1 
ATOM   309  O  O   . LYS A 1 42 ? -5.183  13.198  -6.811  1.00 32.35 ? 42  LYS A O   1 
ATOM   310  C  CB  . LYS A 1 42 ? -3.793  13.717  -10.159 1.00 25.68 ? 42  LYS A CB  1 
ATOM   311  C  CG  . LYS A 1 42 ? -3.243  15.129  -10.009 1.00 28.13 ? 42  LYS A CG  1 
ATOM   312  C  CD  . LYS A 1 42 ? -3.010  15.796  -11.356 1.00 41.40 ? 42  LYS A CD  1 
ATOM   313  C  CE  . LYS A 1 42 ? -2.457  17.208  -11.184 1.00 40.84 ? 42  LYS A CE  1 
ATOM   314  N  NZ  . LYS A 1 42 ? -2.185  17.869  -12.494 1.00 38.94 ? 42  LYS A NZ  1 
ATOM   315  N  N   . ASP A 1 43 ? -5.989  14.246  -8.618  1.00 20.74 ? 43  ASP A N   1 
ATOM   316  C  CA  . ASP A 1 43 ? -7.132  14.786  -7.886  1.00 33.53 ? 43  ASP A CA  1 
ATOM   317  C  C   . ASP A 1 43 ? -8.449  14.127  -8.287  1.00 37.81 ? 43  ASP A C   1 
ATOM   318  O  O   . ASP A 1 43 ? -9.522  14.554  -7.862  1.00 33.18 ? 43  ASP A O   1 
ATOM   319  C  CB  . ASP A 1 43 ? -7.242  16.290  -8.132  1.00 46.19 ? 43  ASP A CB  1 
ATOM   320  C  CG  . ASP A 1 43 ? -7.448  16.623  -9.599  1.00 55.91 ? 43  ASP A CG  1 
ATOM   321  O  OD1 . ASP A 1 43 ? -6.561  16.293  -10.419 1.00 55.06 ? 43  ASP A OD1 1 
ATOM   322  O  OD2 . ASP A 1 43 ? -8.498  17.211  -9.934  1.00 66.31 ? 43  ASP A OD2 1 
ATOM   323  N  N   . VAL A 1 44 ? -8.367  13.081  -9.102  1.00 30.38 ? 44  VAL A N   1 
ATOM   324  C  CA  . VAL A 1 44 ? -9.566  12.403  -9.573  1.00 27.35 ? 44  VAL A CA  1 
ATOM   325  C  C   . VAL A 1 44 ? -9.661  10.949  -9.141  1.00 31.59 ? 44  VAL A C   1 
ATOM   326  O  O   . VAL A 1 44 ? -8.648  10.288  -8.928  1.00 25.16 ? 44  VAL A O   1 
ATOM   327  C  CB  . VAL A 1 44 ? -9.637  12.455  -11.111 1.00 27.97 ? 44  VAL A CB  1 
ATOM   328  C  CG1 . VAL A 1 44 ? -10.861 11.723  -11.604 1.00 35.77 ? 44  VAL A CG1 1 
ATOM   329  C  CG2 . VAL A 1 44 ? -9.660  13.909  -11.574 1.00 33.97 ? 44  VAL A CG2 1 
ATOM   330  N  N   . TRP A 1 45 ? -10.895 10.464  -9.014  1.00 24.77 ? 45  TRP A N   1 
ATOM   331  C  CA  . TRP A 1 45 ? -11.146 9.081   -8.648  1.00 22.95 ? 45  TRP A CA  1 
ATOM   332  C  C   . TRP A 1 45 ? -11.578 8.357   -9.917  1.00 26.21 ? 45  TRP A C   1 
ATOM   333  O  O   . TRP A 1 45 ? -12.559 8.743   -10.554 1.00 24.83 ? 45  TRP A O   1 
ATOM   334  C  CB  . TRP A 1 45 ? -12.248 8.988   -7.591  1.00 19.45 ? 45  TRP A CB  1 
ATOM   335  C  CG  . TRP A 1 45 ? -11.847 9.521   -6.256  1.00 26.39 ? 45  TRP A CG  1 
ATOM   336  C  CD1 . TRP A 1 45 ? -12.155 10.745  -5.731  1.00 29.11 ? 45  TRP A CD1 1 
ATOM   337  C  CD2 . TRP A 1 45 ? -11.072 8.841   -5.262  1.00 25.94 ? 45  TRP A CD2 1 
ATOM   338  N  NE1 . TRP A 1 45 ? -11.624 10.866  -4.464  1.00 25.77 ? 45  TRP A NE1 1 
ATOM   339  C  CE2 . TRP A 1 45 ? -10.957 9.711   -4.151  1.00 29.23 ? 45  TRP A CE2 1 
ATOM   340  C  CE3 . TRP A 1 45 ? -10.468 7.579   -5.198  1.00 19.76 ? 45  TRP A CE3 1 
ATOM   341  C  CZ2 . TRP A 1 45 ? -10.257 9.356   -2.989  1.00 18.35 ? 45  TRP A CZ2 1 
ATOM   342  C  CZ3 . TRP A 1 45 ? -9.772  7.227   -4.045  1.00 24.39 ? 45  TRP A CZ3 1 
ATOM   343  C  CH2 . TRP A 1 45 ? -9.677  8.113   -2.955  1.00 25.15 ? 45  TRP A CH2 1 
ATOM   344  N  N   . VAL A 1 46 ? -10.839 7.310   -10.279 1.00 22.92 ? 46  VAL A N   1 
ATOM   345  C  CA  . VAL A 1 46 ? -11.119 6.533   -11.482 1.00 20.50 ? 46  VAL A CA  1 
ATOM   346  C  C   . VAL A 1 46 ? -11.765 5.197   -11.130 1.00 18.37 ? 46  VAL A C   1 
ATOM   347  O  O   . VAL A 1 46 ? -11.217 4.427   -10.344 1.00 15.08 ? 46  VAL A O   1 
ATOM   348  C  CB  . VAL A 1 46 ? -9.810  6.244   -12.262 1.00 32.92 ? 46  VAL A CB  1 
ATOM   349  C  CG1 . VAL A 1 46 ? -10.122 5.511   -13.562 1.00 23.81 ? 46  VAL A CG1 1 
ATOM   350  C  CG2 . VAL A 1 46 ? -9.063  7.546   -12.532 1.00 28.35 ? 46  VAL A CG2 1 
ATOM   351  N  N   . PRO A 1 47 ? -12.940 4.903   -11.715 1.00 17.00 ? 47  PRO A N   1 
ATOM   352  C  CA  . PRO A 1 47 ? -13.632 3.641   -11.439 1.00 18.79 ? 47  PRO A CA  1 
ATOM   353  C  C   . PRO A 1 47 ? -12.922 2.450   -12.072 1.00 16.87 ? 47  PRO A C   1 
ATOM   354  O  O   . PRO A 1 47 ? -12.608 2.459   -13.264 1.00 22.41 ? 47  PRO A O   1 
ATOM   355  C  CB  . PRO A 1 47 ? -15.017 3.869   -12.042 1.00 23.03 ? 47  PRO A CB  1 
ATOM   356  C  CG  . PRO A 1 47 ? -14.719 4.744   -13.213 1.00 18.82 ? 47  PRO A CG  1 
ATOM   357  C  CD  . PRO A 1 47 ? -13.737 5.748   -12.621 1.00 22.29 ? 47  PRO A CD  1 
ATOM   358  N  N   . VAL A 1 48 ? -12.659 1.429   -11.271 1.00 15.27 ? 48  VAL A N   1 
ATOM   359  C  CA  . VAL A 1 48 ? -11.994 0.240   -11.783 1.00 14.98 ? 48  VAL A CA  1 
ATOM   360  C  C   . VAL A 1 48 ? -12.661 -1.014  -11.249 1.00 21.72 ? 48  VAL A C   1 
ATOM   361  O  O   . VAL A 1 48 ? -13.514 -0.957  -10.361 1.00 22.94 ? 48  VAL A O   1 
ATOM   362  C  CB  . VAL A 1 48 ? -10.500 0.192   -11.368 1.00 15.99 ? 48  VAL A CB  1 
ATOM   363  C  CG1 . VAL A 1 48 ? -9.781  1.438   -11.840 1.00 16.83 ? 48  VAL A CG1 1 
ATOM   364  C  CG2 . VAL A 1 48 ? -10.384 0.068   -9.852  1.00 16.63 ? 48  VAL A CG2 1 
ATOM   365  N  N   . ARG A 1 49 ? -12.258 -2.151  -11.804 1.00 16.89 ? 49  ARG A N   1 
ATOM   366  C  CA  . ARG A 1 49 ? -12.775 -3.444  -11.381 1.00 24.20 ? 49  ARG A CA  1 
ATOM   367  C  C   . ARG A 1 49 ? -11.541 -4.330  -11.318 1.00 19.83 ? 49  ARG A C   1 
ATOM   368  O  O   . ARG A 1 49 ? -10.718 -4.302  -12.230 1.00 27.39 ? 49  ARG A O   1 
ATOM   369  C  CB  . ARG A 1 49 ? -13.772 -3.988  -12.416 1.00 29.89 ? 49  ARG A CB  1 
ATOM   370  C  CG  . ARG A 1 49 ? -14.513 -5.247  -11.971 1.00 30.65 ? 49  ARG A CG  1 
ATOM   371  C  CD  . ARG A 1 49 ? -15.613 -5.664  -12.958 1.00 24.47 ? 49  ARG A CD  1 
ATOM   372  N  NE  . ARG A 1 49 ? -15.086 -6.190  -14.216 1.00 25.97 ? 49  ARG A NE  1 
ATOM   373  C  CZ  . ARG A 1 49 ? -15.173 -5.563  -15.386 1.00 26.44 ? 49  ARG A CZ  1 
ATOM   374  N  NH1 . ARG A 1 49 ? -15.770 -4.382  -15.474 1.00 18.83 ? 49  ARG A NH1 1 
ATOM   375  N  NH2 . ARG A 1 49 ? -14.654 -6.113  -16.471 1.00 25.17 ? 49  ARG A NH2 1 
ATOM   376  N  N   . ILE A 1 50 ? -11.382 -5.089  -10.240 1.00 13.40 ? 50  ILE A N   1 
ATOM   377  C  CA  . ILE A 1 50 ? -10.215 -5.955  -10.154 1.00 12.35 ? 50  ILE A CA  1 
ATOM   378  C  C   . ILE A 1 50 ? -10.583 -7.330  -10.691 1.00 22.12 ? 50  ILE A C   1 
ATOM   379  O  O   . ILE A 1 50 ? -11.659 -7.850  -10.407 1.00 22.24 ? 50  ILE A O   1 
ATOM   380  C  CB  . ILE A 1 50 ? -9.673  -6.067  -8.710  1.00 14.14 ? 50  ILE A CB  1 
ATOM   381  C  CG1 . ILE A 1 50 ? -8.345  -6.826  -8.722  1.00 17.03 ? 50  ILE A CG1 1 
ATOM   382  C  CG2 . ILE A 1 50 ? -10.683 -6.767  -7.808  1.00 17.26 ? 50  ILE A CG2 1 
ATOM   383  C  CD1 . ILE A 1 50 ? -7.544  -6.675  -7.447  1.00 18.42 ? 50  ILE A CD1 1 
ATOM   384  N  N   . GLU A 1 51 ? -9.689  -7.903  -11.489 1.00 17.99 ? 51  GLU A N   1 
ATOM   385  C  CA  . GLU A 1 51 ? -9.925  -9.208  -12.092 1.00 25.09 ? 51  GLU A CA  1 
ATOM   386  C  C   . GLU A 1 51 ? -8.667  -10.058 -12.021 1.00 26.95 ? 51  GLU A C   1 
ATOM   387  O  O   . GLU A 1 51 ? -7.592  -9.569  -11.672 1.00 22.62 ? 51  GLU A O   1 
ATOM   388  C  CB  . GLU A 1 51 ? -10.337 -9.047  -13.559 1.00 20.62 ? 51  GLU A CB  1 
ATOM   389  C  CG  . GLU A 1 51 ? -11.642 -8.307  -13.781 1.00 26.46 ? 51  GLU A CG  1 
ATOM   390  C  CD  . GLU A 1 51 ? -12.865 -9.100  -13.341 1.00 31.02 ? 51  GLU A CD  1 
ATOM   391  O  OE1 . GLU A 1 51 ? -12.715 -10.264 -12.902 1.00 30.55 ? 51  GLU A OE1 1 
ATOM   392  O  OE2 . GLU A 1 51 ? -13.983 -8.552  -13.440 1.00 20.75 ? 51  GLU A OE2 1 
HETATM 393  N  N   . MSE A 1 52 ? -8.814  -11.332 -12.367 1.00 26.27 ? 52  MSE A N   1 
HETATM 394  C  CA  . MSE A 1 52 ? -7.696  -12.267 -12.349 1.00 34.93 ? 52  MSE A CA  1 
HETATM 395  C  C   . MSE A 1 52 ? -7.510  -12.952 -13.696 1.00 34.47 ? 52  MSE A C   1 
HETATM 396  O  O   . MSE A 1 52 ? -8.422  -13.605 -14.205 1.00 41.18 ? 52  MSE A O   1 
HETATM 397  C  CB  . MSE A 1 52 ? -7.920  -13.336 -11.278 1.00 30.84 ? 52  MSE A CB  1 
HETATM 398  C  CG  . MSE A 1 52 ? -6.924  -14.482 -11.325 1.00 29.09 ? 52  MSE A CG  1 
HETATM 399  SE SE  . MSE A 1 52 ? -5.282  -14.010 -10.758 1.00 43.58 ? 52  MSE A SE  1 
HETATM 400  C  CE  . MSE A 1 52 ? -5.429  -14.451 -9.067  1.00 34.25 ? 52  MSE A CE  1 
ATOM   401  N  N   . GLY A 1 53 ? -6.327  -12.784 -14.274 1.00 30.73 ? 53  GLY A N   1 
ATOM   402  C  CA  . GLY A 1 53 ? -6.006  -13.429 -15.535 1.00 36.08 ? 53  GLY A CA  1 
ATOM   403  C  C   . GLY A 1 53 ? -4.876  -14.368 -15.175 1.00 35.16 ? 53  GLY A C   1 
ATOM   404  O  O   . GLY A 1 53 ? -5.097  -15.369 -14.497 1.00 38.29 ? 53  GLY A O   1 
ATOM   405  N  N   . ASP A 1 54 ? -3.665  -14.055 -15.621 1.00 37.77 ? 54  ASP A N   1 
ATOM   406  C  CA  . ASP A 1 54 ? -2.506  -14.864 -15.268 1.00 43.70 ? 54  ASP A CA  1 
ATOM   407  C  C   . ASP A 1 54 ? -2.072  -14.313 -13.918 1.00 47.41 ? 54  ASP A C   1 
ATOM   408  O  O   . ASP A 1 54 ? -1.414  -14.988 -13.122 1.00 42.27 ? 54  ASP A O   1 
ATOM   409  C  CB  . ASP A 1 54 ? -1.386  -14.680 -16.291 1.00 51.84 ? 54  ASP A CB  1 
ATOM   410  C  CG  . ASP A 1 54 ? -1.673  -15.390 -17.596 1.00 66.81 ? 54  ASP A CG  1 
ATOM   411  O  OD1 . ASP A 1 54 ? -1.724  -16.639 -17.588 1.00 74.56 ? 54  ASP A OD1 1 
ATOM   412  O  OD2 . ASP A 1 54 ? -1.852  -14.702 -18.625 1.00 77.04 ? 54  ASP A OD2 1 
ATOM   413  N  N   . ASP A 1 55 ? -2.471  -13.068 -13.677 1.00 39.69 ? 55  ASP A N   1 
ATOM   414  C  CA  . ASP A 1 55 ? -2.167  -12.358 -12.444 1.00 40.22 ? 55  ASP A CA  1 
ATOM   415  C  C   . ASP A 1 55 ? -3.227  -11.273 -12.251 1.00 40.64 ? 55  ASP A C   1 
ATOM   416  O  O   . ASP A 1 55 ? -3.945  -10.924 -13.194 1.00 35.04 ? 55  ASP A O   1 
ATOM   417  C  CB  . ASP A 1 55 ? -0.770  -11.732 -12.533 1.00 42.16 ? 55  ASP A CB  1 
ATOM   418  C  CG  . ASP A 1 55 ? -0.324  -11.111 -11.224 1.00 51.80 ? 55  ASP A CG  1 
ATOM   419  O  OD1 . ASP A 1 55 ? -0.615  -11.698 -10.161 1.00 48.74 ? 55  ASP A OD1 1 
ATOM   420  O  OD2 . ASP A 1 55 ? 0.330   -10.046 -11.263 1.00 54.41 ? 55  ASP A OD2 1 
ATOM   421  N  N   . TRP A 1 56 ? -3.330  -10.745 -11.035 1.00 29.28 ? 56  TRP A N   1 
ATOM   422  C  CA  . TRP A 1 56 ? -4.315  -9.705  -10.743 1.00 26.32 ? 56  TRP A CA  1 
ATOM   423  C  C   . TRP A 1 56 ? -4.079  -8.450  -11.578 1.00 24.88 ? 56  TRP A C   1 
ATOM   424  O  O   . TRP A 1 56 ? -2.939  -8.024  -11.764 1.00 21.72 ? 56  TRP A O   1 
ATOM   425  C  CB  . TRP A 1 56 ? -4.270  -9.327  -9.262  1.00 26.13 ? 56  TRP A CB  1 
ATOM   426  C  CG  . TRP A 1 56 ? -4.621  -10.441 -8.337  1.00 26.92 ? 56  TRP A CG  1 
ATOM   427  C  CD1 . TRP A 1 56 ? -3.757  -11.248 -7.659  1.00 22.09 ? 56  TRP A CD1 1 
ATOM   428  C  CD2 . TRP A 1 56 ? -5.939  -10.877 -7.984  1.00 25.31 ? 56  TRP A CD2 1 
ATOM   429  N  NE1 . TRP A 1 56 ? -4.455  -12.160 -6.902  1.00 32.06 ? 56  TRP A NE1 1 
ATOM   430  C  CE2 . TRP A 1 56 ? -5.797  -11.954 -7.084  1.00 26.63 ? 56  TRP A CE2 1 
ATOM   431  C  CE3 . TRP A 1 56 ? -7.228  -10.460 -8.343  1.00 28.28 ? 56  TRP A CE3 1 
ATOM   432  C  CZ2 . TRP A 1 56 ? -6.894  -12.622 -6.533  1.00 19.61 ? 56  TRP A CZ2 1 
ATOM   433  C  CZ3 . TRP A 1 56 ? -8.324  -11.127 -7.792  1.00 33.54 ? 56  TRP A CZ3 1 
ATOM   434  C  CH2 . TRP A 1 56 ? -8.146  -12.195 -6.899  1.00 26.77 ? 56  TRP A CH2 1 
ATOM   435  N  N   . TYR A 1 57 ? -5.159  -7.851  -12.074 1.00 19.69 ? 57  TYR A N   1 
ATOM   436  C  CA  . TYR A 1 57 ? -5.038  -6.636  -12.866 1.00 18.74 ? 57  TYR A CA  1 
ATOM   437  C  C   . TYR A 1 57 ? -6.297  -5.793  -12.717 1.00 20.61 ? 57  TYR A C   1 
ATOM   438  O  O   . TYR A 1 57 ? -7.329  -6.277  -12.249 1.00 20.00 ? 57  TYR A O   1 
ATOM   439  C  CB  . TYR A 1 57 ? -4.804  -6.977  -14.342 1.00 19.61 ? 57  TYR A CB  1 
ATOM   440  C  CG  . TYR A 1 57 ? -5.980  -7.635  -15.026 1.00 20.39 ? 57  TYR A CG  1 
ATOM   441  C  CD1 . TYR A 1 57 ? -6.903  -6.880  -15.747 1.00 25.76 ? 57  TYR A CD1 1 
ATOM   442  C  CD2 . TYR A 1 57 ? -6.164  -9.016  -14.962 1.00 21.71 ? 57  TYR A CD2 1 
ATOM   443  C  CE1 . TYR A 1 57 ? -7.977  -7.484  -16.394 1.00 26.83 ? 57  TYR A CE1 1 
ATOM   444  C  CE2 . TYR A 1 57 ? -7.238  -9.633  -15.605 1.00 28.59 ? 57  TYR A CE2 1 
ATOM   445  C  CZ  . TYR A 1 57 ? -8.136  -8.857  -16.320 1.00 26.57 ? 57  TYR A CZ  1 
ATOM   446  O  OH  . TYR A 1 57 ? -9.184  -9.458  -16.971 1.00 27.62 ? 57  TYR A OH  1 
ATOM   447  N  N   . LEU A 1 58 ? -6.208  -4.526  -13.101 1.00 19.55 ? 58  LEU A N   1 
ATOM   448  C  CA  . LEU A 1 58 ? -7.361  -3.649  -12.992 1.00 18.77 ? 58  LEU A CA  1 
ATOM   449  C  C   . LEU A 1 58 ? -7.941  -3.297  -14.352 1.00 23.18 ? 58  LEU A C   1 
ATOM   450  O  O   . LEU A 1 58 ? -7.211  -3.021  -15.306 1.00 24.35 ? 58  LEU A O   1 
ATOM   451  C  CB  . LEU A 1 58 ? -6.978  -2.360  -12.261 1.00 19.06 ? 58  LEU A CB  1 
ATOM   452  C  CG  . LEU A 1 58 ? -6.371  -2.496  -10.863 1.00 14.80 ? 58  LEU A CG  1 
ATOM   453  C  CD1 . LEU A 1 58 ? -6.084  -1.104  -10.302 1.00 21.85 ? 58  LEU A CD1 1 
ATOM   454  C  CD2 . LEU A 1 58 ? -7.325  -3.250  -9.951  1.00 14.75 ? 58  LEU A CD2 1 
ATOM   455  N  N   . VAL A 1 59 ? -9.263  -3.343  -14.444 1.00 21.66 ? 59  VAL A N   1 
ATOM   456  C  CA  . VAL A 1 59 ? -9.943  -2.963  -15.666 1.00 15.05 ? 59  VAL A CA  1 
ATOM   457  C  C   . VAL A 1 59 ? -10.366 -1.521  -15.399 1.00 18.23 ? 59  VAL A C   1 
ATOM   458  O  O   . VAL A 1 59 ? -10.925 -1.227  -14.342 1.00 20.21 ? 59  VAL A O   1 
ATOM   459  C  CB  . VAL A 1 59 ? -11.218 -3.808  -15.910 1.00 18.44 ? 59  VAL A CB  1 
ATOM   460  C  CG1 . VAL A 1 59 ? -12.033 -3.205  -17.053 1.00 21.88 ? 59  VAL A CG1 1 
ATOM   461  C  CG2 . VAL A 1 59 ? -10.840 -5.250  -16.230 1.00 19.24 ? 59  VAL A CG2 1 
ATOM   462  N  N   . GLY A 1 60 ? -10.074 -0.624  -16.332 1.00 16.65 ? 60  GLY A N   1 
ATOM   463  C  CA  . GLY A 1 60 ? -10.466 0.761   -16.161 1.00 22.95 ? 60  GLY A CA  1 
ATOM   464  C  C   . GLY A 1 60 ? -9.336  1.745   -15.961 1.00 24.03 ? 60  GLY A C   1 
ATOM   465  O  O   . GLY A 1 60 ? -9.550  2.955   -16.004 1.00 24.40 ? 60  GLY A O   1 
ATOM   466  N  N   . LEU A 1 61 ? -8.130  1.232   -15.748 1.00 24.42 ? 61  LEU A N   1 
ATOM   467  C  CA  . LEU A 1 61 ? -6.983  2.094   -15.533 1.00 25.26 ? 61  LEU A CA  1 
ATOM   468  C  C   . LEU A 1 61 ? -5.688  1.345   -15.807 1.00 22.97 ? 61  LEU A C   1 
ATOM   469  O  O   . LEU A 1 61 ? -5.486  0.232   -15.323 1.00 23.90 ? 61  LEU A O   1 
ATOM   470  C  CB  . LEU A 1 61 ? -6.995  2.614   -14.088 1.00 20.68 ? 61  LEU A CB  1 
ATOM   471  C  CG  . LEU A 1 61 ? -5.876  3.549   -13.621 1.00 26.28 ? 61  LEU A CG  1 
ATOM   472  C  CD1 . LEU A 1 61 ? -5.882  4.841   -14.424 1.00 23.69 ? 61  LEU A CD1 1 
ATOM   473  C  CD2 . LEU A 1 61 ? -6.071  3.846   -12.142 1.00 31.30 ? 61  LEU A CD2 1 
ATOM   474  N  N   . ASN A 1 62 ? -4.813  1.954   -16.597 1.00 20.37 ? 62  ASN A N   1 
ATOM   475  C  CA  . ASN A 1 62 ? -3.536  1.335   -16.901 1.00 24.51 ? 62  ASN A CA  1 
ATOM   476  C  C   . ASN A 1 62 ? -2.518  1.768   -15.848 1.00 23.76 ? 62  ASN A C   1 
ATOM   477  O  O   . ASN A 1 62 ? -2.215  2.956   -15.709 1.00 21.65 ? 62  ASN A O   1 
ATOM   478  C  CB  . ASN A 1 62 ? -3.068  1.750   -18.298 1.00 34.83 ? 62  ASN A CB  1 
ATOM   479  C  CG  . ASN A 1 62 ? -3.886  1.104   -19.405 1.00 41.25 ? 62  ASN A CG  1 
ATOM   480  O  OD1 . ASN A 1 62 ? -4.063  1.679   -20.477 1.00 44.10 ? 62  ASN A OD1 1 
ATOM   481  N  ND2 . ASN A 1 62 ? -4.379  -0.105  -19.152 1.00 34.11 ? 62  ASN A ND2 1 
ATOM   482  N  N   . VAL A 1 63 ? -2.020  0.797   -15.086 1.00 18.41 ? 63  VAL A N   1 
ATOM   483  C  CA  . VAL A 1 63 ? -1.025  1.064   -14.053 1.00 25.58 ? 63  VAL A CA  1 
ATOM   484  C  C   . VAL A 1 63 ? 0.117   0.053   -14.156 1.00 24.34 ? 63  VAL A C   1 
ATOM   485  O  O   . VAL A 1 63 ? -0.079  -1.066  -14.631 1.00 22.97 ? 63  VAL A O   1 
ATOM   486  C  CB  . VAL A 1 63 ? -1.640  0.970   -12.642 1.00 21.91 ? 63  VAL A CB  1 
ATOM   487  C  CG1 . VAL A 1 63 ? -2.652  2.077   -12.436 1.00 22.64 ? 63  VAL A CG1 1 
ATOM   488  C  CG2 . VAL A 1 63 ? -2.296  -0.384  -12.461 1.00 21.01 ? 63  VAL A CG2 1 
ATOM   489  N  N   . SER A 1 64 ? 1.305   0.448   -13.709 1.00 18.98 ? 64  SER A N   1 
ATOM   490  C  CA  . SER A 1 64 ? 2.472   -0.432  -13.758 1.00 21.76 ? 64  SER A CA  1 
ATOM   491  C  C   . SER A 1 64 ? 2.290   -1.612  -12.813 1.00 24.94 ? 64  SER A C   1 
ATOM   492  O  O   . SER A 1 64 ? 2.736   -2.727  -13.094 1.00 27.72 ? 64  SER A O   1 
ATOM   493  C  CB  . SER A 1 64 ? 3.732   0.344   -13.365 1.00 21.56 ? 64  SER A CB  1 
ATOM   494  O  OG  . SER A 1 64 ? 3.637   0.820   -12.034 1.00 18.85 ? 64  SER A OG  1 
ATOM   495  N  N   . ARG A 1 65 ? 1.633   -1.347  -11.687 1.00 19.34 ? 65  ARG A N   1 
ATOM   496  C  CA  . ARG A 1 65 ? 1.365   -2.356  -10.674 1.00 17.43 ? 65  ARG A CA  1 
ATOM   497  C  C   . ARG A 1 65 ? 0.270   -1.842  -9.747  1.00 12.68 ? 65  ARG A C   1 
ATOM   498  O  O   . ARG A 1 65 ? 0.036   -0.636  -9.667  1.00 15.41 ? 65  ARG A O   1 
ATOM   499  C  CB  . ARG A 1 65 ? 2.629   -2.663  -9.868  1.00 21.75 ? 65  ARG A CB  1 
ATOM   500  C  CG  . ARG A 1 65 ? 3.101   -1.542  -8.960  1.00 25.99 ? 65  ARG A CG  1 
ATOM   501  C  CD  . ARG A 1 65 ? 4.072   -2.092  -7.925  1.00 39.16 ? 65  ARG A CD  1 
ATOM   502  N  NE  . ARG A 1 65 ? 5.465   -2.008  -8.343  1.00 41.30 ? 65  ARG A NE  1 
ATOM   503  C  CZ  . ARG A 1 65 ? 6.437   -2.789  -7.877  1.00 28.46 ? 65  ARG A CZ  1 
ATOM   504  N  NH1 . ARG A 1 65 ? 6.172   -3.732  -6.980  1.00 28.06 ? 65  ARG A NH1 1 
ATOM   505  N  NH2 . ARG A 1 65 ? 7.681   -2.608  -8.291  1.00 33.45 ? 65  ARG A NH2 1 
ATOM   506  N  N   . LEU A 1 66 ? -0.387  -2.754  -9.041  1.00 17.37 ? 66  LEU A N   1 
ATOM   507  C  CA  . LEU A 1 66 ? -1.477  -2.394  -8.135  1.00 20.39 ? 66  LEU A CA  1 
ATOM   508  C  C   . LEU A 1 66 ? -1.022  -1.986  -6.732  1.00 17.32 ? 66  LEU A C   1 
ATOM   509  O  O   . LEU A 1 66 ? -1.747  -1.314  -6.002  1.00 13.06 ? 66  LEU A O   1 
ATOM   510  C  CB  . LEU A 1 66 ? -2.458  -3.571  -8.009  1.00 19.39 ? 66  LEU A CB  1 
ATOM   511  C  CG  . LEU A 1 66 ? -3.482  -3.810  -9.121  1.00 17.97 ? 66  LEU A CG  1 
ATOM   512  C  CD1 . LEU A 1 66 ? -2.769  -3.984  -10.453 1.00 20.08 ? 66  LEU A CD1 1 
ATOM   513  C  CD2 . LEU A 1 66 ? -4.320  -5.044  -8.796  1.00 23.33 ? 66  LEU A CD2 1 
ATOM   514  N  N   . ASP A 1 67 ? 0.183   -2.392  -6.363  1.00 15.54 ? 67  ASP A N   1 
ATOM   515  C  CA  . ASP A 1 67 ? 0.709   -2.121  -5.030  1.00 23.80 ? 67  ASP A CA  1 
ATOM   516  C  C   . ASP A 1 67 ? 0.809   -0.663  -4.607  1.00 20.06 ? 67  ASP A C   1 
ATOM   517  O  O   . ASP A 1 67 ? 1.442   0.148   -5.276  1.00 18.11 ? 67  ASP A O   1 
ATOM   518  C  CB  . ASP A 1 67 ? 2.082   -2.773  -4.903  1.00 22.50 ? 67  ASP A CB  1 
ATOM   519  C  CG  . ASP A 1 67 ? 2.129   -4.131  -5.565  1.00 29.86 ? 67  ASP A CG  1 
ATOM   520  O  OD1 . ASP A 1 67 ? 1.619   -5.106  -4.971  1.00 24.22 ? 67  ASP A OD1 1 
ATOM   521  O  OD2 . ASP A 1 67 ? 2.662   -4.212  -6.693  1.00 31.54 ? 67  ASP A OD2 1 
ATOM   522  N  N   . GLY A 1 68 ? 0.187   -0.347  -3.475  1.00 18.93 ? 68  GLY A N   1 
ATOM   523  C  CA  . GLY A 1 68 ? 0.255   0.997   -2.939  1.00 18.42 ? 68  GLY A CA  1 
ATOM   524  C  C   . GLY A 1 68 ? -0.722  2.029   -3.458  1.00 20.64 ? 68  GLY A C   1 
ATOM   525  O  O   . GLY A 1 68 ? -0.668  3.180   -3.042  1.00 17.17 ? 68  GLY A O   1 
ATOM   526  N  N   . LEU A 1 69 ? -1.611  1.644   -4.365  1.00 14.78 ? 69  LEU A N   1 
ATOM   527  C  CA  . LEU A 1 69 ? -2.574  2.603   -4.894  1.00 16.92 ? 69  LEU A CA  1 
ATOM   528  C  C   . LEU A 1 69 ? -3.530  3.054   -3.795  1.00 13.37 ? 69  LEU A C   1 
ATOM   529  O  O   . LEU A 1 69 ? -3.844  2.287   -2.884  1.00 14.39 ? 69  LEU A O   1 
ATOM   530  C  CB  . LEU A 1 69 ? -3.389  1.969   -6.021  1.00 16.01 ? 69  LEU A CB  1 
ATOM   531  C  CG  . LEU A 1 69 ? -2.686  1.638   -7.336  1.00 10.35 ? 69  LEU A CG  1 
ATOM   532  C  CD1 . LEU A 1 69 ? -3.633  0.855   -8.236  1.00 11.93 ? 69  LEU A CD1 1 
ATOM   533  C  CD2 . LEU A 1 69 ? -2.247  2.932   -8.027  1.00 9.79  ? 69  LEU A CD2 1 
ATOM   534  N  N   . ARG A 1 70 ? -3.983  4.303   -3.869  1.00 13.54 ? 70  ARG A N   1 
ATOM   535  C  CA  . ARG A 1 70 ? -4.950  4.793   -2.893  1.00 15.14 ? 70  ARG A CA  1 
ATOM   536  C  C   . ARG A 1 70 ? -6.301  4.496   -3.508  1.00 18.66 ? 70  ARG A C   1 
ATOM   537  O  O   . ARG A 1 70 ? -6.543  4.820   -4.672  1.00 17.76 ? 70  ARG A O   1 
ATOM   538  C  CB  . ARG A 1 70 ? -4.776  6.296   -2.647  1.00 17.01 ? 70  ARG A CB  1 
ATOM   539  C  CG  . ARG A 1 70 ? -3.897  6.584   -1.439  1.00 36.95 ? 70  ARG A CG  1 
ATOM   540  C  CD  . ARG A 1 70 ? -3.241  7.951   -1.502  1.00 48.92 ? 70  ARG A CD  1 
ATOM   541  N  NE  . ARG A 1 70 ? -2.474  8.227   -0.289  1.00 60.98 ? 70  ARG A NE  1 
ATOM   542  C  CZ  . ARG A 1 70 ? -1.499  9.128   -0.202  1.00 61.76 ? 70  ARG A CZ  1 
ATOM   543  N  NH1 . ARG A 1 70 ? -1.155  9.849   -1.262  1.00 58.06 ? 70  ARG A NH1 1 
ATOM   544  N  NH2 . ARG A 1 70 ? -0.869  9.307   0.950   1.00 47.68 ? 70  ARG A NH2 1 
ATOM   545  N  N   . VAL A 1 71 ? -7.167  3.848   -2.738  1.00 13.23 ? 71  VAL A N   1 
ATOM   546  C  CA  . VAL A 1 71 ? -8.478  3.483   -3.232  1.00 14.97 ? 71  VAL A CA  1 
ATOM   547  C  C   . VAL A 1 71 ? -9.608  3.982   -2.336  1.00 11.40 ? 71  VAL A C   1 
ATOM   548  O  O   . VAL A 1 71 ? -9.387  4.413   -1.202  1.00 17.08 ? 71  VAL A O   1 
ATOM   549  C  CB  . VAL A 1 71 ? -8.604  1.947   -3.387  1.00 14.38 ? 71  VAL A CB  1 
ATOM   550  C  CG1 . VAL A 1 71 ? -7.523  1.433   -4.325  1.00 19.39 ? 71  VAL A CG1 1 
ATOM   551  C  CG2 . VAL A 1 71 ? -8.500  1.272   -2.033  1.00 16.83 ? 71  VAL A CG2 1 
ATOM   552  N  N   . ARG A 1 72 ? -10.817 3.903   -2.873  1.00 18.20 ? 72  ARG A N   1 
ATOM   553  C  CA  . ARG A 1 72 ? -12.021 4.340   -2.188  1.00 20.91 ? 72  ARG A CA  1 
ATOM   554  C  C   . ARG A 1 72 ? -13.186 3.435   -2.586  1.00 27.60 ? 72  ARG A C   1 
ATOM   555  O  O   . ARG A 1 72 ? -13.297 3.024   -3.748  1.00 24.13 ? 72  ARG A O   1 
ATOM   556  C  CB  . ARG A 1 72 ? -12.339 5.786   -2.582  1.00 29.97 ? 72  ARG A CB  1 
ATOM   557  C  CG  . ARG A 1 72 ? -13.812 6.139   -2.526  1.00 40.00 ? 72  ARG A CG  1 
ATOM   558  C  CD  . ARG A 1 72 ? -14.265 6.818   -3.811  1.00 43.61 ? 72  ARG A CD  1 
ATOM   559  N  NE  . ARG A 1 72 ? -14.428 8.258   -3.653  1.00 38.23 ? 72  ARG A NE  1 
ATOM   560  C  CZ  . ARG A 1 72 ? -14.963 9.055   -4.571  1.00 35.25 ? 72  ARG A CZ  1 
ATOM   561  N  NH1 . ARG A 1 72 ? -15.387 8.558   -5.727  1.00 30.63 ? 72  ARG A NH1 1 
ATOM   562  N  NH2 . ARG A 1 72 ? -15.093 10.352  -4.327  1.00 33.02 ? 72  ARG A NH2 1 
HETATM 563  N  N   . MSE A 1 73 ? -14.047 3.123   -1.623  1.00 28.69 ? 73  MSE A N   1 
HETATM 564  C  CA  . MSE A 1 73 ? -15.213 2.286   -1.886  1.00 35.34 ? 73  MSE A CA  1 
HETATM 565  C  C   . MSE A 1 73 ? -16.476 3.008   -1.447  1.00 39.68 ? 73  MSE A C   1 
HETATM 566  O  O   . MSE A 1 73 ? -16.346 3.942   -0.629  1.00 36.20 ? 73  MSE A O   1 
HETATM 567  C  CB  . MSE A 1 73 ? -15.109 0.970   -1.129  1.00 29.73 ? 73  MSE A CB  1 
HETATM 568  C  CG  . MSE A 1 73 ? -13.888 0.159   -1.491  1.00 52.87 ? 73  MSE A CG  1 
HETATM 569  SE SE  . MSE A 1 73 ? -14.015 -1.636  -0.832  1.00 65.96 ? 73  MSE A SE  1 
HETATM 570  C  CE  . MSE A 1 73 ? -15.031 -2.394  -2.299  1.00 56.56 ? 73  MSE A CE  1 
ATOM   571  N  N   . ARG B 1 5  ? 6.671   14.897  0.980   1.00 27.23 ? 5   ARG B N   1 
ATOM   572  C  CA  . ARG B 1 5  ? 5.873   14.029  0.061   1.00 24.32 ? 5   ARG B CA  1 
ATOM   573  C  C   . ARG B 1 5  ? 5.156   12.919  0.807   1.00 22.91 ? 5   ARG B C   1 
ATOM   574  O  O   . ARG B 1 5  ? 5.769   12.183  1.583   1.00 20.49 ? 5   ARG B O   1 
ATOM   575  C  CB  . ARG B 1 5  ? 6.773   13.389  -0.995  1.00 28.72 ? 5   ARG B CB  1 
ATOM   576  C  CG  . ARG B 1 5  ? 7.234   14.308  -2.100  1.00 40.18 ? 5   ARG B CG  1 
ATOM   577  C  CD  . ARG B 1 5  ? 7.942   13.499  -3.172  1.00 47.06 ? 5   ARG B CD  1 
ATOM   578  N  NE  . ARG B 1 5  ? 9.108   12.801  -2.637  1.00 52.05 ? 5   ARG B NE  1 
ATOM   579  C  CZ  . ARG B 1 5  ? 9.842   11.931  -3.325  1.00 56.34 ? 5   ARG B CZ  1 
ATOM   580  N  NH1 . ARG B 1 5  ? 9.528   11.644  -4.582  1.00 49.99 ? 5   ARG B NH1 1 
ATOM   581  N  NH2 . ARG B 1 5  ? 10.893  11.352  -2.756  1.00 40.95 ? 5   ARG B NH2 1 
ATOM   582  N  N   . GLU B 1 6  ? 3.858   12.789  0.560   1.00 22.59 ? 6   GLU B N   1 
ATOM   583  C  CA  . GLU B 1 6  ? 3.073   11.746  1.204   1.00 22.30 ? 6   GLU B CA  1 
ATOM   584  C  C   . GLU B 1 6  ? 2.917   10.589  0.229   1.00 20.38 ? 6   GLU B C   1 
ATOM   585  O  O   . GLU B 1 6  ? 2.907   10.782  -0.988  1.00 19.52 ? 6   GLU B O   1 
ATOM   586  C  CB  . GLU B 1 6  ? 1.703   12.284  1.620   1.00 19.07 ? 6   GLU B CB  1 
ATOM   587  C  CG  . GLU B 1 6  ? 1.779   13.302  2.749   1.00 34.66 ? 6   GLU B CG  1 
ATOM   588  C  CD  . GLU B 1 6  ? 0.423   13.824  3.175   1.00 45.58 ? 6   GLU B CD  1 
ATOM   589  O  OE1 . GLU B 1 6  ? -0.500  13.004  3.365   1.00 50.26 ? 6   GLU B OE1 1 
ATOM   590  O  OE2 . GLU B 1 6  ? 0.288   15.056  3.333   1.00 54.12 ? 6   GLU B OE2 1 
ATOM   591  N  N   . GLY B 1 7  ? 2.822   9.380   0.765   1.00 14.64 ? 7   GLY B N   1 
ATOM   592  C  CA  . GLY B 1 7  ? 2.676   8.227   -0.100  1.00 16.52 ? 7   GLY B CA  1 
ATOM   593  C  C   . GLY B 1 7  ? 2.204   7.017   0.663   1.00 18.74 ? 7   GLY B C   1 
ATOM   594  O  O   . GLY B 1 7  ? 1.781   7.121   1.814   1.00 18.74 ? 7   GLY B O   1 
ATOM   595  N  N   . THR B 1 8  ? 2.284   5.859   0.021   1.00 15.95 ? 8   THR B N   1 
ATOM   596  C  CA  . THR B 1 8  ? 1.854   4.629   0.657   1.00 15.05 ? 8   THR B CA  1 
ATOM   597  C  C   . THR B 1 8  ? 2.997   3.625   0.685   1.00 19.04 ? 8   THR B C   1 
ATOM   598  O  O   . THR B 1 8  ? 3.750   3.497   -0.279  1.00 16.58 ? 8   THR B O   1 
ATOM   599  C  CB  . THR B 1 8  ? 0.669   4.018   -0.092  1.00 18.06 ? 8   THR B CB  1 
ATOM   600  O  OG1 . THR B 1 8  ? 1.057   3.745   -1.441  1.00 28.57 ? 8   THR B OG1 1 
ATOM   601  C  CG2 . THR B 1 8  ? -0.500  4.985   -0.098  1.00 18.28 ? 8   THR B CG2 1 
ATOM   602  N  N   . LEU B 1 9  ? 3.114   2.929   1.810   1.00 15.09 ? 9   LEU B N   1 
ATOM   603  C  CA  . LEU B 1 9  ? 4.151   1.924   2.020   1.00 10.43 ? 9   LEU B CA  1 
ATOM   604  C  C   . LEU B 1 9  ? 3.644   0.578   1.502   1.00 12.79 ? 9   LEU B C   1 
ATOM   605  O  O   . LEU B 1 9  ? 2.518   0.184   1.799   1.00 14.45 ? 9   LEU B O   1 
ATOM   606  C  CB  . LEU B 1 9  ? 4.459   1.813   3.514   1.00 9.58  ? 9   LEU B CB  1 
ATOM   607  C  CG  . LEU B 1 9  ? 5.647   0.946   3.925   1.00 18.79 ? 9   LEU B CG  1 
ATOM   608  C  CD1 . LEU B 1 9  ? 6.942   1.588   3.420   1.00 16.74 ? 9   LEU B CD1 1 
ATOM   609  C  CD2 . LEU B 1 9  ? 5.674   0.812   5.444   1.00 19.09 ? 9   LEU B CD2 1 
ATOM   610  N  N   . PHE B 1 10 ? 4.470   -0.116  0.724   1.00 14.32 ? 10  PHE B N   1 
ATOM   611  C  CA  . PHE B 1 10 ? 4.074   -1.413  0.177   1.00 15.93 ? 10  PHE B CA  1 
ATOM   612  C  C   . PHE B 1 10 ? 5.286   -2.321  -0.020  1.00 20.45 ? 10  PHE B C   1 
ATOM   613  O  O   . PHE B 1 10 ? 6.414   -1.846  -0.146  1.00 15.04 ? 10  PHE B O   1 
ATOM   614  C  CB  . PHE B 1 10 ? 3.331   -1.220  -1.149  1.00 17.43 ? 10  PHE B CB  1 
ATOM   615  C  CG  . PHE B 1 10 ? 4.210   -0.785  -2.285  1.00 17.41 ? 10  PHE B CG  1 
ATOM   616  C  CD1 . PHE B 1 10 ? 4.775   -1.730  -3.142  1.00 18.87 ? 10  PHE B CD1 1 
ATOM   617  C  CD2 . PHE B 1 10 ? 4.498   0.562   -2.486  1.00 14.94 ? 10  PHE B CD2 1 
ATOM   618  C  CE1 . PHE B 1 10 ? 5.613   -1.340  -4.182  1.00 13.74 ? 10  PHE B CE1 1 
ATOM   619  C  CE2 . PHE B 1 10 ? 5.342   0.969   -3.527  1.00 15.61 ? 10  PHE B CE2 1 
ATOM   620  C  CZ  . PHE B 1 10 ? 5.902   0.010   -4.379  1.00 15.50 ? 10  PHE B CZ  1 
ATOM   621  N  N   . TYR B 1 11 ? 5.043   -3.626  -0.032  1.00 17.83 ? 11  TYR B N   1 
ATOM   622  C  CA  . TYR B 1 11 ? 6.109   -4.603  -0.212  1.00 20.72 ? 11  TYR B CA  1 
ATOM   623  C  C   . TYR B 1 11 ? 6.395   -4.775  -1.697  1.00 15.95 ? 11  TYR B C   1 
ATOM   624  O  O   . TYR B 1 11 ? 5.500   -5.126  -2.472  1.00 19.88 ? 11  TYR B O   1 
ATOM   625  C  CB  . TYR B 1 11 ? 5.702   -5.944  0.396   1.00 21.24 ? 11  TYR B CB  1 
ATOM   626  C  CG  . TYR B 1 11 ? 6.787   -6.994  0.314   1.00 25.01 ? 11  TYR B CG  1 
ATOM   627  C  CD1 . TYR B 1 11 ? 7.968   -6.861  1.047   1.00 25.74 ? 11  TYR B CD1 1 
ATOM   628  C  CD2 . TYR B 1 11 ? 6.632   -8.124  -0.493  1.00 23.47 ? 11  TYR B CD2 1 
ATOM   629  C  CE1 . TYR B 1 11 ? 8.969   -7.828  0.981   1.00 31.09 ? 11  TYR B CE1 1 
ATOM   630  C  CE2 . TYR B 1 11 ? 7.628   -9.098  -0.568  1.00 21.27 ? 11  TYR B CE2 1 
ATOM   631  C  CZ  . TYR B 1 11 ? 8.790   -8.944  0.171   1.00 28.64 ? 11  TYR B CZ  1 
ATOM   632  O  OH  . TYR B 1 11 ? 9.773   -9.900  0.106   1.00 32.12 ? 11  TYR B OH  1 
ATOM   633  N  N   . ASP B 1 12 ? 7.645   -4.528  -2.081  1.00 21.69 ? 12  ASP B N   1 
ATOM   634  C  CA  . ASP B 1 12 ? 8.073   -4.622  -3.470  1.00 17.78 ? 12  ASP B CA  1 
ATOM   635  C  C   . ASP B 1 12 ? 8.696   -5.977  -3.785  1.00 16.10 ? 12  ASP B C   1 
ATOM   636  O  O   . ASP B 1 12 ? 9.856   -6.220  -3.467  1.00 18.29 ? 12  ASP B O   1 
ATOM   637  C  CB  . ASP B 1 12 ? 9.076   -3.506  -3.777  1.00 19.21 ? 12  ASP B CB  1 
ATOM   638  C  CG  . ASP B 1 12 ? 9.529   -3.511  -5.225  1.00 24.02 ? 12  ASP B CG  1 
ATOM   639  O  OD1 . ASP B 1 12 ? 8.862   -4.159  -6.056  1.00 19.06 ? 12  ASP B OD1 1 
ATOM   640  O  OD2 . ASP B 1 12 ? 10.547  -2.862  -5.534  1.00 24.95 ? 12  ASP B OD2 1 
ATOM   641  N  N   . THR B 1 13 ? 7.919   -6.843  -4.427  1.00 20.25 ? 13  THR B N   1 
ATOM   642  C  CA  . THR B 1 13 ? 8.379   -8.183  -4.780  1.00 20.33 ? 13  THR B CA  1 
ATOM   643  C  C   . THR B 1 13 ? 9.570   -8.201  -5.736  1.00 24.21 ? 13  THR B C   1 
ATOM   644  O  O   . THR B 1 13 ? 10.237  -9.224  -5.873  1.00 22.22 ? 13  THR B O   1 
ATOM   645  C  CB  . THR B 1 13 ? 7.238   -9.023  -5.407  1.00 31.06 ? 13  THR B CB  1 
ATOM   646  O  OG1 . THR B 1 13 ? 6.852   -8.451  -6.659  1.00 23.23 ? 13  THR B OG1 1 
ATOM   647  C  CG2 . THR B 1 13 ? 6.028   -9.059  -4.485  1.00 20.15 ? 13  THR B CG2 1 
ATOM   648  N  N   . GLU B 1 14 ? 9.844   -7.083  -6.402  1.00 22.71 ? 14  GLU B N   1 
ATOM   649  C  CA  . GLU B 1 14 ? 10.978  -7.048  -7.320  1.00 22.87 ? 14  GLU B CA  1 
ATOM   650  C  C   . GLU B 1 14 ? 12.301  -6.916  -6.568  1.00 25.53 ? 14  GLU B C   1 
ATOM   651  O  O   . GLU B 1 14 ? 13.358  -7.246  -7.108  1.00 21.61 ? 14  GLU B O   1 
ATOM   652  C  CB  . GLU B 1 14 ? 10.864  -5.877  -8.301  1.00 30.51 ? 14  GLU B CB  1 
ATOM   653  C  CG  . GLU B 1 14 ? 9.543   -5.775  -9.048  1.00 40.56 ? 14  GLU B CG  1 
ATOM   654  C  CD  . GLU B 1 14 ? 9.553   -4.663  -10.084 1.00 46.23 ? 14  GLU B CD  1 
ATOM   655  O  OE1 . GLU B 1 14 ? 9.969   -3.536  -9.745  1.00 36.08 ? 14  GLU B OE1 1 
ATOM   656  O  OE2 . GLU B 1 14 ? 9.138   -4.912  -11.236 1.00 54.29 ? 14  GLU B OE2 1 
ATOM   657  N  N   . THR B 1 15 ? 12.246  -6.442  -5.324  1.00 22.66 ? 15  THR B N   1 
ATOM   658  C  CA  . THR B 1 15 ? 13.461  -6.238  -4.533  1.00 18.80 ? 15  THR B CA  1 
ATOM   659  C  C   . THR B 1 15 ? 13.461  -6.865  -3.147  1.00 20.82 ? 15  THR B C   1 
ATOM   660  O  O   . THR B 1 15 ? 14.508  -6.941  -2.504  1.00 22.96 ? 15  THR B O   1 
ATOM   661  C  CB  . THR B 1 15 ? 13.748  -4.736  -4.328  1.00 18.79 ? 15  THR B CB  1 
ATOM   662  O  OG1 . THR B 1 15 ? 12.654  -4.141  -3.619  1.00 16.56 ? 15  THR B OG1 1 
ATOM   663  C  CG2 . THR B 1 15 ? 13.930  -4.031  -5.657  1.00 20.59 ? 15  THR B CG2 1 
ATOM   664  N  N   . GLY B 1 16 ? 12.296  -7.295  -2.677  1.00 19.02 ? 16  GLY B N   1 
ATOM   665  C  CA  . GLY B 1 16 ? 12.221  -7.887  -1.351  1.00 20.94 ? 16  GLY B CA  1 
ATOM   666  C  C   . GLY B 1 16 ? 12.265  -6.820  -0.267  1.00 22.30 ? 16  GLY B C   1 
ATOM   667  O  O   . GLY B 1 16 ? 12.435  -7.121  0.918   1.00 19.89 ? 16  GLY B O   1 
ATOM   668  N  N   . ARG B 1 17 ? 12.111  -5.567  -0.679  1.00 20.92 ? 17  ARG B N   1 
ATOM   669  C  CA  . ARG B 1 17 ? 12.127  -4.435  0.247   1.00 17.10 ? 17  ARG B CA  1 
ATOM   670  C  C   . ARG B 1 17 ? 10.768  -3.755  0.270   1.00 18.53 ? 17  ARG B C   1 
ATOM   671  O  O   . ARG B 1 17 ? 9.901   -4.015  -0.567  1.00 18.79 ? 17  ARG B O   1 
ATOM   672  C  CB  . ARG B 1 17 ? 13.138  -3.372  -0.202  1.00 19.71 ? 17  ARG B CB  1 
ATOM   673  C  CG  . ARG B 1 17 ? 14.579  -3.811  -0.296  1.00 19.70 ? 17  ARG B CG  1 
ATOM   674  C  CD  . ARG B 1 17 ? 15.435  -2.693  -0.883  1.00 21.80 ? 17  ARG B CD  1 
ATOM   675  N  NE  . ARG B 1 17 ? 16.844  -3.073  -0.941  1.00 32.99 ? 17  ARG B NE  1 
ATOM   676  C  CZ  . ARG B 1 17 ? 17.622  -3.222  0.126   1.00 37.95 ? 17  ARG B CZ  1 
ATOM   677  N  NH1 . ARG B 1 17 ? 17.132  -3.013  1.341   1.00 31.14 ? 17  ARG B NH1 1 
ATOM   678  N  NH2 . ARG B 1 17 ? 18.885  -3.600  -0.019  1.00 29.95 ? 17  ARG B NH2 1 
ATOM   679  N  N   . TYR B 1 18 ? 10.590  -2.869  1.238   1.00 20.38 ? 18  TYR B N   1 
ATOM   680  C  CA  . TYR B 1 18 ? 9.369   -2.102  1.301   1.00 20.17 ? 18  TYR B CA  1 
ATOM   681  C  C   . TYR B 1 18 ? 9.718   -0.855  0.515   1.00 13.78 ? 18  TYR B C   1 
ATOM   682  O  O   . TYR B 1 18 ? 10.886  -0.440  0.464   1.00 17.23 ? 18  TYR B O   1 
ATOM   683  C  CB  . TYR B 1 18 ? 8.998   -1.783  2.752   1.00 16.46 ? 18  TYR B CB  1 
ATOM   684  C  CG  . TYR B 1 18 ? 8.048   -2.817  3.296   1.00 15.87 ? 18  TYR B CG  1 
ATOM   685  C  CD1 . TYR B 1 18 ? 6.681   -2.741  3.023   1.00 15.12 ? 18  TYR B CD1 1 
ATOM   686  C  CD2 . TYR B 1 18 ? 8.523   -3.935  3.988   1.00 20.53 ? 18  TYR B CD2 1 
ATOM   687  C  CE1 . TYR B 1 18 ? 5.807   -3.756  3.416   1.00 22.53 ? 18  TYR B CE1 1 
ATOM   688  C  CE2 . TYR B 1 18 ? 7.658   -4.955  4.385   1.00 19.42 ? 18  TYR B CE2 1 
ATOM   689  C  CZ  . TYR B 1 18 ? 6.304   -4.860  4.092   1.00 27.11 ? 18  TYR B CZ  1 
ATOM   690  O  OH  . TYR B 1 18 ? 5.449   -5.877  4.458   1.00 26.29 ? 18  TYR B OH  1 
ATOM   691  N  N   . ASP B 1 19 ? 8.723   -0.290  -0.151  1.00 14.01 ? 19  ASP B N   1 
ATOM   692  C  CA  . ASP B 1 19 ? 8.946   0.907   -0.941  1.00 14.80 ? 19  ASP B CA  1 
ATOM   693  C  C   . ASP B 1 19 ? 7.772   1.845   -0.702  1.00 14.77 ? 19  ASP B C   1 
ATOM   694  O  O   . ASP B 1 19 ? 6.789   1.469   -0.064  1.00 14.86 ? 19  ASP B O   1 
ATOM   695  C  CB  . ASP B 1 19 ? 9.058   0.541   -2.427  1.00 16.18 ? 19  ASP B CB  1 
ATOM   696  C  CG  . ASP B 1 19 ? 9.643   1.671   -3.269  1.00 23.57 ? 19  ASP B CG  1 
ATOM   697  O  OD1 . ASP B 1 19 ? 10.156  2.650   -2.690  1.00 24.86 ? 19  ASP B OD1 1 
ATOM   698  O  OD2 . ASP B 1 19 ? 9.599   1.576   -4.514  1.00 32.35 ? 19  ASP B OD2 1 
ATOM   699  N  N   . ILE B 1 20 ? 7.883   3.063   -1.207  1.00 14.45 ? 20  ILE B N   1 
ATOM   700  C  CA  . ILE B 1 20 ? 6.828   4.039   -1.038  1.00 14.62 ? 20  ILE B CA  1 
ATOM   701  C  C   . ILE B 1 20 ? 6.349   4.516   -2.399  1.00 15.80 ? 20  ILE B C   1 
ATOM   702  O  O   . ILE B 1 20 ? 7.157   4.848   -3.268  1.00 13.45 ? 20  ILE B O   1 
ATOM   703  C  CB  . ILE B 1 20 ? 7.321   5.261   -0.245  1.00 18.20 ? 20  ILE B CB  1 
ATOM   704  C  CG1 . ILE B 1 20 ? 7.820   4.821   1.136   1.00 16.53 ? 20  ILE B CG1 1 
ATOM   705  C  CG2 . ILE B 1 20 ? 6.192   6.283   -0.111  1.00 14.55 ? 20  ILE B CG2 1 
ATOM   706  C  CD1 . ILE B 1 20 ? 8.569   5.914   1.881   1.00 16.07 ? 20  ILE B CD1 1 
ATOM   707  N  N   . ARG B 1 21 ? 5.035   4.522   -2.584  1.00 11.84 ? 21  ARG B N   1 
ATOM   708  C  CA  . ARG B 1 21 ? 4.446   4.999   -3.824  1.00 15.79 ? 21  ARG B CA  1 
ATOM   709  C  C   . ARG B 1 21 ? 3.933   6.406   -3.528  1.00 15.93 ? 21  ARG B C   1 
ATOM   710  O  O   . ARG B 1 21 ? 3.006   6.575   -2.741  1.00 18.01 ? 21  ARG B O   1 
ATOM   711  C  CB  . ARG B 1 21 ? 3.283   4.109   -4.245  1.00 13.32 ? 21  ARG B CB  1 
ATOM   712  C  CG  . ARG B 1 21 ? 2.606   4.580   -5.515  1.00 17.56 ? 21  ARG B CG  1 
ATOM   713  C  CD  . ARG B 1 21 ? 1.156   4.129   -5.518  1.00 39.20 ? 21  ARG B CD  1 
ATOM   714  N  NE  . ARG B 1 21 ? 0.985   2.786   -6.061  1.00 43.93 ? 21  ARG B NE  1 
ATOM   715  C  CZ  . ARG B 1 21 ? 1.194   2.480   -7.336  1.00 37.28 ? 21  ARG B CZ  1 
ATOM   716  N  NH1 . ARG B 1 21 ? 1.584   3.432   -8.162  1.00 23.62 ? 21  ARG B NH1 1 
ATOM   717  N  NH2 . ARG B 1 21 ? 0.987   1.243   -7.786  1.00 16.69 ? 21  ARG B NH2 1 
ATOM   718  N  N   . PHE B 1 22 ? 4.542   7.407   -4.154  1.00 19.73 ? 22  PHE B N   1 
ATOM   719  C  CA  . PHE B 1 22 ? 4.154   8.797   -3.945  1.00 22.13 ? 22  PHE B CA  1 
ATOM   720  C  C   . PHE B 1 22 ? 3.010   9.227   -4.858  1.00 22.97 ? 22  PHE B C   1 
ATOM   721  O  O   . PHE B 1 22 ? 2.085   9.908   -4.428  1.00 28.34 ? 22  PHE B O   1 
ATOM   722  C  CB  . PHE B 1 22 ? 5.366   9.712   -4.159  1.00 19.95 ? 22  PHE B CB  1 
ATOM   723  C  CG  . PHE B 1 22 ? 6.437   9.558   -3.108  1.00 22.84 ? 22  PHE B CG  1 
ATOM   724  C  CD1 . PHE B 1 22 ? 6.174   9.876   -1.779  1.00 22.67 ? 22  PHE B CD1 1 
ATOM   725  C  CD2 . PHE B 1 22 ? 7.703   9.083   -3.442  1.00 31.67 ? 22  PHE B CD2 1 
ATOM   726  C  CE1 . PHE B 1 22 ? 7.151   9.717   -0.798  1.00 22.49 ? 22  PHE B CE1 1 
ATOM   727  C  CE2 . PHE B 1 22 ? 8.691   8.921   -2.465  1.00 20.92 ? 22  PHE B CE2 1 
ATOM   728  C  CZ  . PHE B 1 22 ? 8.412   9.239   -1.143  1.00 22.98 ? 22  PHE B CZ  1 
ATOM   729  N  N   . ASP B 1 23 ? 3.077   8.830   -6.123  1.00 21.23 ? 23  ASP B N   1 
ATOM   730  C  CA  . ASP B 1 23 ? 2.028   9.174   -7.081  1.00 27.50 ? 23  ASP B CA  1 
ATOM   731  C  C   . ASP B 1 23 ? 1.655   7.932   -7.877  1.00 24.81 ? 23  ASP B C   1 
ATOM   732  O  O   . ASP B 1 23 ? 2.167   6.844   -7.613  1.00 19.76 ? 23  ASP B O   1 
ATOM   733  C  CB  . ASP B 1 23 ? 2.504   10.276  -8.037  1.00 29.01 ? 23  ASP B CB  1 
ATOM   734  C  CG  . ASP B 1 23 ? 2.737   11.601  -7.334  1.00 44.04 ? 23  ASP B CG  1 
ATOM   735  O  OD1 . ASP B 1 23 ? 1.772   12.162  -6.770  1.00 51.18 ? 23  ASP B OD1 1 
ATOM   736  O  OD2 . ASP B 1 23 ? 3.889   12.086  -7.348  1.00 48.23 ? 23  ASP B OD2 1 
ATOM   737  N  N   . LEU B 1 24 ? 0.773   8.084   -8.858  1.00 23.20 ? 24  LEU B N   1 
ATOM   738  C  CA  . LEU B 1 24 ? 0.375   6.926   -9.641  1.00 23.49 ? 24  LEU B CA  1 
ATOM   739  C  C   . LEU B 1 24 ? 1.578   6.145   -10.174 1.00 24.77 ? 24  LEU B C   1 
ATOM   740  O  O   . LEU B 1 24 ? 1.604   4.915   -10.114 1.00 18.82 ? 24  LEU B O   1 
ATOM   741  C  CB  . LEU B 1 24 ? -0.526  7.335   -10.807 1.00 21.28 ? 24  LEU B CB  1 
ATOM   742  C  CG  . LEU B 1 24 ? -1.036  6.104   -11.559 1.00 21.92 ? 24  LEU B CG  1 
ATOM   743  C  CD1 . LEU B 1 24 ? -2.048  5.361   -10.680 1.00 18.71 ? 24  LEU B CD1 1 
ATOM   744  C  CD2 . LEU B 1 24 ? -1.662  6.523   -12.884 1.00 18.93 ? 24  LEU B CD2 1 
ATOM   745  N  N   . GLU B 1 25 ? 2.582   6.845   -10.689 1.00 19.90 ? 25  GLU B N   1 
ATOM   746  C  CA  . GLU B 1 25 ? 3.754   6.158   -11.222 1.00 20.58 ? 25  GLU B CA  1 
ATOM   747  C  C   . GLU B 1 25 ? 5.082   6.670   -10.670 1.00 19.68 ? 25  GLU B C   1 
ATOM   748  O  O   . GLU B 1 25 ? 6.108   6.622   -11.348 1.00 20.96 ? 25  GLU B O   1 
ATOM   749  C  CB  . GLU B 1 25 ? 3.760   6.239   -12.755 1.00 17.51 ? 25  GLU B CB  1 
ATOM   750  C  CG  . GLU B 1 25 ? 2.630   5.456   -13.439 1.00 15.15 ? 25  GLU B CG  1 
ATOM   751  C  CD  . GLU B 1 25 ? 2.631   3.976   -13.100 1.00 26.88 ? 25  GLU B CD  1 
ATOM   752  O  OE1 . GLU B 1 25 ? 3.718   3.415   -12.841 1.00 23.30 ? 25  GLU B OE1 1 
ATOM   753  O  OE2 . GLU B 1 25 ? 1.539   3.364   -13.106 1.00 21.44 ? 25  GLU B OE2 1 
ATOM   754  N  N   . SER B 1 26 ? 5.064   7.146   -9.430  1.00 17.59 ? 26  SER B N   1 
ATOM   755  C  CA  . SER B 1 26 ? 6.270   7.652   -8.794  1.00 18.71 ? 26  SER B CA  1 
ATOM   756  C  C   . SER B 1 26 ? 6.557   6.824   -7.542  1.00 20.08 ? 26  SER B C   1 
ATOM   757  O  O   . SER B 1 26 ? 5.701   6.688   -6.667  1.00 21.22 ? 26  SER B O   1 
ATOM   758  C  CB  . SER B 1 26 ? 6.093   9.129   -8.429  1.00 21.26 ? 26  SER B CB  1 
ATOM   759  O  OG  . SER B 1 26 ? 7.289   9.661   -7.892  1.00 28.20 ? 26  SER B OG  1 
ATOM   760  N  N   . PHE B 1 27 ? 7.769   6.283   -7.467  1.00 16.62 ? 27  PHE B N   1 
ATOM   761  C  CA  . PHE B 1 27 ? 8.174   5.435   -6.351  1.00 19.26 ? 27  PHE B CA  1 
ATOM   762  C  C   . PHE B 1 27 ? 9.489   5.911   -5.730  1.00 27.46 ? 27  PHE B C   1 
ATOM   763  O  O   . PHE B 1 27 ? 10.319  6.517   -6.409  1.00 19.04 ? 27  PHE B O   1 
ATOM   764  C  CB  . PHE B 1 27 ? 8.340   4.004   -6.860  1.00 17.27 ? 27  PHE B CB  1 
ATOM   765  C  CG  . PHE B 1 27 ? 7.101   3.444   -7.494  1.00 19.31 ? 27  PHE B CG  1 
ATOM   766  C  CD1 . PHE B 1 27 ? 6.145   2.791   -6.724  1.00 22.75 ? 27  PHE B CD1 1 
ATOM   767  C  CD2 . PHE B 1 27 ? 6.876   3.594   -8.861  1.00 20.18 ? 27  PHE B CD2 1 
ATOM   768  C  CE1 . PHE B 1 27 ? 4.977   2.292   -7.305  1.00 25.26 ? 27  PHE B CE1 1 
ATOM   769  C  CE2 . PHE B 1 27 ? 5.714   3.099   -9.450  1.00 17.13 ? 27  PHE B CE2 1 
ATOM   770  C  CZ  . PHE B 1 27 ? 4.760   2.444   -8.666  1.00 23.20 ? 27  PHE B CZ  1 
ATOM   771  N  N   . TYR B 1 28 ? 9.678   5.628   -4.443  1.00 15.21 ? 28  TYR B N   1 
ATOM   772  C  CA  . TYR B 1 28 ? 10.898  6.026   -3.753  1.00 17.25 ? 28  TYR B CA  1 
ATOM   773  C  C   . TYR B 1 28 ? 12.084  5.229   -4.281  1.00 21.17 ? 28  TYR B C   1 
ATOM   774  O  O   . TYR B 1 28 ? 13.177  5.767   -4.445  1.00 23.54 ? 28  TYR B O   1 
ATOM   775  C  CB  . TYR B 1 28 ? 10.762  5.806   -2.246  1.00 13.35 ? 28  TYR B CB  1 
ATOM   776  C  CG  . TYR B 1 28 ? 11.995  6.213   -1.467  1.00 16.65 ? 28  TYR B CG  1 
ATOM   777  C  CD1 . TYR B 1 28 ? 12.437  7.538   -1.466  1.00 25.41 ? 28  TYR B CD1 1 
ATOM   778  C  CD2 . TYR B 1 28 ? 12.726  5.272   -0.738  1.00 20.99 ? 28  TYR B CD2 1 
ATOM   779  C  CE1 . TYR B 1 28 ? 13.579  7.919   -0.758  1.00 31.96 ? 28  TYR B CE1 1 
ATOM   780  C  CE2 . TYR B 1 28 ? 13.872  5.644   -0.025  1.00 26.79 ? 28  TYR B CE2 1 
ATOM   781  C  CZ  . TYR B 1 28 ? 14.290  6.967   -0.041  1.00 36.86 ? 28  TYR B CZ  1 
ATOM   782  O  OH  . TYR B 1 28 ? 15.422  7.343   0.646   1.00 33.49 ? 28  TYR B OH  1 
ATOM   783  N  N   . GLY B 1 29 ? 11.862  3.946   -4.549  1.00 22.93 ? 29  GLY B N   1 
ATOM   784  C  CA  . GLY B 1 29 ? 12.931  3.112   -5.070  1.00 28.32 ? 29  GLY B CA  1 
ATOM   785  C  C   . GLY B 1 29 ? 13.446  2.036   -4.132  1.00 30.00 ? 29  GLY B C   1 
ATOM   786  O  O   . GLY B 1 29 ? 14.486  1.425   -4.396  1.00 32.29 ? 29  GLY B O   1 
ATOM   787  N  N   . GLY B 1 30 ? 12.738  1.798   -3.035  1.00 22.98 ? 30  GLY B N   1 
ATOM   788  C  CA  . GLY B 1 30 ? 13.171  0.765   -2.109  1.00 22.33 ? 30  GLY B CA  1 
ATOM   789  C  C   . GLY B 1 30 ? 13.838  1.323   -0.870  1.00 21.01 ? 30  GLY B C   1 
ATOM   790  O  O   . GLY B 1 30 ? 14.857  2.012   -0.954  1.00 22.47 ? 30  GLY B O   1 
ATOM   791  N  N   . LEU B 1 31 ? 13.264  1.010   0.284   1.00 20.65 ? 31  LEU B N   1 
ATOM   792  C  CA  . LEU B 1 31 ? 13.782  1.486   1.557   1.00 19.23 ? 31  LEU B CA  1 
ATOM   793  C  C   . LEU B 1 31 ? 14.907  0.613   2.092   1.00 14.15 ? 31  LEU B C   1 
ATOM   794  O  O   . LEU B 1 31 ? 14.879  -0.610  1.964   1.00 19.21 ? 31  LEU B O   1 
ATOM   795  C  CB  . LEU B 1 31 ? 12.658  1.531   2.593   1.00 12.50 ? 31  LEU B CB  1 
ATOM   796  C  CG  . LEU B 1 31 ? 11.562  2.579   2.374   1.00 17.72 ? 31  LEU B CG  1 
ATOM   797  C  CD1 . LEU B 1 31 ? 10.381  2.274   3.274   1.00 15.24 ? 31  LEU B CD1 1 
ATOM   798  C  CD2 . LEU B 1 31 ? 12.116  3.962   2.658   1.00 20.58 ? 31  LEU B CD2 1 
ATOM   799  N  N   . HIS B 1 32 ? 15.895  1.251   2.703   1.00 18.10 ? 32  HIS B N   1 
ATOM   800  C  CA  . HIS B 1 32 ? 17.019  0.528   3.287   1.00 21.48 ? 32  HIS B CA  1 
ATOM   801  C  C   . HIS B 1 32 ? 16.984  0.648   4.807   1.00 24.46 ? 32  HIS B C   1 
ATOM   802  O  O   . HIS B 1 32 ? 16.371  1.565   5.354   1.00 16.27 ? 32  HIS B O   1 
ATOM   803  C  CB  . HIS B 1 32 ? 18.342  1.071   2.737   1.00 23.36 ? 32  HIS B CB  1 
ATOM   804  C  CG  . HIS B 1 32 ? 18.636  0.627   1.337   1.00 29.68 ? 32  HIS B CG  1 
ATOM   805  N  ND1 . HIS B 1 32 ? 17.794  0.893   0.278   1.00 36.98 ? 32  HIS B ND1 1 
ATOM   806  C  CD2 . HIS B 1 32 ? 19.665  -0.087  0.826   1.00 32.74 ? 32  HIS B CD2 1 
ATOM   807  C  CE1 . HIS B 1 32 ? 18.291  0.360   -0.824  1.00 37.80 ? 32  HIS B CE1 1 
ATOM   808  N  NE2 . HIS B 1 32 ? 19.427  -0.241  -0.518  1.00 35.10 ? 32  HIS B NE2 1 
ATOM   809  N  N   . CYS B 1 33 ? 17.630  -0.292  5.487   1.00 21.17 ? 33  CYS B N   1 
ATOM   810  C  CA  . CYS B 1 33 ? 17.674  -0.271  6.942   1.00 23.30 ? 33  CYS B CA  1 
ATOM   811  C  C   . CYS B 1 33 ? 18.180  1.070   7.434   1.00 21.46 ? 33  CYS B C   1 
ATOM   812  O  O   . CYS B 1 33 ? 19.161  1.601   6.909   1.00 21.96 ? 33  CYS B O   1 
ATOM   813  C  CB  . CYS B 1 33 ? 18.594  -1.378  7.464   1.00 27.62 ? 33  CYS B CB  1 
ATOM   814  S  SG  . CYS B 1 33 ? 17.914  -3.028  7.293   1.00 30.38 ? 33  CYS B SG  1 
ATOM   815  N  N   . GLY B 1 34 ? 17.506  1.624   8.436   1.00 20.90 ? 34  GLY B N   1 
ATOM   816  C  CA  . GLY B 1 34 ? 17.944  2.896   8.980   1.00 21.07 ? 34  GLY B CA  1 
ATOM   817  C  C   . GLY B 1 34 ? 17.242  4.129   8.450   1.00 26.54 ? 34  GLY B C   1 
ATOM   818  O  O   . GLY B 1 34 ? 17.358  5.199   9.040   1.00 25.75 ? 34  GLY B O   1 
ATOM   819  N  N   . GLU B 1 35 ? 16.516  3.999   7.343   1.00 21.10 ? 35  GLU B N   1 
ATOM   820  C  CA  . GLU B 1 35 ? 15.809  5.149   6.784   1.00 18.63 ? 35  GLU B CA  1 
ATOM   821  C  C   . GLU B 1 35 ? 14.592  5.507   7.634   1.00 23.03 ? 35  GLU B C   1 
ATOM   822  O  O   . GLU B 1 35 ? 13.872  4.628   8.108   1.00 21.34 ? 35  GLU B O   1 
ATOM   823  C  CB  . GLU B 1 35 ? 15.408  4.865   5.336   1.00 28.06 ? 35  GLU B CB  1 
ATOM   824  C  CG  . GLU B 1 35 ? 16.626  4.751   4.423   1.00 31.56 ? 35  GLU B CG  1 
ATOM   825  C  CD  . GLU B 1 35 ? 16.282  4.877   2.956   1.00 32.86 ? 35  GLU B CD  1 
ATOM   826  O  OE1 . GLU B 1 35 ? 15.905  3.865   2.334   1.00 27.46 ? 35  GLU B OE1 1 
ATOM   827  O  OE2 . GLU B 1 35 ? 16.381  6.003   2.429   1.00 39.86 ? 35  GLU B OE2 1 
ATOM   828  N  N   . CYS B 1 36 ? 14.371  6.803   7.826   1.00 18.54 ? 36  CYS B N   1 
ATOM   829  C  CA  . CYS B 1 36 ? 13.272  7.275   8.649   1.00 23.68 ? 36  CYS B CA  1 
ATOM   830  C  C   . CYS B 1 36 ? 12.186  8.006   7.878   1.00 19.31 ? 36  CYS B C   1 
ATOM   831  O  O   . CYS B 1 36 ? 12.423  8.567   6.811   1.00 21.56 ? 36  CYS B O   1 
ATOM   832  C  CB  . CYS B 1 36 ? 13.807  8.192   9.745   1.00 37.55 ? 36  CYS B CB  1 
ATOM   833  S  SG  . CYS B 1 36 ? 14.691  9.640   9.105   1.00 53.96 ? 36  CYS B SG  1 
ATOM   834  N  N   . PHE B 1 37 ? 10.986  7.991   8.443   1.00 19.43 ? 37  PHE B N   1 
ATOM   835  C  CA  . PHE B 1 37 ? 9.833   8.647   7.849   1.00 18.70 ? 37  PHE B CA  1 
ATOM   836  C  C   . PHE B 1 37 ? 8.702   8.628   8.869   1.00 18.59 ? 37  PHE B C   1 
ATOM   837  O  O   . PHE B 1 37 ? 8.862   8.080   9.964   1.00 21.52 ? 37  PHE B O   1 
ATOM   838  C  CB  . PHE B 1 37 ? 9.426   7.935   6.538   1.00 12.27 ? 37  PHE B CB  1 
ATOM   839  C  CG  . PHE B 1 37 ? 9.246   6.435   6.663   1.00 15.06 ? 37  PHE B CG  1 
ATOM   840  C  CD1 . PHE B 1 37 ? 8.019   5.893   7.030   1.00 13.10 ? 37  PHE B CD1 1 
ATOM   841  C  CD2 . PHE B 1 37 ? 10.302  5.573   6.387   1.00 23.06 ? 37  PHE B CD2 1 
ATOM   842  C  CE1 . PHE B 1 37 ? 7.839   4.512   7.117   1.00 13.78 ? 37  PHE B CE1 1 
ATOM   843  C  CE2 . PHE B 1 37 ? 10.138  4.184   6.472   1.00 22.97 ? 37  PHE B CE2 1 
ATOM   844  C  CZ  . PHE B 1 37 ? 8.903   3.652   6.837   1.00 15.46 ? 37  PHE B CZ  1 
ATOM   845  N  N   . ASP B 1 38 ? 7.579   9.253   8.535   1.00 18.02 ? 38  ASP B N   1 
ATOM   846  C  CA  . ASP B 1 38 ? 6.434   9.275   9.444   1.00 12.74 ? 38  ASP B CA  1 
ATOM   847  C  C   . ASP B 1 38 ? 5.336   8.349   8.944   1.00 20.56 ? 38  ASP B C   1 
ATOM   848  O  O   . ASP B 1 38 ? 5.169   8.166   7.742   1.00 18.04 ? 38  ASP B O   1 
ATOM   849  C  CB  . ASP B 1 38 ? 5.827   10.677  9.561   1.00 17.74 ? 38  ASP B CB  1 
ATOM   850  C  CG  . ASP B 1 38 ? 6.773   11.695  10.180  1.00 23.66 ? 38  ASP B CG  1 
ATOM   851  O  OD1 . ASP B 1 38 ? 7.435   11.377  11.190  1.00 21.34 ? 38  ASP B OD1 1 
ATOM   852  O  OD2 . ASP B 1 38 ? 6.826   12.829  9.657   1.00 27.92 ? 38  ASP B OD2 1 
ATOM   853  N  N   . VAL B 1 39 ? 4.591   7.776   9.883   1.00 16.76 ? 39  VAL B N   1 
ATOM   854  C  CA  . VAL B 1 39 ? 3.467   6.907   9.568   1.00 17.22 ? 39  VAL B CA  1 
ATOM   855  C  C   . VAL B 1 39 ? 2.217   7.606   10.109  1.00 19.70 ? 39  VAL B C   1 
ATOM   856  O  O   . VAL B 1 39 ? 2.223   8.133   11.227  1.00 20.20 ? 39  VAL B O   1 
ATOM   857  C  CB  . VAL B 1 39 ? 3.607   5.525   10.243  1.00 15.93 ? 39  VAL B CB  1 
ATOM   858  C  CG1 . VAL B 1 39 ? 2.325   4.715   10.054  1.00 17.61 ? 39  VAL B CG1 1 
ATOM   859  C  CG2 . VAL B 1 39 ? 4.802   4.770   9.648   1.00 13.68 ? 39  VAL B CG2 1 
ATOM   860  N  N   . LYS B 1 40 ? 1.155   7.630   9.314   1.00 22.65 ? 40  LYS B N   1 
ATOM   861  C  CA  . LYS B 1 40 ? -0.080  8.270   9.748   1.00 25.99 ? 40  LYS B CA  1 
ATOM   862  C  C   . LYS B 1 40 ? -0.894  7.343   10.633  1.00 28.95 ? 40  LYS B C   1 
ATOM   863  O  O   . LYS B 1 40 ? -1.283  6.260   10.214  1.00 34.04 ? 40  LYS B O   1 
ATOM   864  C  CB  . LYS B 1 40 ? -0.934  8.688   8.546   1.00 21.04 ? 40  LYS B CB  1 
ATOM   865  C  CG  . LYS B 1 40 ? -0.391  9.875   7.779   1.00 50.84 ? 40  LYS B CG  1 
ATOM   866  C  CD  . LYS B 1 40 ? 0.814   9.495   6.935   1.00 52.94 ? 40  LYS B CD  1 
ATOM   867  C  CE  . LYS B 1 40 ? 1.793   10.643  6.855   1.00 25.68 ? 40  LYS B CE  1 
ATOM   868  N  NZ  . LYS B 1 40 ? 2.386   10.893  8.199   1.00 32.30 ? 40  LYS B NZ  1 
ATOM   869  N  N   . VAL B 1 41 ? -1.130  7.773   11.868  1.00 30.27 ? 41  VAL B N   1 
ATOM   870  C  CA  . VAL B 1 41 ? -1.930  7.011   12.821  1.00 28.28 ? 41  VAL B CA  1 
ATOM   871  C  C   . VAL B 1 41 ? -2.995  8.005   13.261  1.00 40.35 ? 41  VAL B C   1 
ATOM   872  O  O   . VAL B 1 41 ? -2.682  8.999   13.921  1.00 37.86 ? 41  VAL B O   1 
ATOM   873  C  CB  . VAL B 1 41 ? -1.101  6.567   14.044  1.00 34.18 ? 41  VAL B CB  1 
ATOM   874  C  CG1 . VAL B 1 41 ? -1.976  5.788   15.013  1.00 30.70 ? 41  VAL B CG1 1 
ATOM   875  C  CG2 . VAL B 1 41 ? 0.072   5.707   13.597  1.00 22.07 ? 41  VAL B CG2 1 
ATOM   876  N  N   . LYS B 1 42 ? -4.246  7.748   12.884  1.00 40.63 ? 42  LYS B N   1 
ATOM   877  C  CA  . LYS B 1 42 ? -5.340  8.658   13.207  1.00 46.55 ? 42  LYS B CA  1 
ATOM   878  C  C   . LYS B 1 42 ? -5.088  9.941   12.422  1.00 43.50 ? 42  LYS B C   1 
ATOM   879  O  O   . LYS B 1 42 ? -5.048  9.925   11.194  1.00 46.72 ? 42  LYS B O   1 
ATOM   880  C  CB  . LYS B 1 42 ? -5.370  8.960   14.710  1.00 52.36 ? 42  LYS B CB  1 
ATOM   881  C  CG  . LYS B 1 42 ? -6.122  7.940   15.552  1.00 62.85 ? 42  LYS B CG  1 
ATOM   882  C  CD  . LYS B 1 42 ? -7.627  8.093   15.380  1.00 71.35 ? 42  LYS B CD  1 
ATOM   883  C  CE  . LYS B 1 42 ? -8.392  7.236   16.378  1.00 74.39 ? 42  LYS B CE  1 
ATOM   884  N  NZ  . LYS B 1 42 ? -9.865  7.435   16.272  1.00 78.29 ? 42  LYS B NZ  1 
ATOM   885  N  N   . ASP B 1 43 ? -4.911  11.048  13.130  1.00 42.65 ? 43  ASP B N   1 
ATOM   886  C  CA  . ASP B 1 43 ? -4.639  12.320  12.475  1.00 47.77 ? 43  ASP B CA  1 
ATOM   887  C  C   . ASP B 1 43 ? -3.332  12.893  13.016  1.00 42.97 ? 43  ASP B C   1 
ATOM   888  O  O   . ASP B 1 43 ? -3.209  14.092  13.262  1.00 44.64 ? 43  ASP B O   1 
ATOM   889  C  CB  . ASP B 1 43 ? -5.797  13.296  12.701  1.00 54.21 ? 43  ASP B CB  1 
ATOM   890  C  CG  . ASP B 1 43 ? -7.073  12.860  11.993  1.00 57.05 ? 43  ASP B CG  1 
ATOM   891  O  OD1 . ASP B 1 43 ? -7.042  12.695  10.753  1.00 49.77 ? 43  ASP B OD1 1 
ATOM   892  O  OD2 . ASP B 1 43 ? -8.105  12.682  12.674  1.00 58.19 ? 43  ASP B OD2 1 
ATOM   893  N  N   . VAL B 1 44 ? -2.358  12.009  13.195  1.00 39.47 ? 44  VAL B N   1 
ATOM   894  C  CA  . VAL B 1 44 ? -1.046  12.377  13.703  1.00 36.11 ? 44  VAL B CA  1 
ATOM   895  C  C   . VAL B 1 44 ? 0.024   11.614  12.930  1.00 35.16 ? 44  VAL B C   1 
ATOM   896  O  O   . VAL B 1 44 ? -0.216  10.495  12.471  1.00 37.53 ? 44  VAL B O   1 
ATOM   897  C  CB  . VAL B 1 44 ? -0.927  12.029  15.203  1.00 41.31 ? 44  VAL B CB  1 
ATOM   898  C  CG1 . VAL B 1 44 ? 0.498   12.241  15.686  1.00 40.71 ? 44  VAL B CG1 1 
ATOM   899  C  CG2 . VAL B 1 44 ? -1.893  12.887  16.007  1.00 52.16 ? 44  VAL B CG2 1 
ATOM   900  N  N   . TRP B 1 45 ? 1.194   12.226  12.776  1.00 26.27 ? 45  TRP B N   1 
ATOM   901  C  CA  . TRP B 1 45 ? 2.301   11.591  12.073  1.00 24.35 ? 45  TRP B CA  1 
ATOM   902  C  C   . TRP B 1 45 ? 3.283   11.047  13.102  1.00 21.34 ? 45  TRP B C   1 
ATOM   903  O  O   . TRP B 1 45 ? 3.840   11.807  13.890  1.00 26.60 ? 45  TRP B O   1 
ATOM   904  C  CB  . TRP B 1 45 ? 3.038   12.593  11.178  1.00 26.65 ? 45  TRP B CB  1 
ATOM   905  C  CG  . TRP B 1 45 ? 2.192   13.268  10.138  1.00 48.60 ? 45  TRP B CG  1 
ATOM   906  C  CD1 . TRP B 1 45 ? 1.024   12.811  9.599   1.00 49.76 ? 45  TRP B CD1 1 
ATOM   907  C  CD2 . TRP B 1 45 ? 2.498   14.490  9.454   1.00 60.72 ? 45  TRP B CD2 1 
ATOM   908  N  NE1 . TRP B 1 45 ? 0.585   13.670  8.619   1.00 52.71 ? 45  TRP B NE1 1 
ATOM   909  C  CE2 . TRP B 1 45 ? 1.472   14.709  8.509   1.00 59.97 ? 45  TRP B CE2 1 
ATOM   910  C  CE3 . TRP B 1 45 ? 3.545   15.420  9.548   1.00 63.31 ? 45  TRP B CE3 1 
ATOM   911  C  CZ2 . TRP B 1 45 ? 1.460   15.822  7.659   1.00 67.59 ? 45  TRP B CZ2 1 
ATOM   912  C  CZ3 . TRP B 1 45 ? 3.534   16.527  8.701   1.00 63.34 ? 45  TRP B CZ3 1 
ATOM   913  C  CH2 . TRP B 1 45 ? 2.496   16.716  7.769   1.00 72.23 ? 45  TRP B CH2 1 
ATOM   914  N  N   . VAL B 1 46 ? 3.499   9.734   13.085  1.00 24.89 ? 46  VAL B N   1 
ATOM   915  C  CA  . VAL B 1 46 ? 4.412   9.095   14.027  1.00 20.91 ? 46  VAL B CA  1 
ATOM   916  C  C   . VAL B 1 46 ? 5.768   8.809   13.389  1.00 22.91 ? 46  VAL B C   1 
ATOM   917  O  O   . VAL B 1 46 ? 5.855   8.142   12.354  1.00 19.11 ? 46  VAL B O   1 
ATOM   918  C  CB  . VAL B 1 46 ? 3.827   7.771   14.554  1.00 25.64 ? 46  VAL B CB  1 
ATOM   919  C  CG1 . VAL B 1 46 ? 4.784   7.146   15.560  1.00 28.88 ? 46  VAL B CG1 1 
ATOM   920  C  CG2 . VAL B 1 46 ? 2.464   8.019   15.187  1.00 26.22 ? 46  VAL B CG2 1 
ATOM   921  N  N   . PRO B 1 47 ? 6.851   9.318   13.998  1.00 20.17 ? 47  PRO B N   1 
ATOM   922  C  CA  . PRO B 1 47 ? 8.184   9.082   13.441  1.00 20.58 ? 47  PRO B CA  1 
ATOM   923  C  C   . PRO B 1 47 ? 8.655   7.649   13.646  1.00 18.01 ? 47  PRO B C   1 
ATOM   924  O  O   . PRO B 1 47 ? 8.565   7.098   14.746  1.00 21.08 ? 47  PRO B O   1 
ATOM   925  C  CB  . PRO B 1 47 ? 9.054   10.106  14.178  1.00 24.92 ? 47  PRO B CB  1 
ATOM   926  C  CG  . PRO B 1 47 ? 8.377   10.219  15.506  1.00 25.65 ? 47  PRO B CG  1 
ATOM   927  C  CD  . PRO B 1 47 ? 6.911   10.261  15.131  1.00 23.16 ? 47  PRO B CD  1 
ATOM   928  N  N   . VAL B 1 48 ? 9.142   7.046   12.569  1.00 17.26 ? 48  VAL B N   1 
ATOM   929  C  CA  . VAL B 1 48 ? 9.630   5.678   12.618  1.00 16.43 ? 48  VAL B CA  1 
ATOM   930  C  C   . VAL B 1 48 ? 10.937  5.531   11.849  1.00 17.82 ? 48  VAL B C   1 
ATOM   931  O  O   . VAL B 1 48 ? 11.383  6.443   11.150  1.00 18.24 ? 48  VAL B O   1 
ATOM   932  C  CB  . VAL B 1 48 ? 8.610   4.680   12.012  1.00 15.14 ? 48  VAL B CB  1 
ATOM   933  C  CG1 . VAL B 1 48 ? 7.297   4.726   12.783  1.00 15.05 ? 48  VAL B CG1 1 
ATOM   934  C  CG2 . VAL B 1 48 ? 8.362   5.020   10.533  1.00 15.00 ? 48  VAL B CG2 1 
ATOM   935  N  N   . ARG B 1 49 ? 11.547  4.365   12.002  1.00 17.45 ? 49  ARG B N   1 
ATOM   936  C  CA  . ARG B 1 49 ? 12.784  4.029   11.321  1.00 14.06 ? 49  ARG B CA  1 
ATOM   937  C  C   . ARG B 1 49 ? 12.586  2.565   10.954  1.00 21.45 ? 49  ARG B C   1 
ATOM   938  O  O   . ARG B 1 49 ? 12.222  1.749   11.806  1.00 21.37 ? 49  ARG B O   1 
ATOM   939  C  CB  . ARG B 1 49 ? 13.986  4.185   12.260  1.00 16.30 ? 49  ARG B CB  1 
ATOM   940  C  CG  . ARG B 1 49 ? 15.336  4.042   11.574  1.00 25.73 ? 49  ARG B CG  1 
ATOM   941  C  CD  . ARG B 1 49 ? 16.473  4.264   12.561  1.00 23.55 ? 49  ARG B CD  1 
ATOM   942  N  NE  . ARG B 1 49 ? 16.484  3.251   13.610  1.00 23.01 ? 49  ARG B NE  1 
ATOM   943  C  CZ  . ARG B 1 49 ? 16.483  3.516   14.913  1.00 22.03 ? 49  ARG B CZ  1 
ATOM   944  N  NH1 . ARG B 1 49 ? 16.468  4.771   15.338  1.00 24.28 ? 49  ARG B NH1 1 
ATOM   945  N  NH2 . ARG B 1 49 ? 16.504  2.523   15.790  1.00 24.57 ? 49  ARG B NH2 1 
ATOM   946  N  N   . ILE B 1 50 ? 12.800  2.228   9.689   1.00 18.51 ? 50  ILE B N   1 
ATOM   947  C  CA  . ILE B 1 50 ? 12.612  0.850   9.276   1.00 15.73 ? 50  ILE B CA  1 
ATOM   948  C  C   . ILE B 1 50 ? 13.898  0.062   9.483   1.00 14.93 ? 50  ILE B C   1 
ATOM   949  O  O   . ILE B 1 50 ? 14.990  0.549   9.203   1.00 17.13 ? 50  ILE B O   1 
ATOM   950  C  CB  . ILE B 1 50 ? 12.143  0.760   7.798   1.00 18.41 ? 50  ILE B CB  1 
ATOM   951  C  CG1 . ILE B 1 50 ? 11.830  -0.696  7.443   1.00 16.58 ? 50  ILE B CG1 1 
ATOM   952  C  CG2 . ILE B 1 50 ? 13.193  1.335   6.875   1.00 18.55 ? 50  ILE B CG2 1 
ATOM   953  C  CD1 . ILE B 1 50 ? 10.986  -0.863  6.195   1.00 20.26 ? 50  ILE B CD1 1 
ATOM   954  N  N   . GLU B 1 51 ? 13.753  -1.154  10.002  1.00 19.32 ? 51  GLU B N   1 
ATOM   955  C  CA  . GLU B 1 51 ? 14.890  -2.026  10.265  1.00 18.75 ? 51  GLU B CA  1 
ATOM   956  C  C   . GLU B 1 51 ? 14.564  -3.453  9.830   1.00 26.19 ? 51  GLU B C   1 
ATOM   957  O  O   . GLU B 1 51 ? 13.424  -3.767  9.492   1.00 23.47 ? 51  GLU B O   1 
ATOM   958  C  CB  . GLU B 1 51 ? 15.232  -2.006  11.759  1.00 20.88 ? 51  GLU B CB  1 
ATOM   959  C  CG  . GLU B 1 51 ? 15.709  -0.648  12.295  1.00 23.54 ? 51  GLU B CG  1 
ATOM   960  C  CD  . GLU B 1 51 ? 16.998  -0.169  11.648  1.00 24.93 ? 51  GLU B CD  1 
ATOM   961  O  OE1 . GLU B 1 51 ? 17.677  -0.980  10.985  1.00 30.69 ? 51  GLU B OE1 1 
ATOM   962  O  OE2 . GLU B 1 51 ? 17.346  1.022   11.809  1.00 24.94 ? 51  GLU B OE2 1 
HETATM 963  N  N   . MSE B 1 52 ? 15.576  -4.310  9.835   1.00 23.38 ? 52  MSE B N   1 
HETATM 964  C  CA  . MSE B 1 52 ? 15.399  -5.705  9.449   1.00 30.89 ? 52  MSE B CA  1 
HETATM 965  C  C   . MSE B 1 52 ? 15.746  -6.628  10.615  1.00 31.50 ? 52  MSE B C   1 
HETATM 966  O  O   . MSE B 1 52 ? 16.857  -6.580  11.144  1.00 32.62 ? 52  MSE B O   1 
HETATM 967  C  CB  . MSE B 1 52 ? 16.292  -6.026  8.241   1.00 32.27 ? 52  MSE B CB  1 
HETATM 968  C  CG  . MSE B 1 52 ? 16.299  -7.485  7.787   1.00 37.60 ? 52  MSE B CG  1 
HETATM 969  SE SE  . MSE B 1 52 ? 14.700  -8.125  7.222   1.00 32.57 ? 52  MSE B SE  1 
HETATM 970  C  CE  . MSE B 1 52 ? 14.713  -9.705  7.995   1.00 41.62 ? 52  MSE B CE  1 
ATOM   971  N  N   . GLY B 1 53 ? 14.776  -7.442  11.025  1.00 32.67 ? 53  GLY B N   1 
ATOM   972  C  CA  . GLY B 1 53 ? 14.986  -8.400  12.101  1.00 37.76 ? 53  GLY B CA  1 
ATOM   973  C  C   . GLY B 1 53 ? 14.813  -9.754  11.441  1.00 30.84 ? 53  GLY B C   1 
ATOM   974  O  O   . GLY B 1 53 ? 15.630  -10.129 10.607  1.00 31.11 ? 53  GLY B O   1 
ATOM   975  N  N   . ASP B 1 54 ? 13.772  -10.494 11.815  1.00 31.98 ? 54  ASP B N   1 
ATOM   976  C  CA  . ASP B 1 54 ? 13.495  -11.772 11.166  1.00 37.46 ? 54  ASP B CA  1 
ATOM   977  C  C   . ASP B 1 54 ? 12.837  -11.359 9.851   1.00 38.42 ? 54  ASP B C   1 
ATOM   978  O  O   . ASP B 1 54 ? 12.879  -12.079 8.853   1.00 40.88 ? 54  ASP B O   1 
ATOM   979  C  CB  . ASP B 1 54 ? 12.517  -12.621 11.985  1.00 38.57 ? 54  ASP B CB  1 
ATOM   980  C  CG  . ASP B 1 54 ? 13.183  -13.320 13.157  1.00 54.62 ? 54  ASP B CG  1 
ATOM   981  O  OD1 . ASP B 1 54 ? 14.265  -13.912 12.957  1.00 52.99 ? 54  ASP B OD1 1 
ATOM   982  O  OD2 . ASP B 1 54 ? 12.616  -13.294 14.271  1.00 51.93 ? 54  ASP B OD2 1 
ATOM   983  N  N   . ASP B 1 55 ? 12.232  -10.175 9.882   1.00 30.87 ? 55  ASP B N   1 
ATOM   984  C  CA  . ASP B 1 55 ? 11.564  -9.575  8.731   1.00 32.28 ? 55  ASP B CA  1 
ATOM   985  C  C   . ASP B 1 55 ? 11.525  -8.063  8.962   1.00 25.41 ? 55  ASP B C   1 
ATOM   986  O  O   . ASP B 1 55 ? 11.894  -7.588  10.037  1.00 23.15 ? 55  ASP B O   1 
ATOM   987  C  CB  . ASP B 1 55 ? 10.143  -10.126 8.583   1.00 40.68 ? 55  ASP B CB  1 
ATOM   988  C  CG  . ASP B 1 55 ? 9.411   -9.544  7.383   1.00 55.55 ? 55  ASP B CG  1 
ATOM   989  O  OD1 . ASP B 1 55 ? 10.006  -9.495  6.283   1.00 46.88 ? 55  ASP B OD1 1 
ATOM   990  O  OD2 . ASP B 1 55 ? 8.238   -9.145  7.539   1.00 59.60 ? 55  ASP B OD2 1 
ATOM   991  N  N   . TRP B 1 56 ? 11.080  -7.307  7.967   1.00 21.33 ? 56  TRP B N   1 
ATOM   992  C  CA  . TRP B 1 56 ? 11.028  -5.854  8.103   1.00 23.50 ? 56  TRP B CA  1 
ATOM   993  C  C   . TRP B 1 56 ? 10.092  -5.436  9.226   1.00 19.67 ? 56  TRP B C   1 
ATOM   994  O  O   . TRP B 1 56 ? 9.045   -6.046  9.435   1.00 21.14 ? 56  TRP B O   1 
ATOM   995  C  CB  . TRP B 1 56 ? 10.562  -5.196  6.797   1.00 18.43 ? 56  TRP B CB  1 
ATOM   996  C  CG  . TRP B 1 56 ? 11.488  -5.414  5.639   1.00 18.25 ? 56  TRP B CG  1 
ATOM   997  C  CD1 . TRP B 1 56 ? 11.302  -6.268  4.591   1.00 22.66 ? 56  TRP B CD1 1 
ATOM   998  C  CD2 . TRP B 1 56 ? 12.747  -4.768  5.413   1.00 20.02 ? 56  TRP B CD2 1 
ATOM   999  N  NE1 . TRP B 1 56 ? 12.366  -6.191  3.725   1.00 25.94 ? 56  TRP B NE1 1 
ATOM   1000 C  CE2 . TRP B 1 56 ? 13.267  -5.278  4.204   1.00 24.55 ? 56  TRP B CE2 1 
ATOM   1001 C  CE3 . TRP B 1 56 ? 13.486  -3.804  6.114   1.00 20.36 ? 56  TRP B CE3 1 
ATOM   1002 C  CZ2 . TRP B 1 56 ? 14.495  -4.859  3.678   1.00 28.00 ? 56  TRP B CZ2 1 
ATOM   1003 C  CZ3 . TRP B 1 56 ? 14.706  -3.387  5.592   1.00 21.52 ? 56  TRP B CZ3 1 
ATOM   1004 C  CH2 . TRP B 1 56 ? 15.198  -3.915  4.382   1.00 28.37 ? 56  TRP B CH2 1 
ATOM   1005 N  N   . TYR B 1 57 ? 10.475  -4.392  9.952   1.00 24.24 ? 57  TYR B N   1 
ATOM   1006 C  CA  . TYR B 1 57 ? 9.645   -3.887  11.035  1.00 20.56 ? 57  TYR B CA  1 
ATOM   1007 C  C   . TYR B 1 57 ? 9.982   -2.416  11.246  1.00 24.70 ? 57  TYR B C   1 
ATOM   1008 O  O   . TYR B 1 57 ? 11.008  -1.928  10.768  1.00 22.19 ? 57  TYR B O   1 
ATOM   1009 C  CB  . TYR B 1 57 ? 9.884   -4.691  12.318  1.00 24.60 ? 57  TYR B CB  1 
ATOM   1010 C  CG  . TYR B 1 57 ? 11.220  -4.453  12.968  1.00 21.19 ? 57  TYR B CG  1 
ATOM   1011 C  CD1 . TYR B 1 57 ? 11.352  -3.539  14.016  1.00 30.95 ? 57  TYR B CD1 1 
ATOM   1012 C  CD2 . TYR B 1 57 ? 12.357  -5.136  12.541  1.00 24.89 ? 57  TYR B CD2 1 
ATOM   1013 C  CE1 . TYR B 1 57 ? 12.581  -3.317  14.624  1.00 20.68 ? 57  TYR B CE1 1 
ATOM   1014 C  CE2 . TYR B 1 57 ? 13.594  -4.919  13.142  1.00 19.64 ? 57  TYR B CE2 1 
ATOM   1015 C  CZ  . TYR B 1 57 ? 13.696  -4.009  14.185  1.00 25.95 ? 57  TYR B CZ  1 
ATOM   1016 O  OH  . TYR B 1 57 ? 14.911  -3.805  14.795  1.00 30.68 ? 57  TYR B OH  1 
ATOM   1017 N  N   . LEU B 1 58 ? 9.111   -1.705  11.949  1.00 24.88 ? 58  LEU B N   1 
ATOM   1018 C  CA  . LEU B 1 58 ? 9.332   -0.289  12.190  1.00 19.75 ? 58  LEU B CA  1 
ATOM   1019 C  C   . LEU B 1 58 ? 9.649   0.041   13.643  1.00 24.37 ? 58  LEU B C   1 
ATOM   1020 O  O   . LEU B 1 58 ? 8.932   -0.367  14.554  1.00 21.30 ? 58  LEU B O   1 
ATOM   1021 C  CB  . LEU B 1 58 ? 8.098   0.502   11.769  1.00 19.70 ? 58  LEU B CB  1 
ATOM   1022 C  CG  . LEU B 1 58 ? 7.614   0.356   10.325  1.00 17.78 ? 58  LEU B CG  1 
ATOM   1023 C  CD1 . LEU B 1 58 ? 6.359   1.218   10.138  1.00 22.18 ? 58  LEU B CD1 1 
ATOM   1024 C  CD2 . LEU B 1 58 ? 8.718   0.772   9.356   1.00 11.83 ? 58  LEU B CD2 1 
ATOM   1025 N  N   . VAL B 1 59 ? 10.741  0.768   13.852  1.00 20.93 ? 59  VAL B N   1 
ATOM   1026 C  CA  . VAL B 1 59 ? 11.102  1.197   15.193  1.00 20.56 ? 59  VAL B CA  1 
ATOM   1027 C  C   . VAL B 1 59 ? 10.289  2.470   15.393  1.00 22.39 ? 59  VAL B C   1 
ATOM   1028 O  O   . VAL B 1 59 ? 10.409  3.414   14.610  1.00 25.75 ? 59  VAL B O   1 
ATOM   1029 C  CB  . VAL B 1 59 ? 12.598  1.554   15.305  1.00 24.72 ? 59  VAL B CB  1 
ATOM   1030 C  CG1 . VAL B 1 59 ? 12.880  2.153   16.676  1.00 27.29 ? 59  VAL B CG1 1 
ATOM   1031 C  CG2 . VAL B 1 59 ? 13.455  0.316   15.094  1.00 23.83 ? 59  VAL B CG2 1 
ATOM   1032 N  N   . GLY B 1 60 ? 9.448   2.490   16.420  1.00 21.10 ? 60  GLY B N   1 
ATOM   1033 C  CA  . GLY B 1 60 ? 8.637   3.667   16.683  1.00 20.15 ? 60  GLY B CA  1 
ATOM   1034 C  C   . GLY B 1 60 ? 7.152   3.384   16.576  1.00 23.46 ? 60  GLY B C   1 
ATOM   1035 O  O   . GLY B 1 60 ? 6.328   4.199   16.984  1.00 29.24 ? 60  GLY B O   1 
ATOM   1036 N  N   . LEU B 1 61 ? 6.804   2.225   16.027  1.00 25.23 ? 61  LEU B N   1 
ATOM   1037 C  CA  . LEU B 1 61 ? 5.402   1.860   15.870  1.00 30.87 ? 61  LEU B CA  1 
ATOM   1038 C  C   . LEU B 1 61 ? 5.193   0.353   15.802  1.00 32.83 ? 61  LEU B C   1 
ATOM   1039 O  O   . LEU B 1 61 ? 5.696   -0.314  14.893  1.00 27.78 ? 61  LEU B O   1 
ATOM   1040 C  CB  . LEU B 1 61 ? 4.822   2.510   14.607  1.00 25.86 ? 61  LEU B CB  1 
ATOM   1041 C  CG  . LEU B 1 61 ? 3.350   2.194   14.329  1.00 28.97 ? 61  LEU B CG  1 
ATOM   1042 C  CD1 . LEU B 1 61 ? 2.484   2.762   15.452  1.00 29.75 ? 61  LEU B CD1 1 
ATOM   1043 C  CD2 . LEU B 1 61 ? 2.941   2.786   12.980  1.00 23.61 ? 61  LEU B CD2 1 
ATOM   1044 N  N   . ASN B 1 62 ? 4.450   -0.179  16.766  1.00 29.54 ? 62  ASN B N   1 
ATOM   1045 C  CA  . ASN B 1 62 ? 4.162   -1.606  16.806  1.00 39.59 ? 62  ASN B CA  1 
ATOM   1046 C  C   . ASN B 1 62 ? 2.879   -1.882  16.038  1.00 44.64 ? 62  ASN B C   1 
ATOM   1047 O  O   . ASN B 1 62 ? 1.779   -1.613  16.523  1.00 53.79 ? 62  ASN B O   1 
ATOM   1048 C  CB  . ASN B 1 62 ? 4.020   -2.087  18.254  1.00 50.62 ? 62  ASN B CB  1 
ATOM   1049 C  CG  . ASN B 1 62 ? 5.344   -2.103  18.995  1.00 58.48 ? 62  ASN B CG  1 
ATOM   1050 O  OD1 . ASN B 1 62 ? 5.401   -2.418  20.184  1.00 70.06 ? 62  ASN B OD1 1 
ATOM   1051 N  ND2 . ASN B 1 62 ? 6.420   -1.764  18.291  1.00 60.85 ? 62  ASN B ND2 1 
ATOM   1052 N  N   . VAL B 1 63 ? 3.029   -2.408  14.829  1.00 39.93 ? 63  VAL B N   1 
ATOM   1053 C  CA  . VAL B 1 63 ? 1.887   -2.718  13.987  1.00 40.53 ? 63  VAL B CA  1 
ATOM   1054 C  C   . VAL B 1 63 ? 1.985   -4.156  13.501  1.00 40.18 ? 63  VAL B C   1 
ATOM   1055 O  O   . VAL B 1 63 ? 3.082   -4.679  13.306  1.00 32.93 ? 63  VAL B O   1 
ATOM   1056 C  CB  . VAL B 1 63 ? 1.833   -1.779  12.769  1.00 45.98 ? 63  VAL B CB  1 
ATOM   1057 C  CG1 . VAL B 1 63 ? 3.077   -1.973  11.913  1.00 43.86 ? 63  VAL B CG1 1 
ATOM   1058 C  CG2 . VAL B 1 63 ? 0.575   -2.045  11.960  1.00 56.49 ? 63  VAL B CG2 1 
ATOM   1059 N  N   . SER B 1 64 ? 0.830   -4.788  13.307  1.00 44.50 ? 64  SER B N   1 
ATOM   1060 C  CA  . SER B 1 64 ? 0.768   -6.169  12.846  1.00 45.76 ? 64  SER B CA  1 
ATOM   1061 C  C   . SER B 1 64 ? 1.516   -6.363  11.528  1.00 41.32 ? 64  SER B C   1 
ATOM   1062 O  O   . SER B 1 64 ? 2.231   -7.350  11.351  1.00 41.67 ? 64  SER B O   1 
ATOM   1063 C  CB  . SER B 1 64 ? -0.695  -6.600  12.676  1.00 47.38 ? 64  SER B CB  1 
ATOM   1064 O  OG  . SER B 1 64 ? -1.369  -5.770  11.745  1.00 48.18 ? 64  SER B OG  1 
ATOM   1065 N  N   . ARG B 1 65 ? 1.350   -5.414  10.614  1.00 36.45 ? 65  ARG B N   1 
ATOM   1066 C  CA  . ARG B 1 65 ? 1.996   -5.484  9.311   1.00 33.73 ? 65  ARG B CA  1 
ATOM   1067 C  C   . ARG B 1 65 ? 2.216   -4.087  8.736   1.00 26.07 ? 65  ARG B C   1 
ATOM   1068 O  O   . ARG B 1 65 ? 1.430   -3.178  8.983   1.00 27.07 ? 65  ARG B O   1 
ATOM   1069 C  CB  . ARG B 1 65 ? 1.140   -6.321  8.357   1.00 33.19 ? 65  ARG B CB  1 
ATOM   1070 C  CG  . ARG B 1 65 ? -0.278  -5.804  8.163   1.00 40.44 ? 65  ARG B CG  1 
ATOM   1071 C  CD  . ARG B 1 65 ? -1.133  -6.845  7.457   1.00 45.20 ? 65  ARG B CD  1 
ATOM   1072 N  NE  . ARG B 1 65 ? -0.487  -7.341  6.244   1.00 51.93 ? 65  ARG B NE  1 
ATOM   1073 C  CZ  . ARG B 1 65 ? -0.917  -8.381  5.538   1.00 50.58 ? 65  ARG B CZ  1 
ATOM   1074 N  NH1 . ARG B 1 65 ? -1.998  -9.042  5.921   1.00 55.29 ? 65  ARG B NH1 1 
ATOM   1075 N  NH2 . ARG B 1 65 ? -0.258  -8.765  4.454   1.00 47.23 ? 65  ARG B NH2 1 
ATOM   1076 N  N   . LEU B 1 66 ? 3.284   -3.934  7.961   1.00 22.00 ? 66  LEU B N   1 
ATOM   1077 C  CA  . LEU B 1 66 ? 3.638   -2.650  7.358   1.00 20.33 ? 66  LEU B CA  1 
ATOM   1078 C  C   . LEU B 1 66 ? 2.865   -2.280  6.091   1.00 17.05 ? 66  LEU B C   1 
ATOM   1079 O  O   . LEU B 1 66 ? 2.745   -1.107  5.748   1.00 17.25 ? 66  LEU B O   1 
ATOM   1080 C  CB  . LEU B 1 66 ? 5.134   -2.632  7.041   1.00 19.87 ? 66  LEU B CB  1 
ATOM   1081 C  CG  . LEU B 1 66 ? 6.080   -2.310  8.200   1.00 31.63 ? 66  LEU B CG  1 
ATOM   1082 C  CD1 . LEU B 1 66 ? 5.842   -3.271  9.368   1.00 20.33 ? 66  LEU B CD1 1 
ATOM   1083 C  CD2 . LEU B 1 66 ? 7.511   -2.381  7.698   1.00 17.30 ? 66  LEU B CD2 1 
ATOM   1084 N  N   . ASP B 1 67 ? 2.348   -3.286  5.403   1.00 20.09 ? 67  ASP B N   1 
ATOM   1085 C  CA  . ASP B 1 67 ? 1.623   -3.089  4.151   1.00 22.63 ? 67  ASP B CA  1 
ATOM   1086 C  C   . ASP B 1 67 ? 0.462   -2.104  4.182   1.00 15.89 ? 67  ASP B C   1 
ATOM   1087 O  O   . ASP B 1 67 ? -0.436  -2.207  5.016   1.00 15.27 ? 67  ASP B O   1 
ATOM   1088 C  CB  . ASP B 1 67 ? 1.105   -4.440  3.664   1.00 24.44 ? 67  ASP B CB  1 
ATOM   1089 C  CG  . ASP B 1 67 ? 2.130   -5.537  3.830   1.00 26.01 ? 67  ASP B CG  1 
ATOM   1090 O  OD1 . ASP B 1 67 ? 3.094   -5.579  3.036   1.00 26.70 ? 67  ASP B OD1 1 
ATOM   1091 O  OD2 . ASP B 1 67 ? 1.982   -6.343  4.774   1.00 33.97 ? 67  ASP B OD2 1 
ATOM   1092 N  N   . GLY B 1 68 ? 0.480   -1.145  3.257   1.00 15.22 ? 68  GLY B N   1 
ATOM   1093 C  CA  . GLY B 1 68 ? -0.618  -0.197  3.163   1.00 13.44 ? 68  GLY B CA  1 
ATOM   1094 C  C   . GLY B 1 68 ? -0.611  1.011   4.078   1.00 16.52 ? 68  GLY B C   1 
ATOM   1095 O  O   . GLY B 1 68 ? -1.528  1.834   4.023   1.00 19.05 ? 68  GLY B O   1 
ATOM   1096 N  N   . LEU B 1 69 ? 0.404   1.130   4.923   1.00 14.75 ? 69  LEU B N   1 
ATOM   1097 C  CA  . LEU B 1 69 ? 0.465   2.277   5.819   1.00 13.28 ? 69  LEU B CA  1 
ATOM   1098 C  C   . LEU B 1 69 ? 0.638   3.558   5.012   1.00 18.15 ? 69  LEU B C   1 
ATOM   1099 O  O   . LEU B 1 69 ? 1.286   3.555   3.961   1.00 15.44 ? 69  LEU B O   1 
ATOM   1100 C  CB  . LEU B 1 69 ? 1.643   2.138   6.784   1.00 16.29 ? 69  LEU B CB  1 
ATOM   1101 C  CG  . LEU B 1 69 ? 1.558   1.040   7.850   1.00 25.34 ? 69  LEU B CG  1 
ATOM   1102 C  CD1 . LEU B 1 69 ? 2.862   1.021   8.650   1.00 17.53 ? 69  LEU B CD1 1 
ATOM   1103 C  CD2 . LEU B 1 69 ? 0.368   1.292   8.771   1.00 20.72 ? 69  LEU B CD2 1 
ATOM   1104 N  N   . ARG B 1 70 ? 0.036   4.644   5.490   1.00 15.83 ? 70  ARG B N   1 
ATOM   1105 C  CA  . ARG B 1 70 ? 0.195   5.942   4.845   1.00 17.00 ? 70  ARG B CA  1 
ATOM   1106 C  C   . ARG B 1 70 ? 1.436   6.543   5.495   1.00 18.64 ? 70  ARG B C   1 
ATOM   1107 O  O   . ARG B 1 70 ? 1.593   6.505   6.717   1.00 19.94 ? 70  ARG B O   1 
ATOM   1108 C  CB  . ARG B 1 70 ? -1.014  6.841   5.100   1.00 25.61 ? 70  ARG B CB  1 
ATOM   1109 C  CG  . ARG B 1 70 ? -2.236  6.497   4.267   1.00 31.94 ? 70  ARG B CG  1 
ATOM   1110 C  CD  . ARG B 1 70 ? -3.255  7.622   4.357   1.00 54.41 ? 70  ARG B CD  1 
ATOM   1111 N  NE  . ARG B 1 70 ? -2.645  8.907   4.018   1.00 59.84 ? 70  ARG B NE  1 
ATOM   1112 C  CZ  . ARG B 1 70 ? -3.270  10.077  4.076   1.00 63.14 ? 70  ARG B CZ  1 
ATOM   1113 N  NH1 . ARG B 1 70 ? -4.537  10.137  4.463   1.00 62.91 ? 70  ARG B NH1 1 
ATOM   1114 N  NH2 . ARG B 1 70 ? -2.626  11.191  3.750   1.00 63.19 ? 70  ARG B NH2 1 
ATOM   1115 N  N   . VAL B 1 71 ? 2.326   7.087   4.679   1.00 13.65 ? 71  VAL B N   1 
ATOM   1116 C  CA  . VAL B 1 71 ? 3.560   7.647   5.197   1.00 14.23 ? 71  VAL B CA  1 
ATOM   1117 C  C   . VAL B 1 71 ? 3.912   8.969   4.541   1.00 14.55 ? 71  VAL B C   1 
ATOM   1118 O  O   . VAL B 1 71 ? 3.267   9.392   3.582   1.00 19.12 ? 71  VAL B O   1 
ATOM   1119 C  CB  . VAL B 1 71 ? 4.728   6.670   4.970   1.00 17.65 ? 71  VAL B CB  1 
ATOM   1120 C  CG1 . VAL B 1 71 ? 4.424   5.331   5.655   1.00 18.96 ? 71  VAL B CG1 1 
ATOM   1121 C  CG2 . VAL B 1 71 ? 4.951   6.476   3.466   1.00 16.14 ? 71  VAL B CG2 1 
ATOM   1122 N  N   . ARG B 1 72 ? 4.932   9.624   5.080   1.00 12.60 ? 72  ARG B N   1 
ATOM   1123 C  CA  . ARG B 1 72 ? 5.387   10.889  4.530   1.00 22.16 ? 72  ARG B CA  1 
ATOM   1124 C  C   . ARG B 1 72 ? 6.876   11.049  4.792   1.00 19.91 ? 72  ARG B C   1 
ATOM   1125 O  O   . ARG B 1 72 ? 7.389   10.589  5.816   1.00 17.10 ? 72  ARG B O   1 
ATOM   1126 C  CB  . ARG B 1 72 ? 4.627   12.061  5.153   1.00 30.32 ? 72  ARG B CB  1 
ATOM   1127 C  CG  . ARG B 1 72 ? 5.087   12.439  6.546   1.00 36.45 ? 72  ARG B CG  1 
ATOM   1128 C  CD  . ARG B 1 72 ? 4.373   13.691  7.025   1.00 45.10 ? 72  ARG B CD  1 
ATOM   1129 N  NE  . ARG B 1 72 ? 4.684   14.875  6.225   1.00 58.16 ? 72  ARG B NE  1 
ATOM   1130 C  CZ  . ARG B 1 72 ? 5.831   15.550  6.288   1.00 69.21 ? 72  ARG B CZ  1 
ATOM   1131 N  NH1 . ARG B 1 72 ? 6.788   15.162  7.120   1.00 72.26 ? 72  ARG B NH1 1 
ATOM   1132 N  NH2 . ARG B 1 72 ? 6.020   16.619  5.523   1.00 59.48 ? 72  ARG B NH2 1 
HETATM 1133 N  N   . MSE B 1 73 ? 7.567   11.683  3.850   1.00 21.45 ? 73  MSE B N   1 
HETATM 1134 C  CA  . MSE B 1 73 ? 9.000   11.942  3.974   1.00 27.93 ? 73  MSE B CA  1 
HETATM 1135 C  C   . MSE B 1 73 ? 9.206   13.441  3.831   1.00 33.21 ? 73  MSE B C   1 
HETATM 1136 O  O   . MSE B 1 73 ? 8.508   14.022  2.978   1.00 25.53 ? 73  MSE B O   1 
HETATM 1137 C  CB  . MSE B 1 73 ? 9.791   11.246  2.866   1.00 33.25 ? 73  MSE B CB  1 
HETATM 1138 C  CG  . MSE B 1 73 ? 9.942   9.747   2.996   1.00 40.56 ? 73  MSE B CG  1 
HETATM 1139 SE SE  . MSE B 1 73 ? 11.231  9.160   1.864   1.00 36.50 ? 73  MSE B SE  1 
HETATM 1140 C  CE  . MSE B 1 73 ? 12.695  9.375   2.879   1.00 49.83 ? 73  MSE B CE  1 
HETATM 1141 S  S   . SO4 C 2 .  ? -12.238 -15.312 -6.696  1.00 50.97 ? 82  SO4 A S   1 
HETATM 1142 O  O1  . SO4 C 2 .  ? -11.544 -14.053 -6.377  1.00 52.68 ? 82  SO4 A O1  1 
HETATM 1143 O  O2  . SO4 C 2 .  ? -11.742 -16.385 -5.820  1.00 54.13 ? 82  SO4 A O2  1 
HETATM 1144 O  O3  . SO4 C 2 .  ? -13.690 -15.136 -6.492  1.00 51.71 ? 82  SO4 A O3  1 
HETATM 1145 O  O4  . SO4 C 2 .  ? -11.976 -15.671 -8.102  1.00 54.44 ? 82  SO4 A O4  1 
HETATM 1146 S  S   . SO4 D 2 .  ? 20.076  -2.708  3.571   1.00 45.33 ? 82  SO4 B S   1 
HETATM 1147 O  O1  . SO4 D 2 .  ? 20.846  -1.456  3.641   1.00 51.25 ? 82  SO4 B O1  1 
HETATM 1148 O  O2  . SO4 D 2 .  ? 20.587  -3.665  4.566   1.00 51.19 ? 82  SO4 B O2  1 
HETATM 1149 O  O3  . SO4 D 2 .  ? 18.656  -2.429  3.861   1.00 33.94 ? 82  SO4 B O3  1 
HETATM 1150 O  O4  . SO4 D 2 .  ? 20.209  -3.286  2.221   1.00 48.77 ? 82  SO4 B O4  1 
HETATM 1151 O  O   . HOH E 3 .  ? -15.357 -2.101  1.984   1.00 73.32 ? 83  HOH A O   1 
HETATM 1152 O  O   . HOH E 3 .  ? 0.424   -5.484  -9.616  1.00 19.99 ? 84  HOH A O   1 
HETATM 1153 O  O   . HOH E 3 .  ? -4.866  3.481   4.682   1.00 34.74 ? 85  HOH A O   1 
HETATM 1154 O  O   . HOH E 3 .  ? -4.997  5.078   11.553  1.00 34.20 ? 86  HOH A O   1 
HETATM 1155 O  O   . HOH E 3 .  ? -0.732  -7.877  -10.207 1.00 29.96 ? 87  HOH A O   1 
HETATM 1156 O  O   . HOH E 3 .  ? -15.771 0.722   -9.983  1.00 25.12 ? 88  HOH A O   1 
HETATM 1157 O  O   . HOH E 3 .  ? -12.061 3.925   -15.627 1.00 25.11 ? 89  HOH A O   1 
HETATM 1158 O  O   . HOH E 3 .  ? 7.787   0.412   -9.208  1.00 27.72 ? 90  HOH A O   1 
HETATM 1159 O  O   . HOH E 3 .  ? 6.094   -0.081  -11.217 1.00 31.49 ? 91  HOH A O   1 
HETATM 1160 O  O   . HOH E 3 .  ? -17.231 -4.045  -5.173  1.00 46.71 ? 92  HOH A O   1 
HETATM 1161 O  O   . HOH E 3 .  ? 3.119   -6.066  -8.353  1.00 36.63 ? 93  HOH A O   1 
HETATM 1162 O  O   . HOH E 3 .  ? -13.376 -8.717  -16.622 1.00 38.25 ? 94  HOH A O   1 
HETATM 1163 O  O   . HOH E 3 .  ? -0.719  -10.031 -8.348  1.00 34.48 ? 95  HOH A O   1 
HETATM 1164 O  O   . HOH E 3 .  ? -0.066  7.446   -2.730  1.00 47.80 ? 96  HOH A O   1 
HETATM 1165 O  O   . HOH E 3 .  ? -11.425 -8.255  -18.367 1.00 40.43 ? 97  HOH A O   1 
HETATM 1166 O  O   . HOH E 3 .  ? -6.430  -11.705 1.425   1.00 42.13 ? 98  HOH A O   1 
HETATM 1167 O  O   . HOH E 3 .  ? -3.563  -1.625  -15.660 1.00 44.76 ? 99  HOH A O   1 
HETATM 1168 O  O   . HOH E 3 .  ? 2.317   -10.677 -9.541  1.00 50.30 ? 100 HOH A O   1 
HETATM 1169 O  O   . HOH E 3 .  ? -17.832 5.924   -5.687  1.00 37.85 ? 101 HOH A O   1 
HETATM 1170 O  O   . HOH E 3 .  ? -7.646  -9.704  -4.494  1.00 46.33 ? 102 HOH A O   1 
HETATM 1171 O  O   . HOH E 3 .  ? -3.717  -3.517  -13.972 1.00 30.65 ? 103 HOH A O   1 
HETATM 1172 O  O   . HOH E 3 .  ? -16.259 -9.541  -13.755 1.00 35.13 ? 104 HOH A O   1 
HETATM 1173 O  O   . HOH E 3 .  ? 1.674   -4.635  -2.387  1.00 46.90 ? 105 HOH A O   1 
HETATM 1174 O  O   . HOH E 3 .  ? -13.463 11.806  -9.230  1.00 38.72 ? 106 HOH A O   1 
HETATM 1175 O  O   . HOH E 3 .  ? -8.626  -1.057  -18.899 1.00 38.29 ? 107 HOH A O   1 
HETATM 1176 O  O   . HOH E 3 .  ? 2.897   -7.494  -4.624  1.00 36.17 ? 108 HOH A O   1 
HETATM 1177 O  O   . HOH E 3 .  ? -3.510  5.962   -6.066  1.00 20.79 ? 109 HOH A O   1 
HETATM 1178 O  O   . HOH E 3 .  ? 0.203   4.234   -15.417 1.00 31.84 ? 110 HOH A O   1 
HETATM 1179 O  O   . HOH E 3 .  ? -1.356  -4.827  15.498  1.00 53.13 ? 111 HOH A O   1 
HETATM 1180 O  O   . HOH E 3 .  ? -0.820  7.473   -5.665  1.00 38.80 ? 112 HOH A O   1 
HETATM 1181 O  O   . HOH E 3 .  ? -12.113 7.073   -16.342 1.00 38.66 ? 113 HOH A O   1 
HETATM 1182 O  O   . HOH E 3 .  ? -0.752  -16.583 -20.580 1.00 38.15 ? 114 HOH A O   1 
HETATM 1183 O  O   . HOH E 3 .  ? -6.919  8.814   0.196   1.00 40.65 ? 115 HOH A O   1 
HETATM 1184 O  O   . HOH E 3 .  ? -10.257 -5.701  10.213  1.00 48.54 ? 116 HOH A O   1 
HETATM 1185 O  O   . HOH E 3 .  ? -16.283 4.285   -4.341  1.00 39.46 ? 117 HOH A O   1 
HETATM 1186 O  O   . HOH F 3 .  ? 12.555  -2.268  3.106   1.00 21.04 ? 83  HOH B O   1 
HETATM 1187 O  O   . HOH F 3 .  ? 4.959   -5.936  -5.061  1.00 19.80 ? 84  HOH B O   1 
HETATM 1188 O  O   . HOH F 3 .  ? -1.261  4.720   7.975   1.00 18.45 ? 85  HOH B O   1 
HETATM 1189 O  O   . HOH F 3 .  ? 13.680  -8.966  -9.006  1.00 25.13 ? 86  HOH B O   1 
HETATM 1190 O  O   . HOH F 3 .  ? 11.363  16.104  2.698   1.00 32.15 ? 87  HOH B O   1 
HETATM 1191 O  O   . HOH F 3 .  ? 11.028  16.600  5.817   1.00 37.48 ? 88  HOH B O   1 
HETATM 1192 O  O   . HOH F 3 .  ? 6.469   17.201  2.818   1.00 42.78 ? 89  HOH B O   1 
HETATM 1193 O  O   . HOH F 3 .  ? 7.408   -6.705  7.543   1.00 33.82 ? 90  HOH B O   1 
HETATM 1194 O  O   . HOH F 3 .  ? 10.736  -1.865  -7.876  1.00 30.65 ? 91  HOH B O   1 
HETATM 1195 O  O   . HOH F 3 .  ? 10.239  11.129  10.488  1.00 35.28 ? 92  HOH B O   1 
HETATM 1196 O  O   . HOH F 3 .  ? 19.874  -4.264  -2.651  1.00 51.99 ? 93  HOH B O   1 
HETATM 1197 O  O   . HOH F 3 .  ? 9.587   6.909   -9.716  1.00 34.84 ? 94  HOH B O   1 
HETATM 1198 O  O   . HOH F 3 .  ? 10.520  9.261   -6.220  1.00 34.59 ? 95  HOH B O   1 
HETATM 1199 O  O   . HOH F 3 .  ? 18.058  -3.533  10.779  1.00 26.02 ? 96  HOH B O   1 
HETATM 1200 O  O   . HOH F 3 .  ? 7.517   7.174   17.392  1.00 28.86 ? 97  HOH B O   1 
HETATM 1201 O  O   . HOH F 3 .  ? 2.241   -4.386  0.750   1.00 34.27 ? 98  HOH B O   1 
HETATM 1202 O  O   . HOH F 3 .  ? 11.519  9.057   11.632  1.00 33.66 ? 99  HOH B O   1 
HETATM 1203 O  O   . HOH F 3 .  ? 7.214   11.943  -6.172  1.00 34.00 ? 100 HOH B O   1 
HETATM 1204 O  O   . HOH F 3 .  ? 3.029   -8.300  1.980   1.00 43.24 ? 101 HOH B O   1 
HETATM 1205 O  O   . HOH F 3 .  ? 6.933   -2.650  13.229  1.00 35.97 ? 102 HOH B O   1 
HETATM 1206 O  O   . HOH F 3 .  ? 16.242  7.777   4.336   1.00 55.73 ? 103 HOH B O   1 
HETATM 1207 O  O   . HOH F 3 .  ? 12.444  9.680   -4.727  1.00 42.74 ? 104 HOH B O   1 
HETATM 1208 O  O   . HOH F 3 .  ? 1.875   14.858  -6.385  1.00 37.48 ? 105 HOH B O   1 
HETATM 1209 O  O   . HOH F 3 .  ? -2.946  -7.162  9.947   1.00 61.00 ? 106 HOH B O   1 
HETATM 1210 O  O   . HOH F 3 .  ? 11.881  -0.778  -4.699  1.00 36.20 ? 107 HOH B O   1 
HETATM 1211 O  O   . HOH F 3 .  ? 9.717   0.504   -6.983  1.00 25.51 ? 108 HOH B O   1 
HETATM 1212 O  O   . HOH F 3 .  ? 11.070  12.373  6.947   1.00 35.58 ? 109 HOH B O   1 
HETATM 1213 O  O   . HOH F 3 .  ? 1.201   -9.821  2.684   1.00 39.51 ? 110 HOH B O   1 
HETATM 1214 O  O   . HOH F 3 .  ? 1.619   14.771  14.291  1.00 42.77 ? 111 HOH B O   1 
HETATM 1215 O  O   . HOH F 3 .  ? 4.814   -6.367  7.198   1.00 30.26 ? 112 HOH B O   1 
HETATM 1216 O  O   . HOH F 3 .  ? 15.548  9.390   6.275   1.00 40.32 ? 113 HOH B O   1 
HETATM 1217 O  O   . HOH F 3 .  ? -3.930  5.081   7.632   1.00 38.63 ? 114 HOH B O   1 
HETATM 1218 O  O   . HOH F 3 .  ? 13.760  17.634  1.609   1.00 29.23 ? 115 HOH B O   1 
HETATM 1219 O  O   . HOH F 3 .  ? 17.817  -3.114  -3.906  1.00 40.14 ? 116 HOH B O   1 
HETATM 1220 O  O   . HOH F 3 .  ? 11.351  17.456  0.521   1.00 49.87 ? 117 HOH B O   1 
HETATM 1221 O  O   . HOH F 3 .  ? 8.913   18.230  2.732   1.00 38.55 ? 118 HOH B O   1 
HETATM 1222 O  O   . HOH F 3 .  ? 12.669  10.960  5.623   1.00 52.78 ? 119 HOH B O   1 
HETATM 1223 O  O   . HOH F 3 .  ? 9.331   -1.521  -11.170 1.00 45.03 ? 120 HOH B O   1 
HETATM 1224 O  O   . HOH F 3 .  ? -4.538  -8.033  7.804   1.00 39.48 ? 121 HOH B O   1 
HETATM 1225 O  O   . HOH F 3 .  ? 2.227   14.628  -0.952  1.00 34.39 ? 122 HOH B O   1 
HETATM 1226 O  O   . HOH F 3 .  ? 11.387  1.876   -8.546  1.00 40.53 ? 123 HOH B O   1 
HETATM 1227 O  O   . HOH F 3 .  ? -6.287  12.487  5.283   1.00 40.43 ? 124 HOH B O   1 
HETATM 1228 O  O   . HOH F 3 .  ? 17.584  4.626   -0.220  1.00 36.62 ? 125 HOH B O   1 
HETATM 1229 O  O   . HOH F 3 .  ? 16.817  -7.778  -1.566  1.00 37.87 ? 126 HOH B O   1 
HETATM 1230 O  O   . HOH F 3 .  ? -5.735  8.800   8.880   1.00 53.86 ? 127 HOH B O   1 
# 
